data_4BNH
#
_entry.id   4BNH
#
_cell.length_a   90.460
_cell.length_b   94.580
_cell.length_c   94.810
_cell.angle_alpha   98.00
_cell.angle_beta   112.68
_cell.angle_gamma   96.93
#
_symmetry.space_group_name_H-M   'P 1'
#
loop_
_entity.id
_entity.type
_entity.pdbx_description
1 polymer 'ENOYL-[ACYL-CARRIER-PROTEIN] REDUCTASE [NADPH]'
2 non-polymer 'GLUTAMIC ACID'
3 non-polymer 'NADP NICOTINAMIDE-ADENINE-DINUCLEOTIDE PHOSPHATE'
4 non-polymer 5-hexyl-2-phenoxyphenol
5 water water
#
_entity_poly.entity_id   1
_entity_poly.type   'polypeptide(L)'
_entity_poly.pdbx_seq_one_letter_code
;MKHHHHHHPMSDYDIPTTENLYFQGAMVNLENKTYVIMGIANKRSIAFGVAKVLDQLGAKLVFTYRKERSRKELEKLLEQ
LNQPEAHLYQIDVQSDEEVINGFEQIGKDVGNIDGVYHSIAFANMEDLRGRFSETSREGFLLAQDISSYSLTIVAHEAKK
LMPEGGSIVATTYLGGEFAVQNYNVMGVAKASLEANVKYLALDLGPDNIRVNAISAGPIRTLSAKGVGGFNTILKEIEER
APLKRNVDQVEVGKTAAYLLSDLSSGVTGENIHVDSGFHAIK
;
_entity_poly.pdbx_strand_id   A,B,C,D,E,F,G,H
#
# COMPACT_ATOMS: atom_id res chain seq x y z
N ASN A 29 -5.38 -37.53 1.63
CA ASN A 29 -4.40 -37.93 2.69
C ASN A 29 -2.94 -37.96 2.26
N LEU A 30 -2.15 -37.01 2.75
CA LEU A 30 -0.81 -36.78 2.23
C LEU A 30 0.34 -37.37 3.07
N GLU A 31 0.01 -38.24 4.01
CA GLU A 31 1.03 -38.86 4.84
C GLU A 31 2.12 -39.50 4.00
N ASN A 32 3.34 -39.28 4.43
CA ASN A 32 4.49 -39.70 3.64
C ASN A 32 4.68 -38.97 2.32
N LYS A 33 3.92 -37.90 2.09
CA LYS A 33 4.27 -36.93 1.05
C LYS A 33 5.11 -35.76 1.59
N THR A 34 6.01 -35.24 0.77
CA THR A 34 6.70 -34.01 1.11
C THR A 34 6.46 -32.95 0.04
N TYR A 35 6.18 -31.70 0.43
CA TYR A 35 6.03 -30.60 -0.52
C TYR A 35 6.84 -29.36 -0.12
N VAL A 36 7.25 -28.57 -1.10
CA VAL A 36 7.95 -27.34 -0.83
C VAL A 36 6.97 -26.19 -1.04
N ILE A 37 6.83 -25.35 -0.01
CA ILE A 37 5.96 -24.20 -0.15
C ILE A 37 6.79 -22.93 -0.17
N MET A 38 6.76 -22.27 -1.31
CA MET A 38 7.50 -21.02 -1.50
C MET A 38 6.62 -19.79 -1.40
N GLY A 39 6.98 -18.88 -0.50
CA GLY A 39 6.40 -17.54 -0.48
C GLY A 39 5.42 -17.21 0.64
N ILE A 40 5.54 -17.85 1.80
CA ILE A 40 4.93 -17.32 3.02
C ILE A 40 5.67 -16.09 3.58
N ALA A 41 4.94 -15.01 3.86
CA ALA A 41 5.51 -13.80 4.48
C ALA A 41 4.93 -13.66 5.88
N ASN A 42 3.69 -14.11 6.07
CA ASN A 42 3.01 -13.93 7.36
C ASN A 42 1.73 -14.76 7.39
N LYS A 43 0.94 -14.63 8.45
CA LYS A 43 -0.20 -15.53 8.63
C LYS A 43 -1.29 -15.33 7.55
N ARG A 44 -1.25 -14.20 6.86
CA ARG A 44 -2.29 -13.94 5.85
CA ARG A 44 -2.29 -13.94 5.86
C ARG A 44 -1.88 -14.39 4.45
N SER A 45 -0.61 -14.72 4.27
CA SER A 45 -0.17 -15.23 2.98
C SER A 45 -1.02 -16.39 2.47
N ILE A 46 -1.40 -16.34 1.19
CA ILE A 46 -2.01 -17.51 0.54
C ILE A 46 -1.27 -18.82 0.85
N ALA A 47 0.06 -18.80 0.71
CA ALA A 47 0.83 -20.03 0.93
C ALA A 47 0.65 -20.59 2.34
N PHE A 48 0.29 -19.75 3.32
CA PHE A 48 0.10 -20.31 4.65
C PHE A 48 -1.23 -21.09 4.78
N GLY A 49 -2.25 -20.61 4.07
CA GLY A 49 -3.49 -21.39 3.82
C GLY A 49 -3.18 -22.73 3.15
N VAL A 50 -2.42 -22.70 2.05
CA VAL A 50 -1.88 -23.95 1.50
C VAL A 50 -1.21 -24.80 2.59
N ALA A 51 -0.32 -24.22 3.38
CA ALA A 51 0.39 -24.91 4.44
C ALA A 51 -0.51 -25.61 5.48
N LYS A 52 -1.44 -24.86 6.05
CA LYS A 52 -2.39 -25.37 7.02
C LYS A 52 -3.12 -26.58 6.48
N VAL A 53 -3.58 -26.48 5.24
CA VAL A 53 -4.35 -27.58 4.66
C VAL A 53 -3.42 -28.79 4.48
N LEU A 54 -2.26 -28.59 3.84
CA LEU A 54 -1.44 -29.77 3.58
C LEU A 54 -0.98 -30.39 4.89
N ASP A 55 -0.73 -29.56 5.89
CA ASP A 55 -0.25 -30.01 7.18
C ASP A 55 -1.31 -30.84 7.87
N GLN A 56 -2.56 -30.39 7.73
CA GLN A 56 -3.69 -31.07 8.34
C GLN A 56 -3.88 -32.41 7.65
N LEU A 57 -3.46 -32.52 6.39
CA LEU A 57 -3.57 -33.80 5.70
C LEU A 57 -2.37 -34.75 5.93
N GLY A 58 -1.50 -34.41 6.86
CA GLY A 58 -0.28 -35.17 7.14
C GLY A 58 0.94 -35.03 6.24
N ALA A 59 0.98 -34.03 5.34
CA ALA A 59 2.18 -33.77 4.55
C ALA A 59 3.36 -33.37 5.46
N LYS A 60 4.57 -33.84 5.16
CA LYS A 60 5.80 -33.15 5.55
C LYS A 60 5.93 -31.92 4.66
N LEU A 61 6.22 -30.77 5.26
CA LEU A 61 6.39 -29.49 4.57
C LEU A 61 7.79 -28.82 4.70
N VAL A 62 8.22 -28.13 3.65
CA VAL A 62 9.52 -27.45 3.60
C VAL A 62 9.20 -26.06 3.13
N PHE A 63 9.76 -25.01 3.74
CA PHE A 63 9.37 -23.64 3.38
C PHE A 63 10.55 -22.84 2.85
N THR A 64 10.30 -22.00 1.86
CA THR A 64 11.35 -21.13 1.40
C THR A 64 10.91 -19.66 1.55
N TYR A 65 11.83 -18.73 1.84
CA TYR A 65 11.48 -17.28 2.09
C TYR A 65 12.51 -16.37 1.44
N ARG A 66 12.20 -15.10 1.20
CA ARG A 66 13.21 -14.13 0.81
C ARG A 66 13.72 -13.31 2.01
N LYS A 67 12.84 -12.53 2.66
CA LYS A 67 13.21 -11.58 3.71
C LYS A 67 13.41 -12.25 5.08
N GLU A 68 14.28 -11.66 5.91
CA GLU A 68 14.56 -12.06 7.29
CA GLU A 68 14.52 -12.27 7.20
C GLU A 68 13.27 -12.16 8.10
N ARG A 69 12.46 -11.12 7.94
CA ARG A 69 11.20 -10.96 8.62
C ARG A 69 10.26 -12.14 8.30
N SER A 70 10.28 -12.61 7.05
CA SER A 70 9.45 -13.76 6.68
C SER A 70 9.88 -15.06 7.39
N ARG A 71 11.20 -15.23 7.55
CA ARG A 71 11.69 -16.41 8.27
C ARG A 71 11.20 -16.33 9.71
N LYS A 72 11.25 -15.14 10.31
CA LYS A 72 10.77 -14.99 11.69
C LYS A 72 9.30 -15.38 11.81
N GLU A 73 8.47 -14.83 10.93
CA GLU A 73 7.06 -15.13 10.89
C GLU A 73 6.79 -16.63 10.73
N LEU A 74 7.52 -17.27 9.80
CA LEU A 74 7.48 -18.72 9.61
C LEU A 74 7.79 -19.50 10.87
N GLU A 75 8.79 -19.07 11.63
CA GLU A 75 9.15 -19.83 12.82
C GLU A 75 8.00 -19.84 13.81
N LYS A 76 7.34 -18.68 13.90
CA LYS A 76 6.23 -18.48 14.81
C LYS A 76 4.98 -19.21 14.30
N LEU A 77 4.73 -19.16 12.97
CA LEU A 77 3.61 -19.87 12.36
C LEU A 77 3.74 -21.39 12.46
N LEU A 78 4.95 -21.91 12.48
CA LEU A 78 5.13 -23.36 12.57
C LEU A 78 4.62 -23.95 13.90
N GLU A 79 4.51 -23.13 14.94
CA GLU A 79 3.94 -23.57 16.22
C GLU A 79 2.47 -23.96 16.14
N GLN A 80 1.76 -23.43 15.14
CA GLN A 80 0.38 -23.83 14.88
C GLN A 80 0.27 -25.05 13.96
N LEU A 81 1.37 -25.59 13.46
CA LEU A 81 1.27 -26.72 12.54
C LEU A 81 1.70 -27.97 13.24
N ASN A 82 1.43 -29.12 12.67
CA ASN A 82 1.94 -30.32 13.30
C ASN A 82 3.29 -30.67 12.73
N GLN A 83 3.88 -29.83 11.91
CA GLN A 83 5.23 -30.15 11.41
C GLN A 83 6.13 -30.37 12.63
N PRO A 84 6.73 -31.58 12.79
CA PRO A 84 7.61 -31.75 13.96
C PRO A 84 9.00 -31.11 13.74
N GLU A 85 9.27 -30.53 12.56
CA GLU A 85 10.60 -30.00 12.22
C GLU A 85 10.52 -28.75 11.37
N ALA A 86 11.30 -27.73 11.73
CA ALA A 86 11.38 -26.53 10.87
C ALA A 86 12.30 -26.87 9.70
N HIS A 87 11.79 -26.84 8.48
CA HIS A 87 12.69 -27.01 7.35
C HIS A 87 12.57 -25.70 6.60
N LEU A 88 13.47 -24.76 6.85
CA LEU A 88 13.36 -23.42 6.25
C LEU A 88 14.57 -23.01 5.41
N TYR A 89 14.36 -22.48 4.20
CA TYR A 89 15.45 -22.20 3.29
C TYR A 89 15.24 -20.81 2.77
N GLN A 90 16.29 -20.00 2.80
CA GLN A 90 16.23 -18.69 2.13
C GLN A 90 16.43 -18.86 0.63
N ILE A 91 15.46 -18.45 -0.17
CA ILE A 91 15.64 -18.42 -1.62
C ILE A 91 15.03 -17.16 -2.20
N ASP A 92 15.89 -16.26 -2.66
CA ASP A 92 15.46 -15.15 -3.51
C ASP A 92 15.48 -15.64 -4.94
N VAL A 93 14.32 -15.69 -5.58
CA VAL A 93 14.20 -16.33 -6.89
C VAL A 93 14.78 -15.47 -8.01
N GLN A 94 15.23 -14.25 -7.70
CA GLN A 94 16.03 -13.46 -8.63
C GLN A 94 17.41 -14.04 -8.83
N SER A 95 17.86 -14.89 -7.91
CA SER A 95 19.20 -15.47 -8.03
C SER A 95 19.14 -16.94 -8.43
N ASP A 96 19.74 -17.30 -9.56
CA ASP A 96 19.79 -18.73 -9.91
C ASP A 96 20.50 -19.59 -8.88
N GLU A 97 21.61 -19.07 -8.36
CA GLU A 97 22.43 -19.82 -7.44
CA GLU A 97 22.47 -19.73 -7.37
C GLU A 97 21.67 -20.14 -6.15
N GLU A 98 20.78 -19.24 -5.74
CA GLU A 98 19.99 -19.50 -4.53
C GLU A 98 18.95 -20.58 -4.81
N VAL A 99 18.36 -20.56 -6.00
CA VAL A 99 17.35 -21.55 -6.34
C VAL A 99 18.03 -22.90 -6.50
N ILE A 100 19.13 -22.90 -7.26
CA ILE A 100 19.89 -24.12 -7.48
C ILE A 100 20.38 -24.73 -6.17
N ASN A 101 21.05 -23.93 -5.32
CA ASN A 101 21.56 -24.40 -4.02
C ASN A 101 20.49 -24.63 -2.98
N GLY A 102 19.48 -23.75 -2.90
CA GLY A 102 18.26 -24.05 -2.13
C GLY A 102 17.70 -25.47 -2.30
N PHE A 103 17.34 -25.77 -3.53
CA PHE A 103 16.77 -27.07 -3.83
C PHE A 103 17.76 -28.21 -3.64
N GLU A 104 19.01 -28.02 -4.03
CA GLU A 104 19.96 -29.09 -3.82
C GLU A 104 20.09 -29.37 -2.33
N GLN A 105 20.15 -28.31 -1.52
CA GLN A 105 20.19 -28.50 -0.06
C GLN A 105 18.93 -29.20 0.47
N ILE A 106 17.77 -28.76 -0.03
CA ILE A 106 16.52 -29.42 0.32
C ILE A 106 16.57 -30.92 0.07
N GLY A 107 16.98 -31.33 -1.13
CA GLY A 107 17.10 -32.77 -1.40
C GLY A 107 18.09 -33.46 -0.49
N LYS A 108 19.14 -32.77 -0.07
CA LYS A 108 20.04 -33.39 0.90
C LYS A 108 19.39 -33.55 2.28
N ASP A 109 18.48 -32.65 2.65
CA ASP A 109 17.93 -32.65 4.01
C ASP A 109 16.72 -33.56 4.13
N VAL A 110 15.84 -33.56 3.13
CA VAL A 110 14.60 -34.36 3.20
C VAL A 110 14.44 -35.45 2.11
N GLY A 111 15.37 -35.50 1.17
CA GLY A 111 15.22 -36.48 0.08
C GLY A 111 14.31 -35.94 -1.01
N ASN A 112 13.69 -36.85 -1.76
CA ASN A 112 12.82 -36.53 -2.86
C ASN A 112 11.48 -35.94 -2.39
N ILE A 113 10.85 -35.14 -3.24
CA ILE A 113 9.68 -34.38 -2.85
C ILE A 113 8.57 -34.84 -3.77
N ASP A 114 7.33 -34.51 -3.41
CA ASP A 114 6.21 -34.84 -4.27
C ASP A 114 5.67 -33.61 -4.99
N GLY A 115 6.05 -32.39 -4.58
CA GLY A 115 5.57 -31.23 -5.42
C GLY A 115 5.94 -29.86 -4.85
N VAL A 116 5.62 -28.78 -5.55
CA VAL A 116 6.03 -27.48 -5.09
C VAL A 116 4.82 -26.59 -5.19
N TYR A 117 4.54 -25.82 -4.13
CA TYR A 117 3.57 -24.72 -4.24
C TYR A 117 4.30 -23.39 -4.42
N HIS A 118 4.06 -22.70 -5.53
CA HIS A 118 4.74 -21.45 -5.79
C HIS A 118 3.71 -20.35 -5.52
N SER A 119 4.09 -19.45 -4.62
CA SER A 119 3.25 -18.35 -4.18
C SER A 119 4.07 -17.05 -4.17
N ILE A 120 4.70 -16.74 -5.29
CA ILE A 120 5.71 -15.69 -5.28
C ILE A 120 5.40 -14.74 -6.42
N ALA A 121 5.30 -13.44 -6.13
CA ALA A 121 5.22 -12.44 -7.18
C ALA A 121 5.71 -11.11 -6.64
N PHE A 122 5.98 -10.15 -7.50
CA PHE A 122 6.47 -8.89 -7.01
C PHE A 122 6.36 -7.84 -8.11
N ALA A 123 6.04 -6.60 -7.79
CA ALA A 123 6.21 -5.50 -8.80
C ALA A 123 6.40 -4.18 -8.06
N ASN A 124 6.87 -3.08 -8.67
CA ASN A 124 6.91 -1.86 -7.88
C ASN A 124 5.53 -1.20 -7.75
N MET A 125 5.27 -0.57 -6.59
N MET A 125 5.26 -0.66 -6.56
CA MET A 125 3.94 -0.05 -6.25
CA MET A 125 4.20 0.30 -6.35
C MET A 125 3.36 0.84 -7.36
C MET A 125 4.27 1.32 -7.49
N GLU A 126 4.21 1.68 -7.95
N GLU A 126 5.48 1.49 -8.00
CA GLU A 126 3.70 2.63 -8.93
CA GLU A 126 5.86 2.64 -8.80
C GLU A 126 3.35 1.97 -10.26
C GLU A 126 5.41 2.59 -10.27
N ASP A 127 3.54 0.66 -10.33
N ASP A 127 5.54 1.43 -10.91
CA ASP A 127 3.14 -0.13 -11.49
CA ASP A 127 4.74 1.20 -12.11
C ASP A 127 1.80 -0.83 -11.16
C ASP A 127 3.33 0.64 -11.81
N LEU A 128 1.14 -0.43 -10.07
N LEU A 128 3.10 0.02 -10.67
CA LEU A 128 -0.13 -1.07 -9.64
CA LEU A 128 1.72 -0.37 -10.36
C LEU A 128 -1.33 -0.10 -9.56
C LEU A 128 0.72 0.78 -10.40
N ARG A 129 -1.23 0.93 -10.40
N ARG A 129 1.14 1.92 -9.85
CA ARG A 129 -2.15 2.05 -10.41
CA ARG A 129 0.30 3.10 -9.71
C ARG A 129 -1.77 3.00 -11.56
C ARG A 129 0.86 4.22 -10.60
N GLY A 130 -2.64 3.95 -11.84
N GLY A 130 0.38 4.19 -11.83
CA GLY A 130 -2.35 4.87 -12.92
CA GLY A 130 0.88 4.95 -12.95
C GLY A 130 -2.34 4.08 -14.22
C GLY A 130 0.27 4.17 -14.08
N ARG A 131 -1.63 4.63 -15.21
N ARG A 131 -0.13 4.84 -15.17
CA ARG A 131 -1.57 4.21 -16.61
CA ARG A 131 -0.96 4.21 -16.22
C ARG A 131 -0.47 3.18 -16.91
C ARG A 131 -0.21 3.03 -16.86
N PHE A 132 -0.89 2.04 -17.43
CA PHE A 132 -0.07 0.90 -17.80
C PHE A 132 0.97 1.31 -18.85
N SER A 133 0.58 2.25 -19.70
CA SER A 133 1.41 2.60 -20.81
C SER A 133 2.67 3.31 -20.33
N GLU A 134 2.68 3.74 -19.06
CA GLU A 134 3.85 4.47 -18.56
C GLU A 134 4.81 3.53 -17.81
N THR A 135 4.49 2.23 -17.73
CA THR A 135 5.40 1.25 -17.15
C THR A 135 6.84 1.38 -17.69
N SER A 136 7.82 1.40 -16.79
CA SER A 136 9.22 1.40 -17.17
C SER A 136 9.63 -0.02 -17.57
N ARG A 137 10.69 -0.10 -18.37
CA ARG A 137 11.30 -1.34 -18.75
C ARG A 137 11.79 -2.10 -17.54
N GLU A 138 12.43 -1.43 -16.60
CA GLU A 138 13.01 -2.14 -15.46
C GLU A 138 11.86 -2.65 -14.59
N GLY A 139 10.83 -1.83 -14.41
CA GLY A 139 9.57 -2.27 -13.79
C GLY A 139 8.92 -3.49 -14.45
N PHE A 140 8.80 -3.47 -15.78
CA PHE A 140 8.18 -4.57 -16.52
C PHE A 140 9.01 -5.84 -16.38
N LEU A 141 10.33 -5.68 -16.54
CA LEU A 141 11.21 -6.83 -16.59
C LEU A 141 11.37 -7.38 -15.17
N LEU A 142 11.37 -6.55 -14.13
CA LEU A 142 11.34 -7.02 -12.74
C LEU A 142 10.14 -7.91 -12.37
N ALA A 143 8.92 -7.49 -12.75
CA ALA A 143 7.71 -8.28 -12.51
C ALA A 143 7.77 -9.63 -13.23
N GLN A 144 8.23 -9.65 -14.49
CA GLN A 144 8.42 -10.90 -15.25
C GLN A 144 9.41 -11.85 -14.58
N ASP A 145 10.54 -11.30 -14.20
CA ASP A 145 11.59 -12.08 -13.58
C ASP A 145 11.07 -12.78 -12.32
N ILE A 146 10.50 -12.01 -11.41
CA ILE A 146 10.16 -12.65 -10.13
C ILE A 146 8.87 -13.45 -10.28
N SER A 147 7.89 -12.88 -10.96
CA SER A 147 6.54 -13.46 -10.94
C SER A 147 6.29 -14.54 -12.01
N SER A 148 7.27 -14.81 -12.87
CA SER A 148 7.02 -15.76 -13.93
C SER A 148 8.25 -16.59 -14.19
N TYR A 149 9.37 -15.95 -14.51
CA TYR A 149 10.56 -16.73 -14.82
C TYR A 149 10.85 -17.61 -13.65
N SER A 150 10.65 -17.07 -12.44
CA SER A 150 10.98 -17.84 -11.26
C SER A 150 10.40 -19.25 -11.29
N LEU A 151 9.22 -19.39 -11.90
CA LEU A 151 8.58 -20.72 -11.97
C LEU A 151 9.40 -21.75 -12.78
N THR A 152 9.90 -21.32 -13.93
CA THR A 152 10.71 -22.14 -14.84
C THR A 152 11.95 -22.70 -14.18
N ILE A 153 12.73 -21.79 -13.59
CA ILE A 153 13.92 -22.22 -12.88
C ILE A 153 13.57 -23.09 -11.67
N VAL A 154 12.55 -22.71 -10.91
CA VAL A 154 12.12 -23.56 -9.80
C VAL A 154 11.75 -24.97 -10.34
N ALA A 155 10.99 -25.04 -11.43
CA ALA A 155 10.56 -26.32 -11.99
C ALA A 155 11.82 -27.11 -12.38
N HIS A 156 12.74 -26.47 -13.09
CA HIS A 156 13.97 -27.16 -13.49
C HIS A 156 14.69 -27.81 -12.30
N GLU A 157 14.83 -27.04 -11.22
CA GLU A 157 15.59 -27.57 -10.07
C GLU A 157 14.78 -28.59 -9.29
N ALA A 158 13.49 -28.31 -9.09
CA ALA A 158 12.63 -29.18 -8.29
C ALA A 158 12.48 -30.55 -8.98
N LYS A 159 12.48 -30.53 -10.31
CA LYS A 159 12.45 -31.74 -11.11
C LYS A 159 13.49 -32.78 -10.67
N LYS A 160 14.64 -32.30 -10.19
CA LYS A 160 15.74 -33.17 -9.82
C LYS A 160 15.35 -33.96 -8.57
N LEU A 161 14.36 -33.48 -7.84
CA LEU A 161 13.94 -34.12 -6.59
C LEU A 161 12.65 -34.92 -6.77
N MET A 162 12.21 -35.05 -8.03
CA MET A 162 11.01 -35.80 -8.34
C MET A 162 11.25 -36.88 -9.41
N PRO A 163 12.24 -37.77 -9.20
CA PRO A 163 12.49 -38.81 -10.22
C PRO A 163 11.27 -39.66 -10.61
N GLU A 164 10.34 -39.87 -9.69
CA GLU A 164 9.12 -40.58 -10.04
C GLU A 164 7.92 -39.73 -10.36
N GLY A 165 8.07 -38.42 -10.58
CA GLY A 165 6.87 -37.62 -10.84
C GLY A 165 6.55 -36.74 -9.64
N GLY A 166 5.76 -35.71 -9.89
CA GLY A 166 5.06 -35.02 -8.82
C GLY A 166 4.26 -33.89 -9.40
N SER A 167 4.08 -32.81 -8.64
CA SER A 167 3.09 -31.84 -9.06
C SER A 167 3.54 -30.43 -8.74
N ILE A 168 3.32 -29.47 -9.62
CA ILE A 168 3.79 -28.13 -9.31
C ILE A 168 2.64 -27.17 -9.51
N VAL A 169 2.35 -26.32 -8.53
CA VAL A 169 1.21 -25.40 -8.66
C VAL A 169 1.72 -23.96 -8.44
N ALA A 170 1.30 -23.07 -9.31
CA ALA A 170 1.58 -21.64 -9.14
C ALA A 170 0.28 -20.84 -8.92
N THR A 171 0.40 -19.65 -8.35
CA THR A 171 -0.74 -18.92 -7.90
C THR A 171 -0.93 -17.79 -8.87
N THR A 172 -2.08 -17.72 -9.53
CA THR A 172 -2.25 -16.61 -10.49
C THR A 172 -3.49 -15.74 -10.23
N TYR A 173 -3.78 -14.75 -11.07
CA TYR A 173 -4.96 -13.95 -10.77
C TYR A 173 -5.60 -13.71 -12.12
N LEU A 174 -6.93 -13.58 -12.11
CA LEU A 174 -7.74 -13.36 -13.30
C LEU A 174 -7.21 -12.26 -14.20
N GLY A 175 -6.50 -11.28 -13.64
CA GLY A 175 -6.02 -10.12 -14.43
C GLY A 175 -4.88 -10.55 -15.36
N GLY A 176 -4.46 -11.83 -15.31
CA GLY A 176 -3.65 -12.45 -16.40
C GLY A 176 -4.43 -12.80 -17.68
N GLU A 177 -5.74 -13.03 -17.54
CA GLU A 177 -6.62 -13.41 -18.64
C GLU A 177 -7.37 -12.23 -19.20
N PHE A 178 -7.57 -11.19 -18.40
CA PHE A 178 -8.33 -10.01 -18.84
C PHE A 178 -7.66 -8.75 -18.32
N ALA A 179 -7.81 -7.60 -18.94
CA ALA A 179 -7.24 -6.37 -18.41
C ALA A 179 -8.13 -5.89 -17.21
N VAL A 180 -7.62 -5.93 -15.99
CA VAL A 180 -8.32 -5.32 -14.85
C VAL A 180 -7.73 -3.93 -14.48
N GLN A 181 -8.51 -2.86 -14.38
CA GLN A 181 -7.95 -1.54 -13.98
C GLN A 181 -6.98 -1.72 -12.81
N ASN A 182 -5.84 -1.06 -12.87
CA ASN A 182 -4.82 -1.05 -11.79
C ASN A 182 -3.88 -2.20 -11.72
N TYR A 183 -4.27 -3.39 -12.15
CA TYR A 183 -3.42 -4.54 -11.95
C TYR A 183 -2.21 -4.48 -12.90
N ASN A 184 -2.37 -3.79 -14.01
CA ASN A 184 -1.27 -3.29 -14.85
C ASN A 184 -0.10 -4.24 -15.12
N VAL A 185 1.12 -3.87 -14.75
CA VAL A 185 2.28 -4.69 -15.07
C VAL A 185 2.09 -6.12 -14.51
N MET A 186 1.36 -6.29 -13.43
CA MET A 186 1.23 -7.65 -12.87
C MET A 186 0.30 -8.55 -13.73
N GLY A 187 -0.64 -7.92 -14.45
CA GLY A 187 -1.50 -8.61 -15.43
C GLY A 187 -0.70 -9.30 -16.52
N VAL A 188 0.33 -8.60 -16.98
CA VAL A 188 1.14 -9.06 -18.09
C VAL A 188 2.11 -10.08 -17.55
N ALA A 189 2.50 -9.98 -16.29
CA ALA A 189 3.33 -11.00 -15.65
C ALA A 189 2.54 -12.27 -15.35
N LYS A 190 1.25 -12.15 -15.03
CA LYS A 190 0.45 -13.33 -14.84
C LYS A 190 0.10 -14.02 -16.16
N ALA A 191 -0.15 -13.23 -17.23
CA ALA A 191 -0.41 -13.83 -18.55
C ALA A 191 0.84 -14.69 -18.91
N SER A 192 2.01 -14.14 -18.65
CA SER A 192 3.28 -14.85 -18.89
C SER A 192 3.40 -16.08 -17.99
N LEU A 193 2.97 -15.94 -16.74
CA LEU A 193 3.05 -17.08 -15.81
C LEU A 193 2.10 -18.24 -16.21
N GLU A 194 0.90 -17.85 -16.64
CA GLU A 194 -0.05 -18.87 -17.05
C GLU A 194 0.43 -19.63 -18.30
N ALA A 195 1.06 -18.98 -19.26
CA ALA A 195 1.71 -19.68 -20.39
C ALA A 195 2.85 -20.58 -19.91
N ASN A 196 3.52 -20.16 -18.84
CA ASN A 196 4.74 -20.78 -18.35
C ASN A 196 4.30 -22.15 -17.80
N VAL A 197 3.18 -22.13 -17.11
CA VAL A 197 2.51 -23.31 -16.67
C VAL A 197 2.18 -24.27 -17.81
N LYS A 198 1.67 -23.77 -18.95
CA LYS A 198 1.29 -24.61 -20.08
C LYS A 198 2.55 -25.18 -20.74
N TYR A 199 3.57 -24.35 -20.94
CA TYR A 199 4.79 -24.83 -21.62
C TYR A 199 5.55 -25.79 -20.70
N LEU A 200 5.48 -25.57 -19.39
CA LEU A 200 6.09 -26.53 -18.46
C LEU A 200 5.33 -27.84 -18.36
N ALA A 201 3.99 -27.76 -18.34
CA ALA A 201 3.18 -28.97 -18.34
C ALA A 201 3.57 -29.84 -19.56
N LEU A 202 3.73 -29.21 -20.73
CA LEU A 202 4.03 -29.89 -22.00
C LEU A 202 5.42 -30.47 -21.89
N ASP A 203 6.36 -29.69 -21.36
CA ASP A 203 7.76 -30.14 -21.26
C ASP A 203 7.90 -31.28 -20.24
N LEU A 204 7.30 -31.11 -19.07
CA LEU A 204 7.62 -32.00 -17.97
C LEU A 204 6.65 -33.17 -17.86
N GLY A 205 5.59 -33.17 -18.67
CA GLY A 205 4.62 -34.28 -18.68
C GLY A 205 5.20 -35.66 -18.94
N PRO A 206 6.14 -35.79 -19.90
CA PRO A 206 6.66 -37.14 -20.09
C PRO A 206 7.39 -37.65 -18.88
N ASP A 207 7.73 -36.74 -17.97
CA ASP A 207 8.45 -37.11 -16.74
C ASP A 207 7.46 -37.35 -15.59
N ASN A 208 6.17 -37.37 -15.90
CA ASN A 208 5.11 -37.51 -14.91
C ASN A 208 5.13 -36.37 -13.88
N ILE A 209 5.42 -35.15 -14.33
CA ILE A 209 5.40 -33.99 -13.40
C ILE A 209 4.30 -33.10 -13.92
N ARG A 210 3.24 -32.94 -13.13
CA ARG A 210 2.12 -32.09 -13.56
C ARG A 210 2.39 -30.63 -13.15
N VAL A 211 1.99 -29.69 -13.99
CA VAL A 211 2.16 -28.27 -13.64
C VAL A 211 0.80 -27.63 -13.83
N ASN A 212 0.28 -26.93 -12.81
CA ASN A 212 -1.03 -26.27 -12.90
C ASN A 212 -1.02 -24.90 -12.23
N ALA A 213 -2.13 -24.18 -12.27
CA ALA A 213 -2.19 -22.89 -11.62
C ALA A 213 -3.49 -22.83 -10.86
N ILE A 214 -3.53 -22.07 -9.77
CA ILE A 214 -4.79 -21.64 -9.14
C ILE A 214 -4.94 -20.14 -9.35
N SER A 215 -6.06 -19.74 -9.94
CA SER A 215 -6.43 -18.34 -10.12
C SER A 215 -7.28 -18.00 -8.91
N ALA A 216 -6.64 -17.38 -7.93
CA ALA A 216 -7.30 -17.07 -6.67
C ALA A 216 -8.05 -15.76 -6.81
N GLY A 217 -9.22 -15.69 -6.16
CA GLY A 217 -9.93 -14.44 -5.97
C GLY A 217 -9.18 -13.47 -5.06
N PRO A 218 -9.55 -12.17 -5.06
CA PRO A 218 -8.86 -11.23 -4.13
C PRO A 218 -8.96 -11.68 -2.65
N ILE A 219 -7.86 -11.57 -1.91
CA ILE A 219 -7.72 -11.95 -0.51
C ILE A 219 -6.80 -10.92 0.16
N ARG A 220 -7.22 -10.28 1.25
CA ARG A 220 -6.34 -9.31 1.91
C ARG A 220 -5.04 -9.99 2.36
N THR A 221 -3.93 -9.61 1.72
CA THR A 221 -2.63 -10.09 2.12
C THR A 221 -1.72 -8.88 2.13
N LEU A 222 -0.49 -9.02 2.64
CA LEU A 222 0.49 -7.94 2.53
C LEU A 222 0.67 -7.33 1.11
N SER A 223 0.81 -8.19 0.10
CA SER A 223 0.94 -7.81 -1.28
C SER A 223 -0.28 -7.10 -1.83
N ALA A 224 -1.46 -7.56 -1.45
CA ALA A 224 -2.64 -6.88 -1.91
C ALA A 224 -2.71 -5.41 -1.53
N LYS A 225 -2.06 -4.98 -0.42
CA LYS A 225 -2.04 -3.54 -0.12
C LYS A 225 -1.28 -2.76 -1.17
N GLY A 226 -0.49 -3.43 -1.99
CA GLY A 226 0.24 -2.71 -3.04
C GLY A 226 -0.59 -2.33 -4.26
N VAL A 227 -1.82 -2.83 -4.33
CA VAL A 227 -2.57 -2.83 -5.56
C VAL A 227 -3.67 -1.78 -5.49
N GLY A 228 -3.63 -0.77 -6.34
CA GLY A 228 -4.70 0.22 -6.35
C GLY A 228 -6.09 -0.40 -6.48
N GLY A 229 -7.08 0.20 -5.82
CA GLY A 229 -8.48 -0.19 -5.99
C GLY A 229 -8.86 -1.56 -5.48
N PHE A 230 -8.03 -2.15 -4.60
CA PHE A 230 -8.24 -3.54 -4.16
C PHE A 230 -9.55 -3.66 -3.35
N ASN A 231 -9.79 -2.74 -2.44
CA ASN A 231 -11.03 -2.83 -1.66
C ASN A 231 -12.25 -2.77 -2.55
N THR A 232 -12.24 -1.91 -3.57
CA THR A 232 -13.32 -1.85 -4.53
C THR A 232 -13.64 -3.22 -5.15
N ILE A 233 -12.59 -3.99 -5.47
CA ILE A 233 -12.75 -5.23 -6.17
C ILE A 233 -13.31 -6.31 -5.23
N LEU A 234 -12.82 -6.33 -3.99
CA LEU A 234 -13.36 -7.21 -2.97
C LEU A 234 -14.87 -7.08 -2.82
N LYS A 235 -15.34 -5.84 -2.70
CA LYS A 235 -16.75 -5.52 -2.62
C LYS A 235 -17.49 -5.93 -3.88
N GLU A 236 -16.88 -5.79 -5.05
CA GLU A 236 -17.62 -6.13 -6.24
C GLU A 236 -17.75 -7.67 -6.32
N ILE A 237 -16.78 -8.39 -5.81
CA ILE A 237 -16.94 -9.86 -5.74
C ILE A 237 -18.18 -10.25 -4.95
N GLU A 238 -18.41 -9.60 -3.81
CA GLU A 238 -19.51 -9.96 -2.92
C GLU A 238 -20.80 -9.65 -3.63
N GLU A 239 -20.79 -8.55 -4.39
CA GLU A 239 -22.02 -8.14 -5.06
C GLU A 239 -22.34 -8.92 -6.33
N ARG A 240 -21.31 -9.41 -7.03
CA ARG A 240 -21.47 -9.89 -8.41
CA ARG A 240 -21.52 -9.90 -8.40
C ARG A 240 -21.13 -11.35 -8.65
N ALA A 241 -20.18 -11.90 -7.90
CA ALA A 241 -19.79 -13.30 -8.10
C ALA A 241 -20.95 -14.23 -7.78
N PRO A 242 -21.09 -15.37 -8.49
CA PRO A 242 -22.12 -16.37 -8.19
C PRO A 242 -22.26 -16.71 -6.70
N LEU A 243 -21.17 -17.05 -6.02
CA LEU A 243 -21.35 -17.31 -4.60
C LEU A 243 -21.59 -16.03 -3.78
N LYS A 244 -21.55 -14.83 -4.34
CA LYS A 244 -21.78 -13.62 -3.50
C LYS A 244 -20.97 -13.58 -2.15
N ARG A 245 -19.72 -14.05 -2.15
CA ARG A 245 -18.85 -13.90 -1.01
C ARG A 245 -17.43 -13.94 -1.62
N ASN A 246 -16.42 -13.47 -0.88
CA ASN A 246 -15.04 -13.59 -1.28
C ASN A 246 -14.56 -14.93 -0.81
N VAL A 247 -13.43 -15.41 -1.33
CA VAL A 247 -12.78 -16.66 -0.90
C VAL A 247 -11.71 -16.39 0.14
N ASP A 248 -11.25 -17.43 0.82
CA ASP A 248 -10.09 -17.18 1.68
C ASP A 248 -8.90 -18.12 1.37
N GLN A 249 -7.82 -17.96 2.11
CA GLN A 249 -6.58 -18.63 1.84
C GLN A 249 -6.75 -20.15 2.00
N VAL A 250 -7.68 -20.57 2.86
CA VAL A 250 -7.86 -22.04 3.17
C VAL A 250 -8.59 -22.69 1.99
N GLU A 251 -9.34 -21.87 1.24
CA GLU A 251 -10.07 -22.43 0.13
C GLU A 251 -9.08 -22.66 -0.98
N VAL A 252 -8.22 -21.68 -1.24
CA VAL A 252 -7.05 -21.91 -2.11
C VAL A 252 -6.32 -23.18 -1.64
N GLY A 253 -6.02 -23.26 -0.35
CA GLY A 253 -5.20 -24.41 0.13
C GLY A 253 -5.88 -25.73 -0.14
N LYS A 254 -7.21 -25.74 -0.02
CA LYS A 254 -8.01 -26.92 -0.31
C LYS A 254 -7.89 -27.42 -1.75
N THR A 255 -7.97 -26.50 -2.71
CA THR A 255 -7.68 -26.84 -4.10
C THR A 255 -6.18 -27.14 -4.41
N ALA A 256 -5.27 -26.50 -3.70
CA ALA A 256 -3.87 -26.89 -3.76
C ALA A 256 -3.72 -28.34 -3.34
N ALA A 257 -4.45 -28.78 -2.32
CA ALA A 257 -4.33 -30.22 -1.96
C ALA A 257 -4.80 -31.16 -3.05
N TYR A 258 -5.88 -30.75 -3.71
CA TYR A 258 -6.38 -31.59 -4.80
C TYR A 258 -5.27 -31.74 -5.86
N LEU A 259 -4.77 -30.60 -6.34
CA LEU A 259 -3.75 -30.52 -7.38
C LEU A 259 -2.39 -31.16 -7.05
N LEU A 260 -1.95 -31.03 -5.80
CA LEU A 260 -0.67 -31.54 -5.37
C LEU A 260 -0.81 -33.01 -5.07
N SER A 261 -2.03 -33.53 -5.03
CA SER A 261 -2.22 -34.94 -4.75
C SER A 261 -2.61 -35.73 -6.00
N ASP A 262 -2.79 -37.03 -5.81
CA ASP A 262 -3.15 -37.94 -6.89
C ASP A 262 -4.63 -37.82 -7.29
N LEU A 263 -5.45 -37.18 -6.44
CA LEU A 263 -6.82 -37.01 -6.82
C LEU A 263 -6.85 -36.28 -8.18
N SER A 264 -5.81 -35.50 -8.49
CA SER A 264 -5.86 -34.74 -9.73
C SER A 264 -4.98 -35.40 -10.81
N SER A 265 -4.78 -36.71 -10.76
N SER A 265 -4.82 -36.72 -10.79
CA SER A 265 -3.98 -37.32 -11.81
CA SER A 265 -3.74 -37.34 -11.59
C SER A 265 -4.76 -37.20 -13.11
C SER A 265 -3.81 -37.10 -13.09
N GLY A 266 -4.05 -37.06 -14.22
N GLY A 266 -5.01 -36.88 -13.62
CA GLY A 266 -4.72 -36.68 -15.46
CA GLY A 266 -5.19 -36.72 -15.07
C GLY A 266 -4.97 -35.20 -15.67
C GLY A 266 -5.10 -35.28 -15.54
N VAL A 267 -4.73 -34.35 -14.64
CA VAL A 267 -4.92 -32.91 -14.84
C VAL A 267 -3.60 -32.15 -14.94
N THR A 268 -3.36 -31.44 -16.05
CA THR A 268 -2.10 -30.70 -16.19
C THR A 268 -2.28 -29.59 -17.20
N GLY A 269 -1.52 -28.52 -17.00
CA GLY A 269 -1.63 -27.33 -17.84
C GLY A 269 -2.97 -26.64 -17.62
N GLU A 270 -3.58 -26.88 -16.46
CA GLU A 270 -4.89 -26.33 -16.15
C GLU A 270 -4.81 -25.03 -15.28
N ASN A 271 -5.82 -24.19 -15.34
CA ASN A 271 -5.88 -23.03 -14.44
C ASN A 271 -7.20 -23.14 -13.68
N ILE A 272 -7.17 -23.42 -12.37
CA ILE A 272 -8.43 -23.62 -11.66
C ILE A 272 -8.80 -22.36 -10.85
N HIS A 273 -9.95 -21.74 -11.14
CA HIS A 273 -10.34 -20.49 -10.48
C HIS A 273 -11.03 -20.82 -9.17
N VAL A 274 -10.43 -20.30 -8.11
CA VAL A 274 -10.99 -20.33 -6.78
C VAL A 274 -11.37 -18.92 -6.41
N ASP A 275 -12.56 -18.55 -6.85
CA ASP A 275 -12.86 -17.14 -6.93
C ASP A 275 -14.35 -16.90 -6.86
N SER A 276 -15.06 -17.86 -6.26
CA SER A 276 -16.52 -17.76 -6.12
C SER A 276 -17.32 -17.75 -7.44
N GLY A 277 -16.73 -18.25 -8.54
CA GLY A 277 -17.36 -18.18 -9.89
C GLY A 277 -17.21 -16.84 -10.61
N PHE A 278 -16.42 -15.92 -10.07
CA PHE A 278 -16.31 -14.60 -10.74
C PHE A 278 -15.81 -14.63 -12.18
N HIS A 279 -14.93 -15.59 -12.46
CA HIS A 279 -14.30 -15.76 -13.77
C HIS A 279 -15.33 -16.08 -14.88
N ALA A 280 -16.49 -16.61 -14.48
CA ALA A 280 -17.47 -17.19 -15.41
C ALA A 280 -18.53 -16.18 -15.77
N ILE A 281 -18.44 -14.99 -15.22
CA ILE A 281 -19.54 -14.08 -15.45
C ILE A 281 -19.01 -12.81 -16.04
N LYS A 282 -19.92 -11.95 -16.45
CA LYS A 282 -19.54 -10.73 -17.11
C LYS A 282 -20.76 -9.79 -17.00
N VAL B 28 -11.84 -0.37 -47.42
CA VAL B 28 -11.00 0.78 -46.97
C VAL B 28 -10.73 1.84 -48.07
N ASN B 29 -10.24 2.99 -47.59
CA ASN B 29 -9.31 3.89 -48.28
C ASN B 29 -8.44 4.79 -47.37
N LEU B 30 -7.16 4.91 -47.67
CA LEU B 30 -6.20 5.37 -46.66
C LEU B 30 -5.37 6.60 -47.04
N GLU B 31 -5.76 7.32 -48.09
CA GLU B 31 -5.05 8.54 -48.43
C GLU B 31 -5.16 9.50 -47.26
N ASN B 32 -4.12 10.31 -47.04
CA ASN B 32 -4.10 11.24 -45.90
C ASN B 32 -3.87 10.57 -44.55
N LYS B 33 -3.72 9.24 -44.54
CA LYS B 33 -3.25 8.55 -43.35
C LYS B 33 -1.72 8.30 -43.42
N THR B 34 -1.12 8.18 -42.24
CA THR B 34 0.29 7.90 -42.09
C THR B 34 0.45 6.79 -41.04
N TYR B 35 1.16 5.71 -41.38
CA TYR B 35 1.41 4.62 -40.44
C TYR B 35 2.90 4.39 -40.31
N VAL B 36 3.31 4.02 -39.10
CA VAL B 36 4.66 3.57 -38.87
C VAL B 36 4.69 2.04 -38.90
N ILE B 37 5.60 1.47 -39.70
CA ILE B 37 5.70 0.01 -39.75
C ILE B 37 7.04 -0.41 -39.15
N MET B 38 7.01 -1.16 -38.06
CA MET B 38 8.26 -1.56 -37.40
C MET B 38 8.49 -3.02 -37.69
N GLY B 39 9.67 -3.32 -38.23
CA GLY B 39 10.14 -4.70 -38.32
C GLY B 39 10.14 -5.33 -39.71
N ILE B 40 10.38 -4.54 -40.75
CA ILE B 40 10.76 -5.18 -42.00
C ILE B 40 12.25 -5.54 -41.99
N ALA B 41 12.57 -6.80 -42.31
CA ALA B 41 13.97 -7.18 -42.53
C ALA B 41 14.25 -7.46 -44.01
N ASN B 42 13.28 -8.03 -44.72
CA ASN B 42 13.44 -8.27 -46.17
C ASN B 42 12.10 -8.48 -46.85
N LYS B 43 12.12 -8.83 -48.14
CA LYS B 43 10.90 -9.07 -48.91
C LYS B 43 9.95 -10.10 -48.27
N ARG B 44 10.44 -10.98 -47.38
CA ARG B 44 9.60 -12.03 -46.77
CA ARG B 44 9.52 -11.97 -46.82
C ARG B 44 8.97 -11.60 -45.42
N SER B 45 9.41 -10.48 -44.87
CA SER B 45 8.84 -10.09 -43.59
C SER B 45 7.31 -9.95 -43.63
N ILE B 46 6.60 -10.38 -42.59
CA ILE B 46 5.17 -10.09 -42.45
C ILE B 46 4.90 -8.60 -42.59
N ALA B 47 5.76 -7.78 -42.01
CA ALA B 47 5.60 -6.34 -42.09
C ALA B 47 5.64 -5.81 -43.52
N PHE B 48 6.38 -6.48 -44.41
CA PHE B 48 6.35 -6.03 -45.81
C PHE B 48 5.03 -6.35 -46.50
N GLY B 49 4.39 -7.47 -46.16
CA GLY B 49 2.99 -7.74 -46.52
C GLY B 49 2.07 -6.60 -46.05
N VAL B 50 2.21 -6.22 -44.78
CA VAL B 50 1.49 -5.04 -44.35
C VAL B 50 1.77 -3.84 -45.27
N ALA B 51 3.05 -3.59 -45.56
CA ALA B 51 3.41 -2.37 -46.24
C ALA B 51 2.81 -2.32 -47.64
N LYS B 52 2.90 -3.41 -48.39
CA LYS B 52 2.32 -3.49 -49.74
C LYS B 52 0.84 -3.16 -49.71
N VAL B 53 0.12 -3.73 -48.73
CA VAL B 53 -1.32 -3.49 -48.64
C VAL B 53 -1.59 -2.02 -48.31
N LEU B 54 -0.93 -1.47 -47.30
CA LEU B 54 -1.24 -0.09 -46.94
C LEU B 54 -0.89 0.86 -48.06
N ASP B 55 0.26 0.63 -48.68
CA ASP B 55 0.78 1.47 -49.74
C ASP B 55 -0.17 1.45 -50.93
N GLN B 56 -0.60 0.26 -51.31
CA GLN B 56 -1.65 0.12 -52.31
C GLN B 56 -2.92 0.88 -51.93
N LEU B 57 -3.19 1.06 -50.63
CA LEU B 57 -4.43 1.71 -50.25
C LEU B 57 -4.27 3.22 -50.15
N GLY B 58 -3.10 3.72 -50.50
CA GLY B 58 -2.88 5.16 -50.51
C GLY B 58 -2.23 5.78 -49.29
N ALA B 59 -1.83 4.99 -48.28
CA ALA B 59 -1.26 5.52 -47.03
C ALA B 59 0.16 6.06 -47.19
N LYS B 60 0.55 7.05 -46.38
CA LYS B 60 1.95 7.45 -46.30
C LYS B 60 2.63 6.55 -45.27
N LEU B 61 3.81 6.01 -45.58
CA LEU B 61 4.45 5.03 -44.70
C LEU B 61 5.83 5.47 -44.27
N VAL B 62 6.14 5.11 -43.03
CA VAL B 62 7.37 5.45 -42.36
C VAL B 62 7.82 4.10 -41.85
N PHE B 63 9.12 3.82 -41.89
CA PHE B 63 9.61 2.46 -41.66
C PHE B 63 10.68 2.47 -40.59
N THR B 64 10.60 1.56 -39.61
CA THR B 64 11.69 1.48 -38.65
C THR B 64 12.40 0.13 -38.72
N TYR B 65 13.70 0.16 -38.44
CA TYR B 65 14.57 -1.00 -38.63
C TYR B 65 15.64 -1.03 -37.55
N ARG B 66 16.15 -2.23 -37.28
CA ARG B 66 17.32 -2.36 -36.40
C ARG B 66 18.67 -2.45 -37.15
N LYS B 67 18.87 -3.49 -37.97
CA LYS B 67 20.16 -3.74 -38.63
C LYS B 67 20.33 -2.87 -39.86
N GLU B 68 21.59 -2.56 -40.15
CA GLU B 68 21.87 -1.81 -41.36
CA GLU B 68 22.04 -1.91 -41.37
C GLU B 68 21.46 -2.60 -42.60
N ARG B 69 21.59 -3.92 -42.58
CA ARG B 69 21.09 -4.76 -43.67
C ARG B 69 19.57 -4.59 -43.88
N SER B 70 18.80 -4.42 -42.80
CA SER B 70 17.36 -4.23 -42.98
C SER B 70 17.07 -2.93 -43.71
N ARG B 71 17.88 -1.89 -43.44
CA ARG B 71 17.69 -0.59 -44.11
C ARG B 71 17.97 -0.70 -45.62
N LYS B 72 19.07 -1.35 -45.95
CA LYS B 72 19.40 -1.69 -47.33
C LYS B 72 18.25 -2.42 -48.05
N GLU B 73 17.69 -3.46 -47.43
CA GLU B 73 16.55 -4.15 -48.04
C GLU B 73 15.38 -3.21 -48.25
N LEU B 74 15.15 -2.38 -47.24
CA LEU B 74 14.01 -1.49 -47.22
C LEU B 74 14.14 -0.54 -48.40
N GLU B 75 15.36 0.01 -48.56
CA GLU B 75 15.66 0.96 -49.65
C GLU B 75 15.38 0.33 -51.02
N LYS B 76 15.74 -0.94 -51.17
CA LYS B 76 15.49 -1.71 -52.37
C LYS B 76 13.99 -2.07 -52.48
N LEU B 77 13.31 -2.31 -51.36
CA LEU B 77 11.88 -2.67 -51.45
C LEU B 77 11.00 -1.46 -51.72
N LEU B 78 11.46 -0.27 -51.34
CA LEU B 78 10.73 0.96 -51.61
C LEU B 78 10.46 1.24 -53.09
N GLU B 79 11.28 0.66 -53.96
CA GLU B 79 11.17 0.90 -55.39
C GLU B 79 9.92 0.23 -55.93
N GLN B 80 9.44 -0.80 -55.22
CA GLN B 80 8.18 -1.49 -55.53
C GLN B 80 6.91 -0.85 -54.99
N LEU B 81 7.03 0.25 -54.28
CA LEU B 81 5.90 0.82 -53.58
C LEU B 81 5.58 2.17 -54.18
N ASN B 82 4.37 2.64 -53.98
CA ASN B 82 4.01 3.94 -54.48
C ASN B 82 4.55 5.10 -53.62
N GLN B 83 5.23 4.83 -52.52
CA GLN B 83 5.74 5.90 -51.64
C GLN B 83 6.62 6.89 -52.37
N PRO B 84 6.27 8.19 -52.36
CA PRO B 84 7.17 9.06 -53.10
C PRO B 84 8.43 9.38 -52.32
N GLU B 85 8.51 8.97 -51.06
CA GLU B 85 9.60 9.32 -50.16
C GLU B 85 9.98 8.18 -49.20
N ALA B 86 11.28 7.98 -49.06
CA ALA B 86 11.81 7.11 -48.04
C ALA B 86 11.71 7.87 -46.71
N HIS B 87 11.03 7.32 -45.70
CA HIS B 87 11.20 7.83 -44.34
C HIS B 87 11.63 6.63 -43.50
N LEU B 88 12.93 6.45 -43.26
CA LEU B 88 13.49 5.27 -42.59
C LEU B 88 14.13 5.70 -41.27
N TYR B 89 13.91 4.96 -40.20
CA TYR B 89 14.44 5.39 -38.92
C TYR B 89 15.02 4.19 -38.24
N GLN B 90 16.24 4.34 -37.72
CA GLN B 90 16.79 3.20 -36.99
C GLN B 90 16.25 3.23 -35.58
N ILE B 91 15.66 2.11 -35.16
CA ILE B 91 15.12 2.01 -33.82
C ILE B 91 15.27 0.58 -33.32
N ASP B 92 16.26 0.38 -32.45
CA ASP B 92 16.38 -0.81 -31.64
C ASP B 92 15.47 -0.62 -30.43
N VAL B 93 14.37 -1.40 -30.37
CA VAL B 93 13.43 -1.28 -29.24
C VAL B 93 14.01 -1.82 -27.91
N GLN B 94 15.28 -2.22 -27.90
CA GLN B 94 15.88 -2.42 -26.58
C GLN B 94 16.29 -1.08 -25.93
N SER B 95 16.28 0.01 -26.69
CA SER B 95 16.76 1.26 -26.12
C SER B 95 15.62 2.27 -26.03
N ASP B 96 15.34 2.74 -24.81
CA ASP B 96 14.28 3.73 -24.66
C ASP B 96 14.59 4.95 -25.49
N GLU B 97 15.87 5.32 -25.44
CA GLU B 97 16.25 6.58 -26.06
CA GLU B 97 16.38 6.53 -26.10
C GLU B 97 16.05 6.49 -27.58
N GLU B 98 16.28 5.32 -28.18
CA GLU B 98 16.08 5.19 -29.62
C GLU B 98 14.61 5.24 -29.94
N VAL B 99 13.77 4.62 -29.13
CA VAL B 99 12.32 4.72 -29.32
C VAL B 99 11.81 6.16 -29.14
N ILE B 100 12.25 6.81 -28.08
CA ILE B 100 11.81 8.15 -27.74
C ILE B 100 12.24 9.11 -28.82
N ASN B 101 13.52 9.05 -29.17
CA ASN B 101 14.09 9.93 -30.17
C ASN B 101 13.55 9.65 -31.56
N GLY B 102 13.39 8.36 -31.85
CA GLY B 102 12.90 7.93 -33.15
C GLY B 102 11.50 8.43 -33.39
N PHE B 103 10.60 8.16 -32.44
CA PHE B 103 9.24 8.70 -32.65
C PHE B 103 9.24 10.24 -32.70
N GLU B 104 10.09 10.90 -31.93
CA GLU B 104 10.04 12.35 -31.93
C GLU B 104 10.51 12.88 -33.28
N GLN B 105 11.53 12.21 -33.83
CA GLN B 105 12.01 12.61 -35.12
C GLN B 105 10.94 12.37 -36.18
N ILE B 106 10.32 11.18 -36.16
CA ILE B 106 9.17 10.93 -37.03
C ILE B 106 8.13 12.05 -37.03
N GLY B 107 7.73 12.44 -35.83
CA GLY B 107 6.79 13.52 -35.61
C GLY B 107 7.21 14.83 -36.25
N LYS B 108 8.47 15.22 -36.10
CA LYS B 108 9.04 16.40 -36.76
C LYS B 108 9.09 16.26 -38.28
N ASP B 109 9.35 15.06 -38.79
CA ASP B 109 9.45 14.88 -40.23
C ASP B 109 8.09 14.73 -40.92
N VAL B 110 7.20 13.85 -40.43
CA VAL B 110 5.91 13.64 -41.10
C VAL B 110 4.64 14.16 -40.38
N GLY B 111 4.79 14.88 -39.28
CA GLY B 111 3.59 15.31 -38.56
C GLY B 111 2.99 14.19 -37.72
N ASN B 112 1.72 14.32 -37.34
CA ASN B 112 1.02 13.27 -36.61
C ASN B 112 0.77 12.00 -37.42
N ILE B 113 0.61 10.87 -36.74
CA ILE B 113 0.46 9.58 -37.41
C ILE B 113 -0.90 9.03 -37.04
N ASP B 114 -1.39 8.08 -37.82
CA ASP B 114 -2.67 7.41 -37.60
C ASP B 114 -2.54 6.01 -36.96
N GLY B 115 -1.35 5.38 -37.00
CA GLY B 115 -1.20 4.10 -36.28
C GLY B 115 0.17 3.46 -36.41
N VAL B 116 0.41 2.35 -35.70
CA VAL B 116 1.71 1.75 -35.68
C VAL B 116 1.44 0.28 -35.91
N TYR B 117 2.15 -0.31 -36.88
CA TYR B 117 2.16 -1.76 -37.05
C TYR B 117 3.45 -2.26 -36.46
N HIS B 118 3.32 -3.11 -35.43
CA HIS B 118 4.44 -3.59 -34.70
C HIS B 118 4.64 -5.02 -35.18
N SER B 119 5.84 -5.30 -35.71
CA SER B 119 6.14 -6.63 -36.28
C SER B 119 7.49 -7.07 -35.76
N ILE B 120 7.65 -7.02 -34.43
CA ILE B 120 8.97 -7.19 -33.83
C ILE B 120 8.96 -8.26 -32.75
N ALA B 121 9.99 -9.09 -32.80
CA ALA B 121 10.18 -10.16 -31.83
C ALA B 121 11.62 -10.73 -31.94
N PHE B 122 12.09 -11.38 -30.86
CA PHE B 122 13.41 -11.98 -30.85
C PHE B 122 13.54 -12.98 -29.71
N ALA B 123 14.27 -14.04 -29.96
CA ALA B 123 14.70 -15.00 -28.91
C ALA B 123 15.91 -15.71 -29.46
N ASN B 124 16.91 -16.01 -28.63
CA ASN B 124 18.03 -16.89 -28.99
C ASN B 124 17.56 -18.25 -29.52
N MET B 125 18.23 -18.81 -30.52
CA MET B 125 18.02 -20.21 -30.92
C MET B 125 18.35 -21.15 -29.78
N GLU B 126 19.32 -20.72 -28.97
CA GLU B 126 19.78 -21.54 -27.85
C GLU B 126 18.52 -21.93 -27.14
N ASP B 127 17.42 -21.23 -27.45
CA ASP B 127 16.17 -21.24 -26.67
C ASP B 127 14.93 -21.78 -27.43
N LEU B 128 14.83 -21.67 -28.76
CA LEU B 128 13.61 -22.09 -29.52
C LEU B 128 13.43 -23.58 -29.95
N ARG B 129 13.91 -24.47 -29.08
CA ARG B 129 13.88 -25.91 -29.37
C ARG B 129 14.35 -26.66 -28.13
N GLY B 130 14.20 -27.99 -28.11
CA GLY B 130 14.53 -28.75 -26.90
C GLY B 130 13.64 -28.31 -25.75
N ARG B 131 14.17 -28.24 -24.52
CA ARG B 131 13.30 -28.22 -23.32
C ARG B 131 13.03 -26.81 -22.78
N PHE B 132 11.77 -26.43 -22.71
CA PHE B 132 11.42 -25.13 -22.14
C PHE B 132 11.87 -24.99 -20.70
N SER B 133 11.85 -26.08 -19.91
CA SER B 133 12.33 -26.01 -18.54
C SER B 133 13.83 -25.61 -18.43
N GLU B 134 14.57 -25.62 -19.54
CA GLU B 134 15.99 -25.28 -19.45
C GLU B 134 16.27 -23.84 -19.87
N THR B 135 15.24 -23.07 -20.16
CA THR B 135 15.43 -21.70 -20.57
C THR B 135 16.27 -20.90 -19.55
N SER B 136 17.21 -20.08 -20.01
CA SER B 136 18.00 -19.25 -19.09
C SER B 136 17.19 -18.01 -18.73
N ARG B 137 17.53 -17.40 -17.61
CA ARG B 137 16.89 -16.15 -17.19
C ARG B 137 17.17 -15.06 -18.22
N GLU B 138 18.38 -14.97 -18.76
CA GLU B 138 18.70 -13.89 -19.71
C GLU B 138 17.93 -14.07 -21.03
N GLY B 139 17.87 -15.31 -21.51
CA GLY B 139 17.06 -15.60 -22.70
C GLY B 139 15.56 -15.38 -22.46
N PHE B 140 15.06 -15.73 -21.28
CA PHE B 140 13.66 -15.44 -20.98
C PHE B 140 13.41 -13.94 -21.00
N LEU B 141 14.28 -13.14 -20.37
CA LEU B 141 14.00 -11.69 -20.23
C LEU B 141 14.24 -10.96 -21.54
N LEU B 142 15.22 -11.43 -22.32
CA LEU B 142 15.48 -10.95 -23.67
C LEU B 142 14.20 -10.99 -24.50
N ALA B 143 13.58 -12.17 -24.56
CA ALA B 143 12.40 -12.36 -25.36
C ALA B 143 11.22 -11.49 -24.87
N GLN B 144 11.08 -11.35 -23.54
CA GLN B 144 10.05 -10.50 -22.97
C GLN B 144 10.31 -9.02 -23.33
N ASP B 145 11.59 -8.63 -23.33
CA ASP B 145 11.96 -7.24 -23.47
C ASP B 145 11.67 -6.77 -24.90
N ILE B 146 12.20 -7.52 -25.88
CA ILE B 146 12.01 -7.21 -27.28
C ILE B 146 10.60 -7.50 -27.79
N SER B 147 10.07 -8.69 -27.47
CA SER B 147 8.82 -9.21 -28.06
C SER B 147 7.56 -8.70 -27.37
N SER B 148 7.71 -8.06 -26.22
CA SER B 148 6.49 -7.65 -25.49
C SER B 148 6.60 -6.25 -24.91
N TYR B 149 7.57 -6.01 -24.01
CA TYR B 149 7.82 -4.66 -23.52
C TYR B 149 7.89 -3.62 -24.65
N SER B 150 8.62 -3.89 -25.74
CA SER B 150 8.67 -2.90 -26.84
C SER B 150 7.35 -2.25 -27.23
N LEU B 151 6.29 -3.05 -27.22
CA LEU B 151 4.97 -2.55 -27.59
C LEU B 151 4.52 -1.42 -26.64
N THR B 152 4.75 -1.63 -25.33
CA THR B 152 4.38 -0.72 -24.25
C THR B 152 5.05 0.63 -24.43
N ILE B 153 6.37 0.62 -24.58
CA ILE B 153 7.04 1.91 -24.80
C ILE B 153 6.74 2.56 -26.17
N VAL B 154 6.68 1.75 -27.21
CA VAL B 154 6.26 2.26 -28.54
C VAL B 154 4.90 2.97 -28.44
N ALA B 155 3.92 2.27 -27.88
CA ALA B 155 2.55 2.80 -27.65
C ALA B 155 2.66 4.13 -26.95
N HIS B 156 3.45 4.17 -25.88
CA HIS B 156 3.64 5.45 -25.17
C HIS B 156 4.15 6.61 -26.03
N GLU B 157 5.12 6.29 -26.88
CA GLU B 157 5.78 7.33 -27.64
C GLU B 157 4.97 7.74 -28.86
N ALA B 158 4.31 6.77 -29.48
CA ALA B 158 3.39 6.96 -30.62
C ALA B 158 2.11 7.72 -30.23
N LYS B 159 1.63 7.52 -29.02
CA LYS B 159 0.46 8.26 -28.54
C LYS B 159 0.68 9.76 -28.72
N LYS B 160 1.90 10.26 -28.54
CA LYS B 160 2.11 11.71 -28.64
C LYS B 160 1.85 12.25 -30.03
N LEU B 161 1.88 11.36 -31.01
CA LEU B 161 1.68 11.68 -32.43
C LEU B 161 0.22 11.38 -32.83
N MET B 162 -0.62 11.09 -31.84
CA MET B 162 -1.98 10.67 -32.15
C MET B 162 -2.97 11.43 -31.29
N PRO B 163 -2.87 12.78 -31.25
CA PRO B 163 -3.78 13.51 -30.36
C PRO B 163 -5.27 13.20 -30.63
N GLU B 164 -5.67 12.96 -31.88
CA GLU B 164 -7.08 12.70 -32.21
C GLU B 164 -7.46 11.23 -32.06
N GLY B 165 -6.50 10.37 -31.79
CA GLY B 165 -6.78 8.96 -31.82
C GLY B 165 -6.02 8.21 -32.92
N GLY B 166 -6.02 6.87 -32.85
CA GLY B 166 -5.18 6.13 -33.76
C GLY B 166 -5.37 4.63 -33.53
N SER B 167 -4.51 3.82 -34.10
CA SER B 167 -4.70 2.37 -33.95
C SER B 167 -3.36 1.66 -33.88
N ILE B 168 -3.19 0.65 -33.02
CA ILE B 168 -1.87 0.08 -32.90
C ILE B 168 -2.07 -1.40 -33.04
N VAL B 169 -1.27 -2.04 -33.86
CA VAL B 169 -1.44 -3.49 -34.09
C VAL B 169 -0.13 -4.23 -33.85
N ALA B 170 -0.17 -5.33 -33.12
CA ALA B 170 1.03 -6.14 -32.94
C ALA B 170 0.77 -7.49 -33.57
N THR B 171 1.87 -8.22 -33.79
CA THR B 171 1.79 -9.45 -34.51
C THR B 171 2.05 -10.52 -33.51
N THR B 172 1.15 -11.50 -33.44
CA THR B 172 1.35 -12.56 -32.44
C THR B 172 1.24 -13.91 -33.12
N TYR B 173 1.33 -14.97 -32.31
CA TYR B 173 1.14 -16.32 -32.81
C TYR B 173 0.43 -17.23 -31.77
N LEU B 174 -0.30 -18.24 -32.26
CA LEU B 174 -1.11 -19.14 -31.46
C LEU B 174 -0.34 -19.78 -30.30
N GLY B 175 0.98 -19.85 -30.40
CA GLY B 175 1.77 -20.43 -29.30
C GLY B 175 1.71 -19.56 -28.05
N GLY B 176 1.24 -18.31 -28.17
CA GLY B 176 0.85 -17.51 -26.97
C GLY B 176 -0.39 -17.91 -26.18
N GLU B 177 -1.26 -18.75 -26.76
CA GLU B 177 -2.50 -19.13 -26.13
C GLU B 177 -2.39 -20.59 -25.73
N PHE B 178 -1.59 -21.37 -26.45
CA PHE B 178 -1.43 -22.81 -26.16
C PHE B 178 0.02 -23.12 -26.23
N ALA B 179 0.42 -24.24 -25.65
CA ALA B 179 1.79 -24.65 -25.64
C ALA B 179 2.00 -25.39 -26.94
N VAL B 180 2.85 -24.84 -27.80
CA VAL B 180 3.19 -25.45 -29.06
C VAL B 180 4.57 -26.04 -28.93
N GLN B 181 4.77 -27.32 -29.19
CA GLN B 181 6.13 -27.86 -29.18
C GLN B 181 7.18 -26.99 -29.90
N ASN B 182 8.31 -26.72 -29.24
CA ASN B 182 9.43 -25.94 -29.75
C ASN B 182 9.24 -24.41 -29.65
N TYR B 183 8.02 -23.91 -29.54
CA TYR B 183 7.91 -22.47 -29.64
C TYR B 183 8.40 -21.88 -28.32
N ASN B 184 8.32 -22.68 -27.25
CA ASN B 184 9.05 -22.47 -26.00
C ASN B 184 9.02 -21.05 -25.43
N VAL B 185 10.21 -20.49 -25.20
CA VAL B 185 10.33 -19.14 -24.64
C VAL B 185 9.48 -18.14 -25.41
N MET B 186 9.31 -18.33 -26.70
CA MET B 186 8.60 -17.30 -27.44
C MET B 186 7.09 -17.39 -27.18
N GLY B 187 6.60 -18.57 -26.78
CA GLY B 187 5.19 -18.71 -26.41
C GLY B 187 4.89 -17.85 -25.17
N VAL B 188 5.75 -17.93 -24.15
CA VAL B 188 5.53 -17.18 -22.92
C VAL B 188 5.64 -15.69 -23.25
N ALA B 189 6.48 -15.32 -24.21
CA ALA B 189 6.56 -13.91 -24.62
C ALA B 189 5.36 -13.42 -25.42
N LYS B 190 4.76 -14.29 -26.24
CA LYS B 190 3.49 -13.96 -26.88
C LYS B 190 2.29 -13.89 -25.92
N ALA B 191 2.27 -14.73 -24.88
CA ALA B 191 1.25 -14.62 -23.84
C ALA B 191 1.30 -13.22 -23.19
N SER B 192 2.53 -12.81 -22.85
CA SER B 192 2.84 -11.47 -22.30
C SER B 192 2.39 -10.42 -23.29
N LEU B 193 2.74 -10.59 -24.56
CA LEU B 193 2.39 -9.57 -25.56
C LEU B 193 0.86 -9.44 -25.73
N GLU B 194 0.18 -10.56 -25.71
CA GLU B 194 -1.25 -10.53 -25.91
C GLU B 194 -1.92 -9.87 -24.68
N ALA B 195 -1.39 -10.10 -23.46
CA ALA B 195 -1.88 -9.39 -22.28
C ALA B 195 -1.57 -7.90 -22.41
N ASN B 196 -0.38 -7.60 -22.93
CA ASN B 196 0.07 -6.20 -23.12
C ASN B 196 -0.95 -5.46 -23.97
N VAL B 197 -1.37 -6.11 -25.05
CA VAL B 197 -2.36 -5.49 -25.95
C VAL B 197 -3.70 -5.16 -25.22
N LYS B 198 -4.12 -6.03 -24.30
CA LYS B 198 -5.38 -5.82 -23.55
C LYS B 198 -5.25 -4.66 -22.55
N TYR B 199 -4.16 -4.67 -21.79
CA TYR B 199 -3.86 -3.58 -20.87
C TYR B 199 -3.66 -2.24 -21.59
N LEU B 200 -2.98 -2.26 -22.71
CA LEU B 200 -2.83 -1.03 -23.50
C LEU B 200 -4.19 -0.59 -24.02
N ALA B 201 -5.00 -1.54 -24.45
CA ALA B 201 -6.32 -1.22 -25.00
C ALA B 201 -7.19 -0.46 -23.95
N LEU B 202 -7.17 -0.99 -22.73
CA LEU B 202 -7.86 -0.43 -21.55
C LEU B 202 -7.32 0.97 -21.22
N ASP B 203 -5.99 1.11 -21.25
CA ASP B 203 -5.32 2.33 -20.82
C ASP B 203 -5.47 3.45 -21.87
N LEU B 204 -5.45 3.12 -23.18
CA LEU B 204 -5.46 4.18 -24.23
C LEU B 204 -6.82 4.35 -24.89
N GLY B 205 -7.70 3.37 -24.70
CA GLY B 205 -9.11 3.56 -25.03
C GLY B 205 -9.67 4.98 -24.87
N PRO B 206 -9.60 5.57 -23.64
CA PRO B 206 -10.14 6.91 -23.48
C PRO B 206 -9.45 7.92 -24.38
N ASP B 207 -8.25 7.64 -24.88
CA ASP B 207 -7.64 8.56 -25.85
C ASP B 207 -8.01 8.27 -27.29
N ASN B 208 -8.99 7.39 -27.46
CA ASN B 208 -9.38 6.92 -28.78
C ASN B 208 -8.23 6.25 -29.57
N ILE B 209 -7.34 5.53 -28.87
CA ILE B 209 -6.33 4.75 -29.53
C ILE B 209 -6.72 3.28 -29.28
N ARG B 210 -7.01 2.54 -30.35
CA ARG B 210 -7.30 1.12 -30.23
C ARG B 210 -6.04 0.27 -30.27
N VAL B 211 -5.99 -0.86 -29.58
CA VAL B 211 -4.76 -1.65 -29.66
C VAL B 211 -5.27 -3.08 -29.87
N ASN B 212 -4.76 -3.75 -30.91
CA ASN B 212 -5.19 -5.10 -31.24
C ASN B 212 -3.97 -5.96 -31.66
N ALA B 213 -4.20 -7.27 -31.81
CA ALA B 213 -3.19 -8.21 -32.22
C ALA B 213 -3.71 -9.00 -33.43
N ILE B 214 -2.84 -9.26 -34.39
CA ILE B 214 -3.11 -10.29 -35.39
C ILE B 214 -2.32 -11.54 -34.99
N SER B 215 -3.02 -12.65 -34.88
CA SER B 215 -2.35 -13.96 -34.65
C SER B 215 -2.15 -14.63 -36.00
N ALA B 216 -0.94 -14.56 -36.55
CA ALA B 216 -0.65 -15.05 -37.89
C ALA B 216 -0.36 -16.51 -37.81
N GLY B 217 -0.78 -17.27 -38.83
CA GLY B 217 -0.38 -18.63 -39.07
C GLY B 217 1.10 -18.65 -39.45
N PRO B 218 1.75 -19.82 -39.37
CA PRO B 218 3.13 -20.01 -39.85
C PRO B 218 3.37 -19.53 -41.29
N ILE B 219 4.40 -18.70 -41.43
CA ILE B 219 4.79 -18.09 -42.70
C ILE B 219 6.32 -18.13 -42.80
N ARG B 220 6.84 -18.53 -43.95
CA ARG B 220 8.28 -18.68 -44.12
C ARG B 220 8.98 -17.30 -44.17
N THR B 221 9.59 -16.94 -43.07
CA THR B 221 10.33 -15.70 -42.96
C THR B 221 11.74 -15.97 -42.38
N LEU B 222 12.61 -14.97 -42.42
CA LEU B 222 13.93 -15.09 -41.79
C LEU B 222 13.86 -15.57 -40.32
N SER B 223 12.98 -14.98 -39.51
CA SER B 223 12.82 -15.42 -38.14
C SER B 223 12.33 -16.85 -37.98
N ALA B 224 11.42 -17.27 -38.85
CA ALA B 224 10.90 -18.64 -38.80
C ALA B 224 11.98 -19.70 -39.02
N LYS B 225 13.10 -19.34 -39.66
CA LYS B 225 14.19 -20.30 -39.83
C LYS B 225 14.82 -20.76 -38.52
N GLY B 226 14.60 -20.06 -37.42
CA GLY B 226 15.28 -20.50 -36.21
C GLY B 226 14.30 -21.11 -35.25
N VAL B 227 13.07 -21.37 -35.67
CA VAL B 227 12.15 -22.13 -34.84
C VAL B 227 12.20 -23.62 -35.15
N GLY B 228 12.44 -24.46 -34.17
CA GLY B 228 12.50 -25.90 -34.46
C GLY B 228 11.15 -26.47 -34.90
N GLY B 229 11.17 -27.45 -35.79
CA GLY B 229 9.96 -28.08 -36.33
C GLY B 229 8.99 -27.18 -37.08
N PHE B 230 9.44 -26.03 -37.58
CA PHE B 230 8.62 -25.10 -38.36
C PHE B 230 7.99 -25.73 -39.62
N ASN B 231 8.73 -26.53 -40.38
CA ASN B 231 8.17 -27.12 -41.58
C ASN B 231 7.13 -28.18 -41.24
N THR B 232 7.33 -28.90 -40.16
CA THR B 232 6.31 -29.84 -39.74
C THR B 232 4.95 -29.18 -39.48
N ILE B 233 4.98 -27.95 -38.96
CA ILE B 233 3.81 -27.24 -38.52
C ILE B 233 3.16 -26.72 -39.80
N LEU B 234 3.95 -26.25 -40.75
CA LEU B 234 3.43 -25.75 -42.02
C LEU B 234 2.52 -26.78 -42.69
N LYS B 235 3.00 -28.01 -42.62
CA LYS B 235 2.34 -29.10 -43.31
C LYS B 235 1.15 -29.63 -42.51
N GLU B 236 1.22 -29.59 -41.19
CA GLU B 236 0.03 -29.89 -40.40
C GLU B 236 -1.08 -28.87 -40.63
N ILE B 237 -0.73 -27.61 -40.85
CA ILE B 237 -1.73 -26.62 -41.18
C ILE B 237 -2.50 -27.01 -42.44
N GLU B 238 -1.79 -27.42 -43.50
CA GLU B 238 -2.42 -27.76 -44.76
C GLU B 238 -3.29 -28.99 -44.58
N GLU B 239 -2.87 -29.92 -43.73
CA GLU B 239 -3.64 -31.16 -43.63
C GLU B 239 -4.90 -30.96 -42.79
N ARG B 240 -4.82 -30.11 -41.76
CA ARG B 240 -5.81 -30.02 -40.69
C ARG B 240 -6.61 -28.70 -40.50
N ALA B 241 -6.10 -27.53 -40.87
CA ALA B 241 -6.83 -26.25 -40.75
C ALA B 241 -8.04 -26.26 -41.66
N PRO B 242 -9.16 -25.72 -41.19
CA PRO B 242 -10.37 -25.57 -42.02
C PRO B 242 -10.11 -25.17 -43.50
N LEU B 243 -9.28 -24.15 -43.77
CA LEU B 243 -9.04 -23.81 -45.17
C LEU B 243 -8.10 -24.79 -45.88
N LYS B 244 -7.49 -25.71 -45.14
CA LYS B 244 -6.55 -26.66 -45.75
C LYS B 244 -5.49 -25.96 -46.55
N ARG B 245 -4.95 -24.86 -46.05
CA ARG B 245 -3.87 -24.16 -46.77
C ARG B 245 -3.24 -23.21 -45.76
N ASN B 246 -1.98 -22.83 -46.00
CA ASN B 246 -1.28 -21.84 -45.22
C ASN B 246 -1.64 -20.45 -45.70
N VAL B 247 -1.27 -19.44 -44.91
CA VAL B 247 -1.62 -18.05 -45.21
C VAL B 247 -0.35 -17.36 -45.68
N ASP B 248 -0.47 -16.12 -46.12
CA ASP B 248 0.71 -15.37 -46.49
C ASP B 248 0.71 -13.99 -45.89
N GLN B 249 1.85 -13.33 -46.05
CA GLN B 249 2.08 -12.00 -45.54
C GLN B 249 1.01 -11.02 -46.01
N VAL B 250 0.59 -11.11 -47.27
CA VAL B 250 -0.46 -10.21 -47.78
C VAL B 250 -1.80 -10.37 -47.04
N GLU B 251 -2.15 -11.62 -46.71
CA GLU B 251 -3.32 -11.90 -45.87
C GLU B 251 -3.23 -11.22 -44.51
N VAL B 252 -2.04 -11.20 -43.90
CA VAL B 252 -1.87 -10.47 -42.65
C VAL B 252 -2.03 -8.97 -42.90
N GLY B 253 -1.39 -8.46 -43.95
CA GLY B 253 -1.56 -7.07 -44.34
C GLY B 253 -3.02 -6.63 -44.50
N LYS B 254 -3.80 -7.44 -45.18
CA LYS B 254 -5.21 -7.10 -45.45
C LYS B 254 -5.99 -6.97 -44.12
N THR B 255 -5.81 -7.90 -43.17
CA THR B 255 -6.38 -7.69 -41.87
C THR B 255 -5.77 -6.47 -41.14
N ALA B 256 -4.48 -6.25 -41.33
CA ALA B 256 -3.83 -5.08 -40.76
C ALA B 256 -4.53 -3.81 -41.26
N ALA B 257 -4.84 -3.74 -42.55
CA ALA B 257 -5.54 -2.58 -43.11
C ALA B 257 -6.88 -2.40 -42.41
N TYR B 258 -7.58 -3.52 -42.18
CA TYR B 258 -8.84 -3.52 -41.44
C TYR B 258 -8.64 -2.88 -40.05
N LEU B 259 -7.68 -3.42 -39.29
CA LEU B 259 -7.50 -3.05 -37.89
C LEU B 259 -6.98 -1.62 -37.80
N LEU B 260 -6.18 -1.20 -38.77
CA LEU B 260 -5.58 0.14 -38.76
C LEU B 260 -6.55 1.24 -39.21
N SER B 261 -7.63 0.89 -39.89
CA SER B 261 -8.52 1.85 -40.52
C SER B 261 -9.77 2.02 -39.67
N ASP B 262 -10.64 2.90 -40.13
CA ASP B 262 -11.93 3.13 -39.48
C ASP B 262 -12.89 1.95 -39.62
N LEU B 263 -12.66 1.07 -40.58
CA LEU B 263 -13.49 -0.14 -40.66
C LEU B 263 -13.60 -0.83 -39.31
N SER B 264 -12.57 -0.74 -38.50
CA SER B 264 -12.62 -1.51 -37.28
C SER B 264 -12.83 -0.64 -36.03
N SER B 265 -13.40 0.53 -36.23
N SER B 265 -13.53 0.48 -36.17
CA SER B 265 -13.82 1.33 -35.08
CA SER B 265 -13.56 1.49 -35.10
C SER B 265 -14.78 0.44 -34.31
C SER B 265 -14.12 1.03 -33.75
N GLY B 266 -14.71 0.54 -32.99
N GLY B 266 -14.87 -0.07 -33.79
CA GLY B 266 -15.46 -0.35 -32.13
CA GLY B 266 -15.60 -0.59 -32.65
C GLY B 266 -14.69 -1.58 -31.68
C GLY B 266 -14.81 -1.65 -31.90
N VAL B 267 -13.59 -1.89 -32.36
CA VAL B 267 -12.84 -3.13 -32.09
C VAL B 267 -11.50 -2.79 -31.40
N THR B 268 -11.36 -3.23 -30.16
CA THR B 268 -10.09 -3.03 -29.44
C THR B 268 -9.86 -4.12 -28.38
N GLY B 269 -8.60 -4.41 -28.05
CA GLY B 269 -8.24 -5.50 -27.12
C GLY B 269 -8.46 -6.85 -27.79
N GLU B 270 -8.69 -6.82 -29.11
CA GLU B 270 -9.02 -8.04 -29.85
C GLU B 270 -7.77 -8.76 -30.45
N ASN B 271 -7.85 -10.09 -30.56
CA ASN B 271 -6.80 -10.87 -31.20
C ASN B 271 -7.45 -11.59 -32.38
N ILE B 272 -7.11 -11.23 -33.60
CA ILE B 272 -7.71 -11.85 -34.79
C ILE B 272 -6.78 -12.85 -35.42
N HIS B 273 -7.25 -14.08 -35.53
CA HIS B 273 -6.43 -15.18 -36.04
C HIS B 273 -6.50 -15.20 -37.56
N VAL B 274 -5.37 -14.91 -38.21
CA VAL B 274 -5.23 -14.99 -39.67
C VAL B 274 -4.43 -16.29 -39.93
N ASP B 275 -5.13 -17.42 -39.87
CA ASP B 275 -4.44 -18.69 -39.77
C ASP B 275 -5.21 -19.85 -40.39
N SER B 276 -6.07 -19.57 -41.35
CA SER B 276 -6.82 -20.63 -42.00
C SER B 276 -7.80 -21.38 -41.09
N GLY B 277 -8.13 -20.78 -39.95
CA GLY B 277 -9.09 -21.37 -39.04
C GLY B 277 -8.46 -22.34 -38.05
N PHE B 278 -7.13 -22.46 -38.05
CA PHE B 278 -6.48 -23.50 -37.26
C PHE B 278 -6.69 -23.32 -35.76
N HIS B 279 -6.73 -22.08 -35.29
CA HIS B 279 -7.00 -21.80 -33.89
C HIS B 279 -8.35 -22.39 -33.45
N ALA B 280 -9.29 -22.55 -34.39
CA ALA B 280 -10.64 -22.95 -33.95
C ALA B 280 -10.83 -24.46 -33.80
N ILE B 281 -9.81 -25.26 -34.05
CA ILE B 281 -9.99 -26.72 -34.06
C ILE B 281 -9.01 -27.42 -33.12
N LYS B 282 -9.28 -28.68 -32.80
CA LYS B 282 -8.38 -29.50 -32.00
C LYS B 282 -8.43 -30.90 -32.59
N VAL C 28 -11.86 -3.09 -49.92
CA VAL C 28 -13.29 -3.49 -49.63
C VAL C 28 -14.31 -2.80 -50.56
N ASN C 29 -13.99 -2.66 -51.85
CA ASN C 29 -15.01 -2.45 -52.89
C ASN C 29 -15.85 -3.68 -53.25
N LEU C 30 -17.17 -3.60 -53.18
CA LEU C 30 -17.99 -4.81 -53.24
C LEU C 30 -18.90 -4.88 -54.47
N GLU C 31 -18.62 -4.04 -55.46
CA GLU C 31 -19.37 -4.07 -56.69
C GLU C 31 -19.22 -5.46 -57.27
N ASN C 32 -20.30 -5.99 -57.82
CA ASN C 32 -20.22 -7.31 -58.41
C ASN C 32 -20.32 -8.42 -57.38
N LYS C 33 -20.39 -8.06 -56.08
CA LYS C 33 -20.86 -9.01 -55.07
C LYS C 33 -22.37 -8.93 -54.76
N THR C 34 -22.87 -10.04 -54.22
CA THR C 34 -24.25 -10.17 -53.78
C THR C 34 -24.23 -10.84 -52.42
N TYR C 35 -24.99 -10.30 -51.48
CA TYR C 35 -25.08 -10.86 -50.13
C TYR C 35 -26.55 -11.00 -49.71
N VAL C 36 -26.87 -12.10 -49.07
CA VAL C 36 -28.17 -12.27 -48.42
C VAL C 36 -28.07 -11.74 -46.99
N ILE C 37 -28.99 -10.87 -46.58
CA ILE C 37 -29.03 -10.38 -45.21
C ILE C 37 -30.32 -10.83 -44.56
N MET C 38 -30.20 -11.57 -43.45
CA MET C 38 -31.31 -12.23 -42.84
C MET C 38 -31.54 -11.55 -41.49
N GLY C 39 -32.72 -10.96 -41.30
CA GLY C 39 -33.15 -10.48 -39.99
C GLY C 39 -33.22 -8.96 -39.86
N ILE C 40 -33.52 -8.23 -40.93
CA ILE C 40 -33.97 -6.86 -40.72
C ILE C 40 -35.41 -6.85 -40.25
N ALA C 41 -35.70 -6.14 -39.15
CA ALA C 41 -37.10 -5.84 -38.81
C ALA C 41 -37.43 -4.34 -38.87
N ASN C 42 -36.45 -3.47 -38.62
CA ASN C 42 -36.75 -2.05 -38.70
C ASN C 42 -35.47 -1.24 -38.81
N LYS C 43 -35.58 0.08 -38.76
CA LYS C 43 -34.38 0.91 -38.93
C LYS C 43 -33.28 0.69 -37.90
N ARG C 44 -33.63 0.14 -36.74
CA ARG C 44 -32.71 -0.05 -35.61
CA ARG C 44 -32.64 -0.02 -35.68
C ARG C 44 -32.00 -1.43 -35.69
N SER C 45 -32.50 -2.33 -36.53
CA SER C 45 -31.90 -3.66 -36.59
C SER C 45 -30.40 -3.60 -36.90
N ILE C 46 -29.63 -4.42 -36.22
CA ILE C 46 -28.20 -4.58 -36.52
C ILE C 46 -28.02 -4.89 -38.01
N ALA C 47 -28.88 -5.74 -38.55
CA ALA C 47 -28.80 -6.04 -39.98
C ALA C 47 -29.00 -4.82 -40.92
N PHE C 48 -29.73 -3.80 -40.48
CA PHE C 48 -29.82 -2.61 -41.31
C PHE C 48 -28.51 -1.78 -41.33
N GLY C 49 -27.82 -1.68 -40.19
CA GLY C 49 -26.41 -1.30 -40.16
C GLY C 49 -25.51 -1.99 -41.17
N VAL C 50 -25.58 -3.32 -41.21
CA VAL C 50 -24.85 -4.08 -42.22
C VAL C 50 -25.27 -3.67 -43.63
N ALA C 51 -26.57 -3.57 -43.87
CA ALA C 51 -27.11 -3.31 -45.18
C ALA C 51 -26.61 -1.95 -45.70
N LYS C 52 -26.68 -0.90 -44.88
CA LYS C 52 -26.16 0.43 -45.25
C LYS C 52 -24.69 0.36 -45.58
N VAL C 53 -23.91 -0.39 -44.81
CA VAL C 53 -22.46 -0.44 -45.07
C VAL C 53 -22.24 -1.16 -46.41
N LEU C 54 -22.76 -2.38 -46.53
CA LEU C 54 -22.60 -3.13 -47.78
C LEU C 54 -23.14 -2.37 -48.97
N ASP C 55 -24.29 -1.70 -48.83
CA ASP C 55 -24.98 -1.09 -49.97
C ASP C 55 -24.12 0.04 -50.49
N GLN C 56 -23.55 0.77 -49.54
CA GLN C 56 -22.69 1.88 -49.82
C GLN C 56 -21.36 1.45 -50.46
N LEU C 57 -20.93 0.21 -50.25
CA LEU C 57 -19.71 -0.26 -50.88
C LEU C 57 -20.00 -0.82 -52.27
N GLY C 58 -21.22 -0.56 -52.76
CA GLY C 58 -21.67 -1.09 -54.04
C GLY C 58 -22.08 -2.55 -54.20
N ALA C 59 -22.31 -3.29 -53.12
CA ALA C 59 -22.88 -4.63 -53.24
C ALA C 59 -24.33 -4.61 -53.68
N LYS C 60 -24.80 -5.75 -54.17
CA LYS C 60 -26.22 -6.01 -54.37
C LYS C 60 -26.69 -6.87 -53.21
N LEU C 61 -27.82 -6.51 -52.62
CA LEU C 61 -28.38 -7.19 -51.45
C LEU C 61 -29.74 -7.86 -51.68
N VAL C 62 -29.90 -8.99 -51.02
CA VAL C 62 -31.12 -9.77 -50.98
C VAL C 62 -31.42 -9.80 -49.49
N PHE C 63 -32.68 -9.54 -49.13
CA PHE C 63 -33.14 -9.51 -47.74
C PHE C 63 -34.17 -10.58 -47.44
N THR C 64 -34.05 -11.20 -46.27
CA THR C 64 -35.04 -12.18 -45.87
C THR C 64 -35.73 -11.75 -44.56
N TYR C 65 -37.02 -12.03 -44.41
CA TYR C 65 -37.75 -11.52 -43.22
C TYR C 65 -38.69 -12.62 -42.74
N ARG C 66 -39.23 -12.43 -41.54
CA ARG C 66 -40.25 -13.35 -41.07
C ARG C 66 -41.66 -12.76 -41.16
N LYS C 67 -41.87 -11.65 -40.44
CA LYS C 67 -43.20 -11.06 -40.24
C LYS C 67 -43.49 -10.13 -41.41
N GLU C 68 -44.76 -10.04 -41.77
CA GLU C 68 -45.05 -9.16 -42.87
CA GLU C 68 -45.28 -9.11 -42.77
C GLU C 68 -44.75 -7.71 -42.46
N ARG C 69 -44.77 -7.40 -41.18
CA ARG C 69 -44.41 -6.05 -40.78
C ARG C 69 -42.95 -5.75 -41.10
N SER C 70 -42.10 -6.75 -40.94
CA SER C 70 -40.70 -6.59 -41.35
C SER C 70 -40.54 -6.35 -42.87
N ARG C 71 -41.34 -7.02 -43.70
CA ARG C 71 -41.28 -6.71 -45.13
C ARG C 71 -41.72 -5.25 -45.41
N LYS C 72 -42.85 -4.82 -44.86
CA LYS C 72 -43.24 -3.41 -44.91
C LYS C 72 -42.12 -2.43 -44.49
N GLU C 73 -41.39 -2.76 -43.43
CA GLU C 73 -40.31 -1.89 -43.03
C GLU C 73 -39.13 -1.90 -44.03
N LEU C 74 -38.80 -3.06 -44.59
CA LEU C 74 -37.74 -3.12 -45.61
C LEU C 74 -38.14 -2.35 -46.88
N GLU C 75 -39.41 -2.39 -47.23
CA GLU C 75 -39.87 -1.69 -48.41
C GLU C 75 -39.60 -0.21 -48.20
N LYS C 76 -39.88 0.30 -47.01
CA LYS C 76 -39.63 1.71 -46.68
C LYS C 76 -38.13 2.05 -46.61
N LEU C 77 -37.33 1.10 -46.17
CA LEU C 77 -35.94 1.35 -45.88
C LEU C 77 -35.13 1.30 -47.14
N LEU C 78 -35.50 0.40 -48.05
CA LEU C 78 -34.88 0.32 -49.38
C LEU C 78 -34.82 1.65 -50.15
N GLU C 79 -35.67 2.59 -49.76
CA GLU C 79 -35.68 3.90 -50.40
C GLU C 79 -34.46 4.72 -50.01
N GLN C 80 -33.84 4.41 -48.87
CA GLN C 80 -32.59 5.10 -48.52
C GLN C 80 -31.30 4.41 -48.94
N LEU C 81 -31.44 3.23 -49.53
CA LEU C 81 -30.30 2.51 -50.05
C LEU C 81 -30.22 2.75 -51.56
N ASN C 82 -29.07 2.38 -52.12
CA ASN C 82 -28.82 2.50 -53.53
C ASN C 82 -29.35 1.32 -54.33
N GLN C 83 -29.68 0.20 -53.70
CA GLN C 83 -30.20 -0.94 -54.43
C GLN C 83 -31.22 -0.54 -55.51
N PRO C 84 -30.97 -0.92 -56.77
CA PRO C 84 -31.94 -0.49 -57.77
C PRO C 84 -33.17 -1.40 -57.80
N GLU C 85 -33.12 -2.56 -57.16
CA GLU C 85 -34.35 -3.31 -56.97
C GLU C 85 -34.40 -4.07 -55.67
N ALA C 86 -35.64 -4.29 -55.24
CA ALA C 86 -35.96 -4.92 -53.97
C ALA C 86 -35.91 -6.41 -54.22
N HIS C 87 -35.11 -7.12 -53.44
CA HIS C 87 -35.14 -8.56 -53.49
C HIS C 87 -35.53 -9.05 -52.10
N LEU C 88 -36.81 -9.32 -51.90
CA LEU C 88 -37.33 -9.62 -50.58
C LEU C 88 -37.87 -11.06 -50.49
N TYR C 89 -37.41 -11.84 -49.52
CA TYR C 89 -37.94 -13.19 -49.38
C TYR C 89 -38.37 -13.49 -47.95
N GLN C 90 -39.57 -14.03 -47.80
CA GLN C 90 -40.04 -14.47 -46.50
C GLN C 90 -39.37 -15.79 -46.16
N ILE C 91 -38.63 -15.83 -45.07
CA ILE C 91 -38.11 -17.10 -44.60
C ILE C 91 -38.23 -17.12 -43.08
N ASP C 92 -39.12 -17.99 -42.60
CA ASP C 92 -39.08 -18.38 -41.19
C ASP C 92 -38.10 -19.53 -40.97
N VAL C 93 -37.03 -19.30 -40.21
CA VAL C 93 -35.99 -20.35 -40.05
C VAL C 93 -36.43 -21.55 -39.17
N GLN C 94 -37.65 -21.52 -38.65
CA GLN C 94 -38.16 -22.71 -38.01
C GLN C 94 -38.61 -23.77 -39.02
N SER C 95 -38.93 -23.36 -40.23
CA SER C 95 -39.37 -24.28 -41.29
C SER C 95 -38.22 -24.71 -42.19
N ASP C 96 -37.92 -26.00 -42.27
CA ASP C 96 -36.92 -26.43 -43.25
C ASP C 96 -37.34 -26.09 -44.68
N GLU C 97 -38.63 -26.24 -45.00
CA GLU C 97 -39.05 -26.01 -46.37
CA GLU C 97 -39.14 -25.97 -46.35
C GLU C 97 -38.90 -24.53 -46.75
N GLU C 98 -39.13 -23.63 -45.81
CA GLU C 98 -39.03 -22.21 -46.14
C GLU C 98 -37.59 -21.76 -46.41
N VAL C 99 -36.65 -22.30 -45.61
CA VAL C 99 -35.23 -22.02 -45.81
C VAL C 99 -34.80 -22.61 -47.15
N ILE C 100 -35.18 -23.86 -47.37
CA ILE C 100 -34.82 -24.59 -48.58
C ILE C 100 -35.34 -23.91 -49.86
N ASN C 101 -36.63 -23.59 -49.86
CA ASN C 101 -37.28 -23.01 -51.04
C ASN C 101 -36.89 -21.56 -51.21
N GLY C 102 -36.70 -20.86 -50.10
CA GLY C 102 -36.26 -19.47 -50.13
C GLY C 102 -34.87 -19.29 -50.72
N PHE C 103 -33.90 -20.10 -50.31
CA PHE C 103 -32.59 -19.99 -50.91
C PHE C 103 -32.57 -20.45 -52.36
N GLU C 104 -33.26 -21.56 -52.64
CA GLU C 104 -33.44 -22.02 -54.02
C GLU C 104 -33.97 -20.92 -54.96
N GLN C 105 -35.05 -20.27 -54.53
CA GLN C 105 -35.60 -19.11 -55.24
C GLN C 105 -34.66 -17.91 -55.39
N ILE C 106 -33.85 -17.64 -54.36
CA ILE C 106 -32.93 -16.51 -54.37
C ILE C 106 -31.94 -16.77 -55.50
N GLY C 107 -31.60 -18.05 -55.64
CA GLY C 107 -30.58 -18.47 -56.58
C GLY C 107 -31.10 -18.35 -57.99
N LYS C 108 -32.39 -18.58 -58.17
CA LYS C 108 -33.00 -18.42 -59.48
C LYS C 108 -33.17 -16.96 -59.86
N ASP C 109 -33.43 -16.10 -58.88
CA ASP C 109 -33.64 -14.68 -59.12
C ASP C 109 -32.36 -13.87 -59.28
N VAL C 110 -31.34 -14.18 -58.49
CA VAL C 110 -30.13 -13.40 -58.59
C VAL C 110 -28.93 -14.28 -58.91
N GLY C 111 -29.12 -15.59 -58.99
CA GLY C 111 -27.95 -16.44 -59.25
C GLY C 111 -27.04 -16.59 -58.04
N ASN C 112 -25.75 -16.72 -58.26
CA ASN C 112 -24.83 -17.10 -57.20
C ASN C 112 -24.46 -15.94 -56.26
N ILE C 113 -24.32 -16.23 -54.98
CA ILE C 113 -24.07 -15.19 -53.98
C ILE C 113 -22.64 -15.27 -53.44
N ASP C 114 -22.23 -14.24 -52.71
CA ASP C 114 -20.89 -14.16 -52.14
C ASP C 114 -20.88 -14.44 -50.63
N GLY C 115 -22.04 -14.39 -49.99
CA GLY C 115 -22.11 -14.64 -48.55
C GLY C 115 -23.45 -14.30 -47.93
N VAL C 116 -23.60 -14.67 -46.66
CA VAL C 116 -24.86 -14.46 -45.96
C VAL C 116 -24.46 -13.79 -44.66
N TYR C 117 -25.20 -12.74 -44.32
CA TYR C 117 -25.20 -12.22 -42.96
C TYR C 117 -26.43 -12.65 -42.17
N HIS C 118 -26.19 -13.43 -41.12
CA HIS C 118 -27.21 -14.02 -40.28
C HIS C 118 -27.34 -13.11 -39.06
N SER C 119 -28.56 -12.62 -38.85
CA SER C 119 -28.89 -11.74 -37.74
C SER C 119 -30.25 -12.12 -37.15
N ILE C 120 -30.31 -13.36 -36.67
CA ILE C 120 -31.57 -13.98 -36.25
C ILE C 120 -31.42 -14.62 -34.91
N ALA C 121 -32.32 -14.27 -34.01
CA ALA C 121 -32.39 -14.89 -32.69
C ALA C 121 -33.79 -14.70 -32.14
N PHE C 122 -34.22 -15.59 -31.26
CA PHE C 122 -35.48 -15.41 -30.59
C PHE C 122 -35.47 -16.19 -29.28
N ALA C 123 -36.11 -15.61 -28.28
CA ALA C 123 -36.46 -16.34 -27.07
C ALA C 123 -37.69 -15.67 -26.49
N ASN C 124 -38.53 -16.45 -25.82
CA ASN C 124 -39.65 -15.85 -25.09
C ASN C 124 -39.20 -14.94 -23.98
N MET C 125 -40.04 -13.97 -23.63
CA MET C 125 -39.68 -12.99 -22.65
C MET C 125 -39.59 -13.47 -21.21
N GLU C 126 -40.36 -14.47 -20.79
CA GLU C 126 -40.11 -15.00 -19.43
C GLU C 126 -38.65 -15.47 -19.28
N ASP C 127 -38.10 -16.03 -20.35
CA ASP C 127 -36.86 -16.73 -20.23
C ASP C 127 -35.74 -15.71 -20.32
N LEU C 128 -36.02 -14.42 -20.15
CA LEU C 128 -34.96 -13.41 -20.35
C LEU C 128 -34.80 -12.47 -19.13
N ARG C 129 -35.10 -13.08 -17.98
CA ARG C 129 -35.12 -12.41 -16.69
C ARG C 129 -35.33 -13.51 -15.67
N GLY C 130 -35.19 -13.17 -14.38
CA GLY C 130 -35.40 -14.10 -13.28
C GLY C 130 -34.46 -15.30 -13.36
N ARG C 131 -34.95 -16.50 -13.06
CA ARG C 131 -34.01 -17.57 -12.74
C ARG C 131 -33.87 -18.42 -13.98
N PHE C 132 -32.64 -18.55 -14.47
CA PHE C 132 -32.29 -19.46 -15.56
C PHE C 132 -32.72 -20.89 -15.24
N SER C 133 -32.56 -21.33 -13.99
CA SER C 133 -32.83 -22.73 -13.65
C SER C 133 -34.33 -23.06 -13.83
N GLU C 134 -35.18 -22.05 -13.89
CA GLU C 134 -36.60 -22.25 -14.11
C GLU C 134 -36.99 -22.34 -15.58
N THR C 135 -36.03 -22.19 -16.51
CA THR C 135 -36.32 -22.26 -17.93
C THR C 135 -37.07 -23.58 -18.27
N SER C 136 -38.10 -23.47 -19.10
CA SER C 136 -38.82 -24.62 -19.60
C SER C 136 -38.10 -25.29 -20.80
N ARG C 137 -38.30 -26.59 -20.98
CA ARG C 137 -37.74 -27.33 -22.11
C ARG C 137 -38.12 -26.68 -23.44
N GLU C 138 -39.38 -26.30 -23.53
CA GLU C 138 -39.87 -25.68 -24.76
C GLU C 138 -39.21 -24.32 -24.99
N GLY C 139 -39.07 -23.51 -23.95
CA GLY C 139 -38.41 -22.21 -24.10
C GLY C 139 -36.96 -22.40 -24.54
N PHE C 140 -36.27 -23.34 -23.90
CA PHE C 140 -34.88 -23.63 -24.21
C PHE C 140 -34.70 -24.05 -25.66
N LEU C 141 -35.55 -24.95 -26.15
CA LEU C 141 -35.32 -25.58 -27.44
C LEU C 141 -35.75 -24.61 -28.56
N LEU C 142 -36.74 -23.78 -28.27
CA LEU C 142 -37.14 -22.70 -29.16
C LEU C 142 -35.93 -21.81 -29.43
N ALA C 143 -35.21 -21.40 -28.38
CA ALA C 143 -34.12 -20.46 -28.58
C ALA C 143 -32.96 -21.09 -29.37
N GLN C 144 -32.62 -22.35 -29.05
CA GLN C 144 -31.66 -23.14 -29.82
C GLN C 144 -32.05 -23.22 -31.29
N ASP C 145 -33.36 -23.41 -31.54
CA ASP C 145 -33.87 -23.74 -32.86
C ASP C 145 -33.68 -22.53 -33.73
N ILE C 146 -34.14 -21.38 -33.25
CA ILE C 146 -34.17 -20.17 -34.06
C ILE C 146 -32.80 -19.50 -34.06
N SER C 147 -32.06 -19.60 -32.96
CA SER C 147 -30.87 -18.78 -32.76
C SER C 147 -29.59 -19.56 -33.03
N SER C 148 -29.66 -20.88 -33.18
CA SER C 148 -28.42 -21.59 -33.44
C SER C 148 -28.55 -22.55 -34.62
N TYR C 149 -29.53 -23.45 -34.57
CA TYR C 149 -29.80 -24.37 -35.67
C TYR C 149 -30.02 -23.64 -37.00
N SER C 150 -30.76 -22.53 -37.01
CA SER C 150 -31.02 -21.82 -38.25
C SER C 150 -29.73 -21.53 -39.02
N LEU C 151 -28.64 -21.34 -38.30
CA LEU C 151 -27.36 -21.12 -38.98
C LEU C 151 -26.88 -22.33 -39.79
N THR C 152 -26.94 -23.52 -39.20
CA THR C 152 -26.55 -24.76 -39.86
C THR C 152 -27.31 -25.03 -41.16
N ILE C 153 -28.64 -24.93 -41.10
CA ILE C 153 -29.43 -25.16 -42.29
C ILE C 153 -29.30 -24.00 -43.32
N VAL C 154 -29.19 -22.76 -42.86
CA VAL C 154 -28.89 -21.65 -43.79
C VAL C 154 -27.57 -21.87 -44.54
N ALA C 155 -26.52 -22.28 -43.83
CA ALA C 155 -25.23 -22.58 -44.43
C ALA C 155 -25.40 -23.74 -45.39
N HIS C 156 -26.16 -24.77 -45.02
CA HIS C 156 -26.27 -25.92 -45.92
C HIS C 156 -26.96 -25.54 -47.22
N GLU C 157 -27.98 -24.68 -47.15
CA GLU C 157 -28.69 -24.25 -48.35
C GLU C 157 -27.99 -23.12 -49.11
N ALA C 158 -27.37 -22.17 -48.41
CA ALA C 158 -26.62 -21.12 -49.10
C ALA C 158 -25.36 -21.65 -49.78
N LYS C 159 -24.78 -22.72 -49.26
CA LYS C 159 -23.58 -23.29 -49.87
C LYS C 159 -23.84 -23.66 -51.36
N LYS C 160 -25.06 -24.12 -51.66
CA LYS C 160 -25.48 -24.40 -53.03
C LYS C 160 -25.34 -23.20 -53.97
N LEU C 161 -25.29 -21.99 -53.42
CA LEU C 161 -25.23 -20.78 -54.22
C LEU C 161 -23.81 -20.23 -54.26
N MET C 162 -22.88 -20.98 -53.70
CA MET C 162 -21.53 -20.45 -53.57
C MET C 162 -20.51 -21.48 -54.03
N PRO C 163 -20.61 -21.90 -55.31
CA PRO C 163 -19.68 -22.91 -55.84
C PRO C 163 -18.20 -22.50 -55.85
N GLU C 164 -17.89 -21.21 -55.95
CA GLU C 164 -16.53 -20.67 -55.87
C GLU C 164 -16.06 -20.36 -54.44
N GLY C 165 -16.89 -20.58 -53.43
CA GLY C 165 -16.59 -20.04 -52.10
C GLY C 165 -17.40 -18.83 -51.68
N GLY C 166 -17.31 -18.46 -50.41
CA GLY C 166 -17.86 -17.21 -49.95
C GLY C 166 -17.72 -17.10 -48.44
N SER C 167 -18.63 -16.33 -47.85
CA SER C 167 -18.44 -15.89 -46.48
C SER C 167 -19.77 -15.80 -45.74
N ILE C 168 -19.87 -16.52 -44.63
CA ILE C 168 -21.06 -16.50 -43.77
C ILE C 168 -20.65 -15.95 -42.40
N VAL C 169 -21.43 -14.98 -41.91
CA VAL C 169 -21.18 -14.25 -40.68
C VAL C 169 -22.47 -14.23 -39.85
N ALA C 170 -22.39 -14.70 -38.60
CA ALA C 170 -23.52 -14.63 -37.66
C ALA C 170 -23.26 -13.60 -36.54
N THR C 171 -24.33 -13.16 -35.89
CA THR C 171 -24.26 -12.17 -34.82
C THR C 171 -24.39 -12.83 -33.45
N THR C 172 -23.39 -12.66 -32.59
CA THR C 172 -23.50 -13.20 -31.27
C THR C 172 -23.34 -12.12 -30.19
N TYR C 173 -23.33 -12.56 -28.93
CA TYR C 173 -23.16 -11.63 -27.81
C TYR C 173 -22.29 -12.33 -26.79
N LEU C 174 -21.52 -11.52 -26.07
CA LEU C 174 -20.62 -11.92 -24.97
C LEU C 174 -21.25 -12.90 -24.00
N GLY C 175 -22.56 -12.76 -23.81
CA GLY C 175 -23.36 -13.69 -23.04
C GLY C 175 -23.21 -15.15 -23.43
N GLY C 176 -22.77 -15.42 -24.65
CA GLY C 176 -22.44 -16.76 -25.15
C GLY C 176 -21.14 -17.30 -24.57
N GLU C 177 -20.25 -16.42 -24.10
CA GLU C 177 -18.94 -16.84 -23.55
C GLU C 177 -18.84 -16.83 -22.02
N PHE C 178 -19.66 -15.99 -21.35
CA PHE C 178 -19.73 -15.78 -19.90
C PHE C 178 -21.18 -15.67 -19.48
N ALA C 179 -21.49 -16.00 -18.24
CA ALA C 179 -22.87 -15.83 -17.78
C ALA C 179 -23.15 -14.34 -17.47
N VAL C 180 -23.99 -13.72 -18.27
CA VAL C 180 -24.48 -12.37 -18.02
C VAL C 180 -25.89 -12.43 -17.41
N GLN C 181 -26.05 -11.96 -16.18
CA GLN C 181 -27.38 -11.89 -15.55
C GLN C 181 -28.52 -11.46 -16.49
N ASN C 182 -29.62 -12.20 -16.51
CA ASN C 182 -30.79 -11.95 -17.37
C ASN C 182 -30.71 -12.46 -18.81
N TYR C 183 -29.52 -12.72 -19.32
CA TYR C 183 -29.42 -13.11 -20.70
C TYR C 183 -29.80 -14.58 -20.79
N ASN C 184 -29.48 -15.32 -19.73
CA ASN C 184 -30.15 -16.58 -19.44
C ASN C 184 -30.23 -17.53 -20.63
N VAL C 185 -31.42 -17.82 -21.14
CA VAL C 185 -31.55 -18.91 -22.11
C VAL C 185 -30.90 -18.47 -23.43
N MET C 186 -30.78 -17.17 -23.64
CA MET C 186 -30.21 -16.74 -24.89
C MET C 186 -28.69 -16.92 -24.81
N GLY C 187 -28.12 -16.87 -23.61
CA GLY C 187 -26.67 -17.08 -23.58
C GLY C 187 -26.27 -18.51 -23.94
N VAL C 188 -27.12 -19.44 -23.56
CA VAL C 188 -26.84 -20.85 -23.86
C VAL C 188 -27.10 -21.10 -25.32
N ALA C 189 -28.05 -20.40 -25.91
CA ALA C 189 -28.21 -20.43 -27.35
C ALA C 189 -27.04 -19.81 -28.10
N LYS C 190 -26.53 -18.67 -27.64
CA LYS C 190 -25.32 -18.07 -28.24
C LYS C 190 -24.08 -18.93 -28.04
N ALA C 191 -23.94 -19.61 -26.92
CA ALA C 191 -22.80 -20.53 -26.83
C ALA C 191 -22.83 -21.57 -27.97
N SER C 192 -24.02 -22.06 -28.20
CA SER C 192 -24.36 -23.07 -29.21
C SER C 192 -24.06 -22.49 -30.58
N LEU C 193 -24.54 -21.27 -30.80
CA LEU C 193 -24.29 -20.57 -32.05
C LEU C 193 -22.78 -20.41 -32.36
N GLU C 194 -22.02 -19.98 -31.37
CA GLU C 194 -20.60 -19.75 -31.54
C GLU C 194 -19.86 -21.07 -31.85
N ALA C 195 -20.28 -22.16 -31.24
CA ALA C 195 -19.72 -23.46 -31.57
C ALA C 195 -20.16 -23.86 -32.98
N ASN C 196 -21.41 -23.54 -33.34
CA ASN C 196 -21.96 -23.81 -34.66
C ASN C 196 -21.02 -23.22 -35.72
N VAL C 197 -20.66 -21.96 -35.50
CA VAL C 197 -19.74 -21.25 -36.38
C VAL C 197 -18.42 -22.02 -36.50
N LYS C 198 -17.88 -22.48 -35.38
CA LYS C 198 -16.64 -23.22 -35.46
C LYS C 198 -16.78 -24.52 -36.25
N TYR C 199 -17.89 -25.24 -36.07
CA TYR C 199 -18.07 -26.56 -36.69
C TYR C 199 -18.40 -26.37 -38.19
N LEU C 200 -19.05 -25.26 -38.52
CA LEU C 200 -19.34 -24.96 -39.91
C LEU C 200 -18.06 -24.55 -40.59
N ALA C 201 -17.25 -23.72 -39.93
CA ALA C 201 -15.93 -23.32 -40.41
C ALA C 201 -15.09 -24.50 -40.88
N LEU C 202 -14.99 -25.52 -40.03
CA LEU C 202 -14.19 -26.71 -40.28
C LEU C 202 -14.82 -27.55 -41.38
N ASP C 203 -16.14 -27.68 -41.36
CA ASP C 203 -16.83 -28.50 -42.36
C ASP C 203 -16.73 -27.90 -43.77
N LEU C 204 -16.84 -26.58 -43.88
CA LEU C 204 -17.04 -25.92 -45.19
C LEU C 204 -15.77 -25.24 -45.71
N GLY C 205 -14.76 -25.14 -44.84
CA GLY C 205 -13.46 -24.59 -45.25
C GLY C 205 -12.92 -25.18 -46.56
N PRO C 206 -12.95 -26.51 -46.69
CA PRO C 206 -12.46 -27.14 -47.94
C PRO C 206 -13.30 -26.73 -49.14
N ASP C 207 -14.49 -26.20 -48.90
CA ASP C 207 -15.24 -25.59 -50.00
C ASP C 207 -14.93 -24.11 -50.18
N ASN C 208 -13.89 -23.62 -49.52
CA ASN C 208 -13.56 -22.19 -49.48
C ASN C 208 -14.73 -21.34 -48.96
N ILE C 209 -15.54 -21.87 -48.05
CA ILE C 209 -16.57 -21.00 -47.42
C ILE C 209 -16.11 -20.66 -46.02
N ARG C 210 -15.89 -19.37 -45.75
CA ARG C 210 -15.48 -18.91 -44.44
C ARG C 210 -16.71 -18.67 -43.56
N VAL C 211 -16.62 -19.03 -42.28
CA VAL C 211 -17.74 -18.80 -41.36
C VAL C 211 -17.19 -18.12 -40.11
N ASN C 212 -17.81 -17.02 -39.68
CA ASN C 212 -17.34 -16.23 -38.55
C ASN C 212 -18.51 -15.61 -37.84
N ALA C 213 -18.22 -14.99 -36.69
CA ALA C 213 -19.21 -14.40 -35.80
C ALA C 213 -18.75 -13.00 -35.46
N ILE C 214 -19.66 -12.02 -35.51
CA ILE C 214 -19.48 -10.75 -34.82
C ILE C 214 -20.17 -10.76 -33.43
N SER C 215 -19.43 -10.45 -32.39
CA SER C 215 -19.99 -10.41 -31.05
C SER C 215 -20.20 -8.92 -30.78
N ALA C 216 -21.44 -8.47 -31.02
CA ALA C 216 -21.75 -7.05 -30.88
C ALA C 216 -21.99 -6.70 -29.42
N GLY C 217 -21.60 -5.48 -29.09
CA GLY C 217 -21.94 -4.91 -27.80
C GLY C 217 -23.41 -4.53 -27.81
N PRO C 218 -23.98 -4.18 -26.64
CA PRO C 218 -25.42 -3.86 -26.59
C PRO C 218 -25.81 -2.66 -27.48
N ILE C 219 -26.90 -2.80 -28.23
CA ILE C 219 -27.44 -1.80 -29.14
C ILE C 219 -28.97 -1.75 -28.99
N ARG C 220 -29.55 -0.55 -28.95
CA ARG C 220 -30.97 -0.42 -28.72
C ARG C 220 -31.69 -0.88 -29.96
N THR C 221 -32.18 -2.13 -29.92
CA THR C 221 -33.07 -2.62 -30.98
C THR C 221 -34.42 -3.09 -30.41
N LEU C 222 -35.34 -3.46 -31.31
CA LEU C 222 -36.57 -4.14 -30.92
C LEU C 222 -36.30 -5.36 -30.04
N SER C 223 -35.40 -6.24 -30.45
CA SER C 223 -35.15 -7.41 -29.60
C SER C 223 -34.55 -7.06 -28.23
N ALA C 224 -33.74 -6.01 -28.15
CA ALA C 224 -33.17 -5.56 -26.89
C ALA C 224 -34.23 -5.16 -25.88
N LYS C 225 -35.39 -4.71 -26.35
CA LYS C 225 -36.47 -4.27 -25.45
C LYS C 225 -36.94 -5.42 -24.59
N GLY C 226 -36.59 -6.64 -24.98
CA GLY C 226 -37.15 -7.81 -24.31
C GLY C 226 -36.22 -8.35 -23.25
N VAL C 227 -34.97 -7.87 -23.17
CA VAL C 227 -33.97 -8.42 -22.26
C VAL C 227 -33.96 -7.65 -20.95
N GLY C 228 -34.14 -8.31 -19.82
CA GLY C 228 -34.07 -7.57 -18.56
C GLY C 228 -32.72 -6.89 -18.38
N GLY C 229 -32.72 -5.69 -17.78
CA GLY C 229 -31.49 -5.08 -17.32
C GLY C 229 -30.68 -4.54 -18.48
N PHE C 230 -31.28 -4.44 -19.67
CA PHE C 230 -30.55 -3.96 -20.83
C PHE C 230 -30.02 -2.53 -20.64
N ASN C 231 -30.86 -1.61 -20.15
CA ASN C 231 -30.39 -0.24 -19.94
C ASN C 231 -29.22 -0.14 -18.97
N THR C 232 -29.21 -0.93 -17.89
CA THR C 232 -28.09 -0.79 -16.99
C THR C 232 -26.79 -1.38 -17.57
N ILE C 233 -26.89 -2.31 -18.53
CA ILE C 233 -25.70 -2.82 -19.22
C ILE C 233 -25.14 -1.76 -20.16
N LEU C 234 -26.00 -1.00 -20.83
CA LEU C 234 -25.55 0.05 -21.74
C LEU C 234 -24.66 1.06 -21.02
N LYS C 235 -25.06 1.32 -19.77
CA LYS C 235 -24.47 2.39 -19.02
C LYS C 235 -23.17 1.84 -18.46
N GLU C 236 -23.16 0.56 -18.16
CA GLU C 236 -21.91 0.04 -17.64
C GLU C 236 -20.83 0.01 -18.74
N ILE C 237 -21.21 -0.28 -19.99
CA ILE C 237 -20.29 -0.18 -21.12
C ILE C 237 -19.62 1.20 -21.23
N GLU C 238 -20.37 2.29 -21.02
CA GLU C 238 -19.79 3.63 -21.13
C GLU C 238 -18.80 3.87 -20.02
N GLU C 239 -19.14 3.38 -18.84
CA GLU C 239 -18.32 3.59 -17.68
C GLU C 239 -17.05 2.73 -17.68
N ARG C 240 -17.14 1.50 -18.22
CA ARG C 240 -16.14 0.47 -17.94
CA ARG C 240 -16.15 0.45 -17.93
C ARG C 240 -15.40 -0.05 -19.17
N ALA C 241 -16.00 0.10 -20.35
CA ALA C 241 -15.32 -0.40 -21.58
C ALA C 241 -14.15 0.49 -21.94
N PRO C 242 -13.06 -0.12 -22.46
CA PRO C 242 -11.92 0.66 -22.94
C PRO C 242 -12.26 1.95 -23.77
N LEU C 243 -13.27 1.94 -24.64
CA LEU C 243 -13.47 3.18 -25.41
C LEU C 243 -14.41 4.12 -24.68
N LYS C 244 -15.08 3.63 -23.64
CA LYS C 244 -15.90 4.47 -22.81
C LYS C 244 -17.10 5.01 -23.58
N ARG C 245 -17.66 4.17 -24.44
CA ARG C 245 -18.81 4.54 -25.27
C ARG C 245 -19.42 3.23 -25.75
N ASN C 246 -20.67 3.31 -26.17
CA ASN C 246 -21.31 2.15 -26.81
C ASN C 246 -21.04 2.11 -28.32
N VAL C 247 -21.34 0.96 -28.94
CA VAL C 247 -21.14 0.81 -30.38
C VAL C 247 -22.48 0.98 -31.05
N ASP C 248 -22.49 1.19 -32.38
CA ASP C 248 -23.75 1.17 -33.11
C ASP C 248 -23.72 0.21 -34.27
N GLN C 249 -24.87 0.16 -34.95
CA GLN C 249 -25.15 -0.84 -35.98
C GLN C 249 -24.19 -0.72 -37.16
N VAL C 250 -23.80 0.51 -37.48
CA VAL C 250 -22.90 0.80 -38.60
C VAL C 250 -21.49 0.28 -38.26
N GLU C 251 -21.09 0.45 -37.01
CA GLU C 251 -19.87 -0.20 -36.59
C GLU C 251 -19.92 -1.71 -36.75
N VAL C 252 -21.07 -2.33 -36.51
CA VAL C 252 -21.20 -3.79 -36.83
C VAL C 252 -21.12 -4.01 -38.35
N GLY C 253 -21.81 -3.17 -39.11
CA GLY C 253 -21.72 -3.20 -40.58
C GLY C 253 -20.31 -3.08 -41.16
N LYS C 254 -19.53 -2.12 -40.63
CA LYS C 254 -18.13 -2.04 -41.02
C LYS C 254 -17.34 -3.35 -40.78
N THR C 255 -17.47 -3.98 -39.62
CA THR C 255 -16.75 -5.21 -39.47
C THR C 255 -17.34 -6.31 -40.34
N ALA C 256 -18.64 -6.22 -40.63
CA ALA C 256 -19.25 -7.21 -41.49
C ALA C 256 -18.68 -7.08 -42.90
N ALA C 257 -18.52 -5.83 -43.38
CA ALA C 257 -17.90 -5.60 -44.70
C ALA C 257 -16.51 -6.26 -44.76
N TYR C 258 -15.73 -6.14 -43.69
CA TYR C 258 -14.44 -6.85 -43.60
C TYR C 258 -14.61 -8.39 -43.70
N LEU C 259 -15.48 -8.95 -42.87
CA LEU C 259 -15.63 -10.40 -42.78
C LEU C 259 -16.22 -11.04 -44.04
N LEU C 260 -17.03 -10.29 -44.75
CA LEU C 260 -17.74 -10.76 -45.93
C LEU C 260 -16.90 -10.58 -47.18
N SER C 261 -15.82 -9.82 -47.07
CA SER C 261 -15.03 -9.47 -48.24
C SER C 261 -13.66 -10.18 -48.29
N ASP C 262 -12.90 -9.93 -49.35
CA ASP C 262 -11.60 -10.55 -49.49
C ASP C 262 -10.59 -10.01 -48.47
N LEU C 263 -10.91 -8.90 -47.82
CA LEU C 263 -9.97 -8.39 -46.84
C LEU C 263 -9.76 -9.41 -45.72
N SER C 264 -10.72 -10.31 -45.52
CA SER C 264 -10.55 -11.27 -44.44
C SER C 264 -10.27 -12.69 -44.90
N SER C 265 -9.69 -12.85 -46.09
N SER C 265 -9.57 -12.82 -46.02
CA SER C 265 -9.22 -14.17 -46.51
CA SER C 265 -9.45 -14.10 -46.74
C SER C 265 -8.23 -14.68 -45.49
C SER C 265 -8.86 -15.26 -45.94
N GLY C 266 -8.32 -15.97 -45.17
N GLY C 266 -8.06 -14.96 -44.92
CA GLY C 266 -7.48 -16.54 -44.12
CA GLY C 266 -7.38 -16.00 -44.13
C GLY C 266 -8.14 -16.51 -42.74
C GLY C 266 -8.05 -16.33 -42.81
N VAL C 267 -9.25 -15.78 -42.61
CA VAL C 267 -9.94 -15.75 -41.32
C VAL C 267 -11.23 -16.54 -41.36
N THR C 268 -11.34 -17.54 -40.48
CA THR C 268 -12.51 -18.39 -40.41
C THR C 268 -12.55 -19.07 -39.02
N GLY C 269 -13.74 -19.46 -38.55
CA GLY C 269 -13.99 -19.88 -37.17
C GLY C 269 -13.70 -18.80 -36.14
N GLU C 270 -13.64 -17.53 -36.54
CA GLU C 270 -13.29 -16.45 -35.66
C GLU C 270 -14.56 -15.75 -35.10
N ASN C 271 -14.37 -15.06 -33.98
CA ASN C 271 -15.43 -14.30 -33.32
C ASN C 271 -14.80 -12.97 -32.95
N ILE C 272 -15.12 -11.96 -33.76
CA ILE C 272 -14.62 -10.62 -33.55
C ILE C 272 -15.60 -9.79 -32.70
N HIS C 273 -15.11 -9.24 -31.58
CA HIS C 273 -15.97 -8.53 -30.64
C HIS C 273 -16.02 -7.08 -31.09
N VAL C 274 -17.21 -6.60 -31.47
CA VAL C 274 -17.34 -5.18 -31.81
C VAL C 274 -18.05 -4.51 -30.65
N ASP C 275 -17.29 -4.17 -29.60
CA ASP C 275 -17.90 -3.89 -28.31
C ASP C 275 -17.14 -2.91 -27.42
N SER C 276 -16.47 -1.94 -28.04
CA SER C 276 -15.59 -0.98 -27.40
C SER C 276 -14.54 -1.61 -26.50
N GLY C 277 -14.31 -2.92 -26.65
CA GLY C 277 -13.25 -3.58 -25.91
C GLY C 277 -13.74 -4.24 -24.64
N PHE C 278 -15.06 -4.25 -24.42
CA PHE C 278 -15.58 -4.72 -23.15
C PHE C 278 -15.24 -6.19 -22.86
N HIS C 279 -15.15 -7.00 -23.89
CA HIS C 279 -14.78 -8.40 -23.73
C HIS C 279 -13.39 -8.61 -23.12
N ALA C 280 -12.51 -7.63 -23.28
CA ALA C 280 -11.11 -7.80 -22.90
C ALA C 280 -10.79 -7.41 -21.45
N ILE C 281 -11.77 -6.81 -20.78
CA ILE C 281 -11.64 -6.39 -19.39
C ILE C 281 -12.49 -7.22 -18.41
N LYS C 282 -12.05 -7.29 -17.16
CA LYS C 282 -12.85 -7.77 -16.06
C LYS C 282 -12.77 -6.80 -14.89
N ASN D 29 -13.16 -37.43 2.53
CA ASN D 29 -14.11 -38.35 3.20
C ASN D 29 -15.58 -38.00 3.03
N LEU D 30 -16.34 -38.91 2.44
CA LEU D 30 -17.73 -38.60 2.13
C LEU D 30 -18.78 -39.38 2.96
N GLU D 31 -18.45 -39.80 4.17
CA GLU D 31 -19.45 -40.45 5.01
C GLU D 31 -20.58 -39.48 5.33
N ASN D 32 -21.79 -39.99 5.56
CA ASN D 32 -22.93 -39.09 5.85
C ASN D 32 -23.19 -38.12 4.69
N LYS D 33 -22.72 -38.48 3.51
CA LYS D 33 -22.97 -37.70 2.30
C LYS D 33 -23.73 -38.57 1.28
N THR D 34 -24.55 -37.93 0.45
CA THR D 34 -25.40 -38.66 -0.47
C THR D 34 -25.41 -37.99 -1.83
N TYR D 35 -25.17 -38.78 -2.87
CA TYR D 35 -25.04 -38.20 -4.21
C TYR D 35 -25.85 -39.04 -5.16
N VAL D 36 -26.47 -38.40 -6.14
CA VAL D 36 -27.29 -39.06 -7.15
C VAL D 36 -26.44 -39.15 -8.42
N ILE D 37 -26.29 -40.32 -9.00
CA ILE D 37 -25.39 -40.47 -10.13
C ILE D 37 -26.24 -40.85 -11.33
N MET D 38 -26.23 -39.98 -12.34
CA MET D 38 -27.02 -40.25 -13.54
C MET D 38 -26.12 -40.70 -14.69
N GLY D 39 -26.47 -41.82 -15.30
CA GLY D 39 -25.94 -42.13 -16.62
C GLY D 39 -25.02 -43.32 -16.65
N ILE D 40 -25.18 -44.25 -15.72
CA ILE D 40 -24.47 -45.51 -15.81
C ILE D 40 -25.25 -46.47 -16.73
N ALA D 41 -24.53 -46.97 -17.73
CA ALA D 41 -25.07 -48.00 -18.63
C ALA D 41 -24.36 -49.35 -18.50
N ASN D 42 -23.07 -49.34 -18.13
CA ASN D 42 -22.29 -50.57 -17.96
C ASN D 42 -20.97 -50.33 -17.22
N LYS D 43 -20.14 -51.37 -17.14
CA LYS D 43 -18.91 -51.31 -16.34
C LYS D 43 -17.96 -50.23 -16.82
N ARG D 44 -18.18 -49.78 -18.05
CA ARG D 44 -17.30 -48.83 -18.70
C ARG D 44 -17.83 -47.41 -18.65
N SER D 45 -19.07 -47.22 -18.25
CA SER D 45 -19.60 -45.88 -18.14
C SER D 45 -18.71 -44.95 -17.30
N ILE D 46 -18.59 -43.70 -17.75
CA ILE D 46 -17.79 -42.77 -16.99
C ILE D 46 -18.38 -42.67 -15.57
N ALA D 47 -19.71 -42.69 -15.51
CA ALA D 47 -20.38 -42.58 -14.21
C ALA D 47 -20.10 -43.77 -13.26
N PHE D 48 -19.72 -44.92 -13.80
CA PHE D 48 -19.38 -46.02 -12.91
C PHE D 48 -18.01 -45.80 -12.23
N GLY D 49 -17.12 -45.10 -12.94
CA GLY D 49 -15.82 -44.80 -12.37
C GLY D 49 -16.01 -43.74 -11.30
N VAL D 50 -16.87 -42.77 -11.60
CA VAL D 50 -17.31 -41.79 -10.63
C VAL D 50 -17.89 -42.50 -9.38
N ALA D 51 -18.81 -43.43 -9.61
CA ALA D 51 -19.36 -44.29 -8.54
C ALA D 51 -18.36 -45.00 -7.62
N LYS D 52 -17.36 -45.64 -8.20
CA LYS D 52 -16.48 -46.47 -7.41
C LYS D 52 -15.67 -45.59 -6.47
N VAL D 53 -15.33 -44.39 -6.98
CA VAL D 53 -14.53 -43.46 -6.21
C VAL D 53 -15.31 -42.93 -5.00
N LEU D 54 -16.46 -42.30 -5.25
CA LEU D 54 -17.35 -41.90 -4.16
C LEU D 54 -17.74 -43.05 -3.20
N ASP D 55 -17.96 -44.24 -3.73
CA ASP D 55 -18.37 -45.34 -2.85
C ASP D 55 -17.19 -45.64 -1.94
N GLN D 56 -15.98 -45.68 -2.51
CA GLN D 56 -14.82 -46.00 -1.71
C GLN D 56 -14.57 -44.89 -0.70
N LEU D 57 -14.97 -43.65 -1.00
CA LEU D 57 -14.86 -42.55 -0.06
C LEU D 57 -16.00 -42.51 0.98
N GLY D 58 -16.96 -43.44 0.91
CA GLY D 58 -17.93 -43.66 1.99
C GLY D 58 -19.29 -43.00 1.77
N ALA D 59 -19.47 -42.39 0.61
CA ALA D 59 -20.76 -41.81 0.23
C ALA D 59 -21.88 -42.88 0.10
N LYS D 60 -23.11 -42.50 0.46
CA LYS D 60 -24.33 -43.19 -0.02
C LYS D 60 -24.67 -42.75 -1.45
N LEU D 61 -24.86 -43.71 -2.36
CA LEU D 61 -25.20 -43.35 -3.75
C LEU D 61 -26.63 -43.73 -4.14
N VAL D 62 -27.22 -42.97 -5.04
CA VAL D 62 -28.53 -43.24 -5.60
C VAL D 62 -28.22 -43.25 -7.09
N PHE D 63 -28.78 -44.18 -7.84
CA PHE D 63 -28.48 -44.22 -9.27
C PHE D 63 -29.69 -43.99 -10.17
N THR D 64 -29.51 -43.29 -11.27
CA THR D 64 -30.65 -43.17 -12.17
C THR D 64 -30.30 -43.71 -13.56
N TYR D 65 -31.23 -44.43 -14.16
CA TYR D 65 -30.98 -45.11 -15.41
C TYR D 65 -32.15 -44.83 -16.35
N ARG D 66 -31.96 -44.99 -17.66
CA ARG D 66 -33.09 -44.89 -18.58
C ARG D 66 -33.58 -46.26 -19.10
N LYS D 67 -32.65 -47.10 -19.50
CA LYS D 67 -33.00 -48.29 -20.24
C LYS D 67 -33.21 -49.44 -19.27
N GLU D 68 -34.13 -50.33 -19.58
CA GLU D 68 -34.21 -51.53 -18.75
C GLU D 68 -32.86 -52.24 -18.51
N ARG D 69 -32.07 -52.42 -19.56
CA ARG D 69 -30.83 -53.19 -19.41
C ARG D 69 -29.84 -52.46 -18.51
N SER D 70 -29.94 -51.14 -18.46
CA SER D 70 -29.04 -50.41 -17.58
C SER D 70 -29.34 -50.71 -16.10
N ARG D 71 -30.63 -50.90 -15.80
CA ARG D 71 -31.02 -51.37 -14.48
C ARG D 71 -30.42 -52.74 -14.16
N LYS D 72 -30.64 -53.76 -14.99
CA LYS D 72 -30.00 -55.07 -14.71
C LYS D 72 -28.48 -54.93 -14.51
N GLU D 73 -27.85 -54.17 -15.41
CA GLU D 73 -26.42 -53.89 -15.42
C GLU D 73 -25.99 -53.26 -14.10
N LEU D 74 -26.67 -52.16 -13.77
CA LEU D 74 -26.56 -51.54 -12.47
C LEU D 74 -26.66 -52.54 -11.33
N GLU D 75 -27.68 -53.40 -11.35
CA GLU D 75 -27.85 -54.34 -10.24
C GLU D 75 -26.64 -55.26 -10.05
N LYS D 76 -26.06 -55.74 -11.16
CA LYS D 76 -24.78 -56.47 -11.13
C LYS D 76 -23.59 -55.66 -10.67
N LEU D 77 -23.39 -54.49 -11.28
CA LEU D 77 -22.34 -53.57 -10.89
C LEU D 77 -22.37 -53.17 -9.41
N LEU D 78 -23.56 -53.11 -8.81
CA LEU D 78 -23.69 -52.73 -7.39
C LEU D 78 -23.07 -53.74 -6.41
N GLU D 79 -22.81 -54.93 -6.93
CA GLU D 79 -22.22 -55.99 -6.13
C GLU D 79 -20.75 -55.69 -5.78
N GLN D 80 -20.09 -54.90 -6.63
CA GLN D 80 -18.72 -54.46 -6.43
C GLN D 80 -18.59 -53.32 -5.43
N LEU D 81 -19.69 -52.62 -5.16
CA LEU D 81 -19.68 -51.47 -4.27
C LEU D 81 -20.03 -51.86 -2.84
N ASN D 82 -20.02 -50.89 -1.94
CA ASN D 82 -20.39 -51.17 -0.57
C ASN D 82 -21.71 -50.54 -0.23
N GLN D 83 -22.39 -49.96 -1.21
CA GLN D 83 -23.80 -49.60 -1.03
C GLN D 83 -24.56 -50.79 -0.41
N PRO D 84 -24.97 -50.65 0.87
CA PRO D 84 -25.59 -51.79 1.53
C PRO D 84 -26.97 -51.98 0.95
N GLU D 85 -27.36 -51.08 0.06
CA GLU D 85 -28.62 -51.25 -0.67
C GLU D 85 -28.76 -50.45 -1.96
N ALA D 86 -29.67 -50.96 -2.78
CA ALA D 86 -29.81 -50.60 -4.19
C ALA D 86 -30.92 -49.56 -4.34
N HIS D 87 -30.51 -48.30 -4.38
CA HIS D 87 -31.41 -47.19 -4.67
C HIS D 87 -31.33 -46.84 -6.15
N LEU D 88 -32.32 -47.30 -6.93
CA LEU D 88 -32.35 -47.15 -8.39
C LEU D 88 -33.67 -46.53 -8.82
N TYR D 89 -33.63 -45.61 -9.77
CA TYR D 89 -34.79 -44.84 -10.19
C TYR D 89 -34.68 -44.72 -11.70
N GLN D 90 -35.72 -45.14 -12.41
CA GLN D 90 -35.74 -44.93 -13.84
C GLN D 90 -36.10 -43.48 -14.15
N ILE D 91 -35.26 -42.78 -14.91
CA ILE D 91 -35.53 -41.40 -15.25
C ILE D 91 -34.95 -41.25 -16.62
N ASP D 92 -35.84 -41.06 -17.60
CA ASP D 92 -35.52 -40.47 -18.89
C ASP D 92 -35.60 -38.94 -18.83
N VAL D 93 -34.51 -38.25 -19.14
CA VAL D 93 -34.45 -36.79 -18.97
C VAL D 93 -35.16 -35.99 -20.07
N GLN D 94 -35.64 -36.73 -21.06
CA GLN D 94 -36.58 -36.15 -22.03
C GLN D 94 -37.96 -35.88 -21.42
N SER D 95 -38.27 -36.56 -20.32
CA SER D 95 -39.55 -36.36 -19.65
C SER D 95 -39.41 -35.46 -18.43
N ASP D 96 -39.98 -34.26 -18.49
CA ASP D 96 -40.14 -33.42 -17.28
C ASP D 96 -40.65 -34.17 -16.05
N GLU D 97 -41.71 -34.97 -16.25
CA GLU D 97 -42.39 -35.63 -15.13
C GLU D 97 -41.57 -36.77 -14.55
N GLU D 98 -40.85 -37.50 -15.38
CA GLU D 98 -39.92 -38.49 -14.87
C GLU D 98 -38.79 -37.84 -14.05
N VAL D 99 -38.35 -36.66 -14.46
CA VAL D 99 -37.29 -36.03 -13.71
C VAL D 99 -37.85 -35.52 -12.37
N ILE D 100 -38.99 -34.81 -12.44
CA ILE D 100 -39.68 -34.23 -11.29
C ILE D 100 -40.05 -35.30 -10.25
N ASN D 101 -40.80 -36.33 -10.65
CA ASN D 101 -41.20 -37.42 -9.78
C ASN D 101 -40.02 -38.20 -9.26
N GLY D 102 -39.06 -38.45 -10.14
CA GLY D 102 -37.88 -39.23 -9.72
C GLY D 102 -37.11 -38.54 -8.61
N PHE D 103 -36.85 -37.25 -8.77
CA PHE D 103 -36.14 -36.56 -7.71
C PHE D 103 -37.03 -36.45 -6.46
N GLU D 104 -38.33 -36.22 -6.64
CA GLU D 104 -39.24 -36.17 -5.51
C GLU D 104 -39.21 -37.50 -4.72
N GLN D 105 -39.30 -38.61 -5.44
CA GLN D 105 -39.17 -39.91 -4.80
C GLN D 105 -37.82 -40.09 -4.10
N ILE D 106 -36.72 -39.73 -4.75
CA ILE D 106 -35.41 -39.81 -4.10
C ILE D 106 -35.40 -39.10 -2.73
N GLY D 107 -35.98 -37.91 -2.69
CA GLY D 107 -36.15 -37.16 -1.47
C GLY D 107 -36.95 -37.93 -0.44
N LYS D 108 -38.07 -38.53 -0.85
CA LYS D 108 -38.86 -39.34 0.09
C LYS D 108 -38.05 -40.52 0.60
N ASP D 109 -37.28 -41.16 -0.26
CA ASP D 109 -36.62 -42.43 0.07
C ASP D 109 -35.35 -42.30 0.91
N VAL D 110 -34.65 -41.19 0.70
CA VAL D 110 -33.27 -41.08 1.12
C VAL D 110 -32.97 -39.76 1.84
N GLY D 111 -33.80 -38.74 1.61
CA GLY D 111 -33.70 -37.46 2.31
C GLY D 111 -32.98 -36.45 1.43
N ASN D 112 -32.49 -35.37 2.04
CA ASN D 112 -31.68 -34.40 1.35
C ASN D 112 -30.36 -34.97 0.85
N ILE D 113 -29.94 -34.48 -0.32
CA ILE D 113 -28.68 -34.93 -0.96
C ILE D 113 -27.62 -33.82 -0.97
N ASP D 114 -26.39 -34.22 -1.30
CA ASP D 114 -25.24 -33.33 -1.28
C ASP D 114 -24.75 -32.98 -2.68
N GLY D 115 -25.17 -33.74 -3.68
CA GLY D 115 -25.11 -33.17 -5.04
C GLY D 115 -25.43 -34.22 -6.07
N VAL D 116 -25.19 -33.91 -7.35
CA VAL D 116 -25.61 -34.74 -8.49
C VAL D 116 -24.47 -34.83 -9.49
N TYR D 117 -24.18 -36.07 -9.90
CA TYR D 117 -23.26 -36.25 -11.02
C TYR D 117 -24.04 -36.56 -12.31
N HIS D 118 -23.96 -35.63 -13.25
CA HIS D 118 -24.67 -35.80 -14.50
C HIS D 118 -23.74 -36.35 -15.57
N SER D 119 -24.11 -37.51 -16.11
CA SER D 119 -23.23 -38.20 -17.07
C SER D 119 -24.08 -38.74 -18.22
N ILE D 120 -24.87 -37.86 -18.84
CA ILE D 120 -25.93 -38.23 -19.78
C ILE D 120 -25.77 -37.39 -21.05
N ALA D 121 -25.79 -38.02 -22.21
CA ALA D 121 -25.72 -37.28 -23.48
C ALA D 121 -26.24 -38.20 -24.58
N PHE D 122 -26.73 -37.63 -25.65
CA PHE D 122 -27.18 -38.43 -26.81
C PHE D 122 -27.13 -37.65 -28.10
N ALA D 123 -26.78 -38.33 -29.17
CA ALA D 123 -27.06 -37.81 -30.52
C ALA D 123 -27.27 -38.99 -31.45
N ASN D 124 -28.03 -38.84 -32.52
CA ASN D 124 -28.14 -39.93 -33.52
C ASN D 124 -26.80 -40.19 -34.21
N MET D 125 -26.52 -41.48 -34.39
CA MET D 125 -25.29 -41.91 -35.02
C MET D 125 -24.98 -41.26 -36.37
N GLU D 126 -25.97 -41.06 -37.24
CA GLU D 126 -25.72 -40.45 -38.55
C GLU D 126 -25.13 -39.05 -38.45
N ASP D 127 -25.50 -38.40 -37.35
CA ASP D 127 -25.03 -37.08 -37.09
C ASP D 127 -23.58 -37.11 -36.59
N LEU D 128 -23.06 -38.26 -36.19
CA LEU D 128 -21.73 -38.29 -35.55
C LEU D 128 -20.54 -38.60 -36.48
N ARG D 129 -20.72 -38.23 -37.74
CA ARG D 129 -19.80 -38.52 -38.85
C ARG D 129 -20.12 -37.61 -40.03
N GLY D 130 -19.43 -37.78 -41.15
CA GLY D 130 -19.69 -36.95 -42.33
C GLY D 130 -19.72 -35.45 -42.06
N ARG D 131 -20.76 -34.76 -42.53
CA ARG D 131 -20.66 -33.32 -42.64
C ARG D 131 -21.61 -32.67 -41.63
N PHE D 132 -21.06 -31.89 -40.69
CA PHE D 132 -21.90 -31.28 -39.65
C PHE D 132 -23.01 -30.43 -40.27
N SER D 133 -22.72 -29.81 -41.40
CA SER D 133 -23.68 -28.93 -42.07
C SER D 133 -24.91 -29.68 -42.59
N GLU D 134 -24.85 -31.01 -42.61
CA GLU D 134 -25.99 -31.79 -43.03
C GLU D 134 -26.82 -32.23 -41.83
N THR D 135 -26.51 -31.77 -40.62
CA THR D 135 -27.28 -32.15 -39.45
C THR D 135 -28.77 -31.76 -39.56
N SER D 136 -29.68 -32.72 -39.32
CA SER D 136 -31.13 -32.43 -39.23
C SER D 136 -31.56 -31.62 -37.99
N ARG D 137 -32.59 -30.80 -38.19
CA ARG D 137 -33.18 -30.03 -37.09
C ARG D 137 -33.49 -30.96 -35.91
N GLU D 138 -34.12 -32.10 -36.22
CA GLU D 138 -34.54 -33.11 -35.25
CA GLU D 138 -34.54 -33.06 -35.21
C GLU D 138 -33.33 -33.60 -34.47
N GLY D 139 -32.27 -33.97 -35.20
CA GLY D 139 -31.07 -34.48 -34.56
C GLY D 139 -30.35 -33.38 -33.79
N PHE D 140 -30.32 -32.18 -34.37
CA PHE D 140 -29.71 -31.10 -33.62
C PHE D 140 -30.47 -30.85 -32.31
N LEU D 141 -31.80 -30.92 -32.33
CA LEU D 141 -32.56 -30.56 -31.15
C LEU D 141 -32.55 -31.68 -30.10
N LEU D 142 -32.56 -32.92 -30.59
CA LEU D 142 -32.44 -34.10 -29.71
C LEU D 142 -31.16 -34.03 -28.87
N ALA D 143 -30.04 -33.80 -29.53
CA ALA D 143 -28.77 -33.62 -28.82
C ALA D 143 -28.81 -32.53 -27.73
N GLN D 144 -29.31 -31.34 -28.08
CA GLN D 144 -29.54 -30.23 -27.14
C GLN D 144 -30.41 -30.63 -25.95
N ASP D 145 -31.47 -31.37 -26.26
CA ASP D 145 -32.47 -31.70 -25.25
C ASP D 145 -31.84 -32.62 -24.18
N ILE D 146 -31.30 -33.75 -24.65
CA ILE D 146 -30.73 -34.73 -23.75
C ILE D 146 -29.40 -34.28 -23.14
N SER D 147 -28.58 -33.62 -23.95
CA SER D 147 -27.17 -33.39 -23.59
C SER D 147 -26.90 -32.06 -22.87
N SER D 148 -27.91 -31.19 -22.85
CA SER D 148 -27.77 -29.88 -22.28
C SER D 148 -28.97 -29.49 -21.42
N TYR D 149 -30.15 -29.38 -22.05
CA TYR D 149 -31.33 -28.98 -21.28
C TYR D 149 -31.53 -29.85 -20.04
N SER D 150 -31.25 -31.15 -20.14
CA SER D 150 -31.43 -32.05 -19.01
C SER D 150 -30.70 -31.59 -17.74
N LEU D 151 -29.58 -30.89 -17.91
CA LEU D 151 -28.89 -30.36 -16.74
C LEU D 151 -29.74 -29.30 -16.04
N THR D 152 -30.36 -28.40 -16.80
CA THR D 152 -31.22 -27.34 -16.28
C THR D 152 -32.36 -27.89 -15.39
N ILE D 153 -33.12 -28.85 -15.90
CA ILE D 153 -34.24 -29.39 -15.15
C ILE D 153 -33.78 -30.29 -13.98
N VAL D 154 -32.75 -31.08 -14.20
CA VAL D 154 -32.16 -31.81 -13.08
C VAL D 154 -31.75 -30.90 -11.93
N ALA D 155 -31.08 -29.78 -12.25
CA ALA D 155 -30.67 -28.82 -11.25
C ALA D 155 -31.87 -28.21 -10.53
N HIS D 156 -32.86 -27.73 -11.29
CA HIS D 156 -34.10 -27.23 -10.68
C HIS D 156 -34.67 -28.21 -9.67
N GLU D 157 -34.68 -29.50 -9.98
CA GLU D 157 -35.44 -30.42 -9.13
C GLU D 157 -34.55 -30.84 -8.00
N ALA D 158 -33.27 -31.05 -8.34
CA ALA D 158 -32.28 -31.46 -7.34
C ALA D 158 -32.11 -30.37 -6.26
N LYS D 159 -32.28 -29.11 -6.67
CA LYS D 159 -32.16 -28.01 -5.74
C LYS D 159 -33.12 -28.17 -4.56
N LYS D 160 -34.34 -28.61 -4.81
CA LYS D 160 -35.34 -28.83 -3.76
C LYS D 160 -34.82 -29.79 -2.68
N LEU D 161 -33.83 -30.60 -3.04
CA LEU D 161 -33.25 -31.57 -2.09
C LEU D 161 -31.94 -31.06 -1.46
N MET D 162 -31.62 -29.79 -1.68
CA MET D 162 -30.35 -29.26 -1.23
C MET D 162 -30.52 -27.89 -0.55
N PRO D 163 -31.31 -27.85 0.54
CA PRO D 163 -31.65 -26.57 1.18
C PRO D 163 -30.44 -25.88 1.81
N GLU D 164 -29.45 -26.65 2.25
CA GLU D 164 -28.24 -26.04 2.76
C GLU D 164 -27.13 -25.98 1.72
N GLY D 165 -27.49 -26.13 0.45
CA GLY D 165 -26.52 -26.10 -0.66
C GLY D 165 -25.99 -27.46 -1.07
N GLY D 166 -25.09 -27.48 -2.06
CA GLY D 166 -24.57 -28.71 -2.63
C GLY D 166 -23.74 -28.49 -3.88
N SER D 167 -23.59 -29.56 -4.64
CA SER D 167 -22.68 -29.51 -5.76
C SER D 167 -23.19 -30.26 -6.99
N ILE D 168 -23.17 -29.66 -8.16
CA ILE D 168 -23.62 -30.38 -9.36
C ILE D 168 -22.52 -30.42 -10.41
N VAL D 169 -22.26 -31.59 -10.95
CA VAL D 169 -21.17 -31.76 -11.88
C VAL D 169 -21.68 -32.42 -13.16
N ALA D 170 -21.38 -31.79 -14.30
CA ALA D 170 -21.70 -32.38 -15.60
C ALA D 170 -20.42 -32.75 -16.35
N THR D 171 -20.52 -33.76 -17.20
CA THR D 171 -19.39 -34.28 -17.99
C THR D 171 -19.42 -33.69 -19.40
N THR D 172 -18.35 -33.04 -19.81
CA THR D 172 -18.24 -32.51 -21.18
C THR D 172 -16.98 -33.01 -21.93
N TYR D 173 -16.78 -32.49 -23.13
CA TYR D 173 -15.64 -32.89 -23.93
C TYR D 173 -15.07 -31.63 -24.56
N LEU D 174 -13.77 -31.66 -24.87
CA LEU D 174 -13.06 -30.55 -25.52
C LEU D 174 -13.73 -30.14 -26.82
N GLY D 175 -14.41 -31.09 -27.47
CA GLY D 175 -15.27 -30.75 -28.60
C GLY D 175 -16.25 -29.60 -28.40
N GLY D 176 -16.55 -29.23 -27.15
CA GLY D 176 -17.48 -28.12 -26.91
C GLY D 176 -16.78 -26.76 -27.04
N GLU D 177 -15.44 -26.77 -27.03
CA GLU D 177 -14.60 -25.56 -27.07
C GLU D 177 -13.97 -25.32 -28.43
N PHE D 178 -13.67 -26.39 -29.15
CA PHE D 178 -13.01 -26.33 -30.45
C PHE D 178 -13.75 -27.26 -31.39
N ALA D 179 -13.70 -26.99 -32.68
CA ALA D 179 -14.32 -27.92 -33.60
C ALA D 179 -13.39 -29.14 -33.77
N VAL D 180 -13.92 -30.30 -33.43
CA VAL D 180 -13.19 -31.56 -33.55
C VAL D 180 -13.91 -32.39 -34.61
N GLN D 181 -13.14 -32.88 -35.56
CA GLN D 181 -13.57 -33.76 -36.65
C GLN D 181 -14.50 -34.89 -36.18
N ASN D 182 -15.68 -34.99 -36.80
CA ASN D 182 -16.67 -36.01 -36.46
C ASN D 182 -17.56 -35.72 -35.26
N TYR D 183 -17.12 -34.90 -34.33
CA TYR D 183 -17.90 -34.80 -33.12
C TYR D 183 -19.17 -34.00 -33.40
N ASN D 184 -19.08 -33.07 -34.34
CA ASN D 184 -20.23 -32.46 -34.99
C ASN D 184 -21.34 -31.99 -34.06
N VAL D 185 -22.54 -32.56 -34.16
CA VAL D 185 -23.66 -32.02 -33.41
C VAL D 185 -23.41 -32.08 -31.88
N MET D 186 -22.65 -33.08 -31.41
CA MET D 186 -22.39 -33.22 -29.98
C MET D 186 -21.46 -32.13 -29.44
N GLY D 187 -20.54 -31.66 -30.27
CA GLY D 187 -19.80 -30.40 -30.05
C GLY D 187 -20.63 -29.17 -29.74
N VAL D 188 -21.65 -28.92 -30.55
CA VAL D 188 -22.52 -27.76 -30.31
C VAL D 188 -23.39 -28.07 -29.11
N ALA D 189 -23.79 -29.32 -28.90
CA ALA D 189 -24.50 -29.66 -27.68
C ALA D 189 -23.60 -29.46 -26.46
N LYS D 190 -22.32 -29.84 -26.53
CA LYS D 190 -21.44 -29.65 -25.37
C LYS D 190 -21.14 -28.16 -25.11
N ALA D 191 -21.01 -27.36 -26.16
CA ALA D 191 -20.78 -25.96 -25.93
C ALA D 191 -22.00 -25.43 -25.19
N SER D 192 -23.17 -25.94 -25.57
CA SER D 192 -24.39 -25.53 -24.90
C SER D 192 -24.34 -25.98 -23.43
N LEU D 193 -23.97 -27.24 -23.17
CA LEU D 193 -23.75 -27.73 -21.79
C LEU D 193 -22.85 -26.84 -20.93
N GLU D 194 -21.70 -26.48 -21.49
CA GLU D 194 -20.71 -25.70 -20.78
C GLU D 194 -21.21 -24.29 -20.40
N ALA D 195 -22.00 -23.65 -21.27
CA ALA D 195 -22.65 -22.39 -20.90
C ALA D 195 -23.82 -22.57 -19.95
N ASN D 196 -24.56 -23.66 -20.12
CA ASN D 196 -25.58 -24.10 -19.18
C ASN D 196 -24.96 -24.16 -17.77
N VAL D 197 -23.76 -24.72 -17.69
CA VAL D 197 -23.06 -24.82 -16.39
C VAL D 197 -22.74 -23.41 -15.83
N LYS D 198 -22.36 -22.47 -16.70
CA LYS D 198 -22.05 -21.12 -16.17
C LYS D 198 -23.32 -20.38 -15.71
N TYR D 199 -24.42 -20.53 -16.44
CA TYR D 199 -25.64 -19.82 -16.10
C TYR D 199 -26.25 -20.45 -14.85
N LEU D 200 -26.22 -21.78 -14.71
CA LEU D 200 -26.68 -22.38 -13.47
C LEU D 200 -25.77 -21.94 -12.32
N ALA D 201 -24.47 -21.73 -12.56
CA ALA D 201 -23.59 -21.46 -11.43
C ALA D 201 -24.00 -20.13 -10.86
N LEU D 202 -24.23 -19.19 -11.78
CA LEU D 202 -24.64 -17.85 -11.43
C LEU D 202 -26.01 -17.84 -10.72
N ASP D 203 -26.99 -18.55 -11.28
CA ASP D 203 -28.36 -18.60 -10.73
C ASP D 203 -28.35 -19.26 -9.32
N LEU D 204 -27.58 -20.32 -9.18
CA LEU D 204 -27.77 -21.15 -7.97
C LEU D 204 -26.77 -20.82 -6.86
N GLY D 205 -25.77 -19.99 -7.22
CA GLY D 205 -24.68 -19.57 -6.33
C GLY D 205 -25.21 -19.02 -5.02
N PRO D 206 -26.26 -18.17 -5.09
CA PRO D 206 -26.77 -17.64 -3.82
C PRO D 206 -27.39 -18.69 -2.91
N ASP D 207 -27.71 -19.86 -3.46
CA ASP D 207 -28.33 -20.92 -2.69
C ASP D 207 -27.28 -21.87 -2.17
N ASN D 208 -26.01 -21.49 -2.37
CA ASN D 208 -24.85 -22.30 -2.05
C ASN D 208 -24.78 -23.60 -2.84
N ILE D 209 -25.20 -23.55 -4.11
CA ILE D 209 -25.07 -24.72 -4.95
C ILE D 209 -24.08 -24.37 -6.04
N ARG D 210 -23.00 -25.15 -6.09
CA ARG D 210 -21.92 -24.95 -7.07
C ARG D 210 -22.17 -25.84 -8.29
N VAL D 211 -21.92 -25.31 -9.48
CA VAL D 211 -22.13 -26.10 -10.68
C VAL D 211 -20.91 -26.02 -11.57
N ASN D 212 -20.36 -27.19 -11.92
CA ASN D 212 -19.10 -27.27 -12.66
C ASN D 212 -19.18 -28.40 -13.69
N ALA D 213 -18.11 -28.57 -14.46
CA ALA D 213 -18.03 -29.57 -15.50
C ALA D 213 -16.66 -30.20 -15.43
N ILE D 214 -16.59 -31.48 -15.79
CA ILE D 214 -15.33 -32.16 -16.00
C ILE D 214 -15.28 -32.43 -17.48
N SER D 215 -14.29 -31.86 -18.16
CA SER D 215 -14.02 -32.13 -19.56
C SER D 215 -13.10 -33.32 -19.68
N ALA D 216 -13.68 -34.49 -19.88
CA ALA D 216 -12.95 -35.75 -19.85
C ALA D 216 -12.21 -35.92 -21.17
N GLY D 217 -10.99 -36.44 -21.14
CA GLY D 217 -10.37 -36.96 -22.36
C GLY D 217 -11.08 -38.23 -22.84
N PRO D 218 -10.75 -38.68 -24.06
CA PRO D 218 -11.40 -39.83 -24.69
C PRO D 218 -11.17 -41.12 -23.91
N ILE D 219 -12.26 -41.87 -23.70
CA ILE D 219 -12.32 -43.07 -22.89
C ILE D 219 -13.27 -44.02 -23.60
N ARG D 220 -12.87 -45.30 -23.68
CA ARG D 220 -13.68 -46.29 -24.36
CA ARG D 220 -13.68 -46.29 -24.36
C ARG D 220 -14.97 -46.62 -23.60
N THR D 221 -16.10 -46.14 -24.12
CA THR D 221 -17.41 -46.40 -23.51
C THR D 221 -18.44 -46.89 -24.53
N LEU D 222 -19.58 -47.39 -24.07
CA LEU D 222 -20.70 -47.66 -24.98
C LEU D 222 -20.98 -46.46 -25.91
N SER D 223 -21.18 -45.28 -25.37
CA SER D 223 -21.42 -44.10 -26.21
C SER D 223 -20.27 -43.77 -27.17
N ALA D 224 -19.03 -43.95 -26.71
CA ALA D 224 -17.87 -43.70 -27.57
C ALA D 224 -17.84 -44.55 -28.86
N LYS D 225 -18.46 -45.72 -28.87
CA LYS D 225 -18.45 -46.56 -30.09
C LYS D 225 -19.17 -45.85 -31.24
N GLY D 226 -20.12 -44.99 -30.87
CA GLY D 226 -20.99 -44.30 -31.81
C GLY D 226 -20.35 -43.13 -32.53
N VAL D 227 -19.19 -42.69 -32.07
CA VAL D 227 -18.53 -41.48 -32.61
C VAL D 227 -17.50 -41.82 -33.68
N GLY D 228 -17.64 -41.24 -34.87
CA GLY D 228 -16.66 -41.44 -35.94
C GLY D 228 -15.21 -41.16 -35.56
N GLY D 229 -14.35 -42.15 -35.76
CA GLY D 229 -12.91 -41.92 -35.71
C GLY D 229 -12.38 -41.85 -34.30
N PHE D 230 -13.13 -42.42 -33.36
CA PHE D 230 -12.74 -42.39 -31.95
C PHE D 230 -11.34 -42.93 -31.71
N ASN D 231 -10.97 -44.04 -32.35
CA ASN D 231 -9.70 -44.69 -32.05
C ASN D 231 -8.50 -43.91 -32.51
N THR D 232 -8.63 -43.21 -33.64
CA THR D 232 -7.57 -42.31 -34.08
C THR D 232 -7.26 -41.25 -33.02
N ILE D 233 -8.30 -40.69 -32.42
CA ILE D 233 -8.15 -39.72 -31.34
C ILE D 233 -7.44 -40.31 -30.11
N LEU D 234 -7.80 -41.53 -29.69
CA LEU D 234 -7.11 -42.22 -28.60
C LEU D 234 -5.59 -42.28 -28.75
N LYS D 235 -5.13 -42.73 -29.90
CA LYS D 235 -3.70 -42.76 -30.21
C LYS D 235 -3.03 -41.37 -30.30
N GLU D 236 -3.78 -40.37 -30.76
CA GLU D 236 -3.21 -39.05 -30.91
C GLU D 236 -2.97 -38.43 -29.52
N ILE D 237 -3.82 -38.77 -28.55
CA ILE D 237 -3.66 -38.26 -27.21
C ILE D 237 -2.33 -38.77 -26.67
N GLU D 238 -2.15 -40.09 -26.81
CA GLU D 238 -0.95 -40.77 -26.41
C GLU D 238 0.28 -40.12 -27.03
N GLU D 239 0.17 -39.71 -28.29
CA GLU D 239 1.30 -39.19 -29.04
C GLU D 239 1.61 -37.76 -28.58
N ARG D 240 0.56 -36.97 -28.39
CA ARG D 240 0.69 -35.52 -28.40
CA ARG D 240 0.70 -35.52 -28.39
C ARG D 240 0.37 -34.87 -27.05
N ALA D 241 -0.41 -35.53 -26.19
CA ALA D 241 -0.79 -34.85 -24.91
C ALA D 241 0.40 -34.76 -23.95
N PRO D 242 0.48 -33.73 -23.08
CA PRO D 242 1.64 -33.65 -22.16
C PRO D 242 1.97 -34.94 -21.41
N LEU D 243 0.97 -35.65 -20.88
CA LEU D 243 1.27 -36.87 -20.12
C LEU D 243 1.53 -38.11 -20.97
N LYS D 244 1.27 -38.03 -22.28
CA LYS D 244 1.61 -39.11 -23.22
C LYS D 244 0.85 -40.39 -22.90
N ARG D 245 -0.38 -40.26 -22.40
CA ARG D 245 -1.16 -41.47 -22.07
C ARG D 245 -2.59 -40.99 -22.00
N ASN D 246 -3.53 -41.90 -22.12
CA ASN D 246 -4.95 -41.63 -22.00
C ASN D 246 -5.40 -41.64 -20.54
N VAL D 247 -6.58 -41.05 -20.26
CA VAL D 247 -7.14 -41.04 -18.90
C VAL D 247 -8.15 -42.21 -18.77
N ASP D 248 -8.47 -42.66 -17.56
CA ASP D 248 -9.55 -43.66 -17.37
C ASP D 248 -10.72 -43.08 -16.57
N GLN D 249 -11.74 -43.89 -16.34
CA GLN D 249 -12.98 -43.43 -15.72
C GLN D 249 -12.75 -43.07 -14.25
N VAL D 250 -11.79 -43.76 -13.65
CA VAL D 250 -11.45 -43.50 -12.25
C VAL D 250 -10.77 -42.11 -12.09
N GLU D 251 -9.92 -41.73 -13.04
CA GLU D 251 -9.35 -40.37 -13.03
C GLU D 251 -10.45 -39.33 -13.07
N VAL D 252 -11.54 -39.59 -13.79
CA VAL D 252 -12.67 -38.64 -13.80
C VAL D 252 -13.37 -38.69 -12.46
N GLY D 253 -13.52 -39.89 -11.92
CA GLY D 253 -14.10 -40.04 -10.61
C GLY D 253 -13.33 -39.34 -9.51
N LYS D 254 -12.00 -39.34 -9.55
CA LYS D 254 -11.24 -38.63 -8.51
C LYS D 254 -11.49 -37.13 -8.59
N THR D 255 -11.60 -36.59 -9.81
CA THR D 255 -11.87 -35.15 -9.94
C THR D 255 -13.33 -34.80 -9.61
N ALA D 256 -14.24 -35.73 -9.84
CA ALA D 256 -15.65 -35.67 -9.40
C ALA D 256 -15.75 -35.58 -7.86
N ALA D 257 -14.97 -36.42 -7.18
CA ALA D 257 -14.96 -36.39 -5.72
C ALA D 257 -14.52 -35.02 -5.17
N TYR D 258 -13.46 -34.47 -5.71
CA TYR D 258 -13.09 -33.10 -5.39
C TYR D 258 -14.21 -32.08 -5.67
N LEU D 259 -14.77 -32.12 -6.86
CA LEU D 259 -15.78 -31.12 -7.19
C LEU D 259 -17.09 -31.33 -6.39
N LEU D 260 -17.31 -32.51 -5.84
CA LEU D 260 -18.57 -32.80 -5.17
C LEU D 260 -18.43 -32.60 -3.67
N SER D 261 -17.19 -32.46 -3.22
CA SER D 261 -16.88 -32.27 -1.82
C SER D 261 -16.56 -30.79 -1.52
N ASP D 262 -16.33 -30.53 -0.25
CA ASP D 262 -15.93 -29.24 0.30
C ASP D 262 -14.49 -28.85 -0.11
N LEU D 263 -13.62 -29.81 -0.48
CA LEU D 263 -12.32 -29.45 -1.08
C LEU D 263 -12.45 -28.38 -2.16
N SER D 264 -13.55 -28.39 -2.90
CA SER D 264 -13.68 -27.41 -4.00
C SER D 264 -14.61 -26.26 -3.61
N SER D 265 -14.72 -25.99 -2.31
N SER D 265 -14.71 -26.02 -2.30
CA SER D 265 -15.48 -24.78 -1.93
CA SER D 265 -15.76 -25.12 -1.77
C SER D 265 -14.80 -23.58 -2.61
C SER D 265 -15.87 -23.75 -2.46
N GLY D 266 -15.59 -22.60 -3.02
N GLY D 266 -14.79 -23.26 -3.08
CA GLY D 266 -15.02 -21.49 -3.76
CA GLY D 266 -14.70 -21.89 -3.59
C GLY D 266 -14.96 -21.68 -5.27
C GLY D 266 -14.75 -21.78 -5.11
N VAL D 267 -15.05 -22.93 -5.73
CA VAL D 267 -15.00 -23.18 -7.16
C VAL D 267 -16.40 -23.45 -7.73
N THR D 268 -16.84 -22.65 -8.69
CA THR D 268 -18.11 -22.92 -9.34
C THR D 268 -18.04 -22.27 -10.72
N GLY D 269 -18.79 -22.76 -11.71
CA GLY D 269 -18.76 -22.12 -13.02
C GLY D 269 -17.55 -22.67 -13.79
N GLU D 270 -16.83 -23.62 -13.22
CA GLU D 270 -15.53 -24.00 -13.76
C GLU D 270 -15.66 -25.24 -14.65
N ASN D 271 -14.71 -25.43 -15.57
CA ASN D 271 -14.61 -26.65 -16.36
C ASN D 271 -13.20 -27.23 -16.15
N ILE D 272 -13.03 -28.34 -15.45
CA ILE D 272 -11.70 -28.90 -15.23
C ILE D 272 -11.46 -30.00 -16.26
N HIS D 273 -10.38 -29.90 -17.02
CA HIS D 273 -10.04 -30.88 -18.05
C HIS D 273 -9.28 -32.03 -17.44
N VAL D 274 -9.83 -33.22 -17.56
CA VAL D 274 -9.17 -34.42 -17.07
C VAL D 274 -8.78 -35.20 -18.30
N ASP D 275 -7.70 -34.76 -18.96
CA ASP D 275 -7.41 -35.15 -20.35
C ASP D 275 -5.91 -35.25 -20.67
N SER D 276 -5.11 -35.45 -19.63
CA SER D 276 -3.68 -35.56 -19.81
C SER D 276 -3.03 -34.31 -20.32
N GLY D 277 -3.73 -33.17 -20.22
CA GLY D 277 -3.19 -31.87 -20.64
C GLY D 277 -3.44 -31.56 -22.09
N PHE D 278 -4.13 -32.46 -22.78
CA PHE D 278 -4.38 -32.23 -24.20
C PHE D 278 -4.98 -30.85 -24.46
N HIS D 279 -5.92 -30.39 -23.63
CA HIS D 279 -6.54 -29.10 -23.85
C HIS D 279 -5.55 -27.95 -23.99
N ALA D 280 -4.35 -28.11 -23.43
CA ALA D 280 -3.47 -26.94 -23.19
C ALA D 280 -2.45 -26.80 -24.31
N ILE D 281 -2.45 -27.78 -25.20
CA ILE D 281 -1.48 -27.76 -26.27
C ILE D 281 -2.19 -27.59 -27.59
N LYS D 282 -1.37 -27.45 -28.61
CA LYS D 282 -1.83 -27.24 -29.95
C LYS D 282 -0.63 -27.60 -30.82
N VAL E 28 11.99 36.51 -0.21
CA VAL E 28 12.28 35.49 -1.29
C VAL E 28 12.09 36.02 -2.73
N ASN E 29 13.20 36.17 -3.45
CA ASN E 29 13.28 35.87 -4.87
C ASN E 29 14.57 35.11 -5.11
N LEU E 30 14.50 33.97 -5.76
CA LEU E 30 15.62 33.03 -5.84
C LEU E 30 16.33 33.00 -7.19
N GLU E 31 16.15 34.05 -8.00
CA GLU E 31 16.92 34.20 -9.21
C GLU E 31 18.40 34.08 -8.88
N ASN E 32 19.11 33.34 -9.71
CA ASN E 32 20.55 33.18 -9.58
C ASN E 32 20.93 32.21 -8.45
N LYS E 33 19.94 31.55 -7.84
CA LYS E 33 20.18 30.39 -6.98
C LYS E 33 20.07 29.04 -7.67
N THR E 34 20.62 28.01 -7.06
CA THR E 34 20.53 26.69 -7.66
C THR E 34 20.31 25.75 -6.50
N TYR E 35 19.31 24.90 -6.56
CA TYR E 35 19.16 23.85 -5.51
C TYR E 35 19.08 22.45 -6.09
N VAL E 36 19.45 21.42 -5.33
CA VAL E 36 19.30 20.06 -5.77
C VAL E 36 18.12 19.47 -4.99
N ILE E 37 17.18 18.87 -5.71
CA ILE E 37 15.99 18.36 -5.09
C ILE E 37 16.01 16.87 -5.25
N MET E 38 16.00 16.18 -4.13
CA MET E 38 16.16 14.75 -4.14
C MET E 38 14.85 14.12 -3.72
N GLY E 39 14.34 13.18 -4.53
CA GLY E 39 13.33 12.23 -4.06
C GLY E 39 11.94 12.53 -4.59
N ILE E 40 11.84 13.15 -5.75
CA ILE E 40 10.61 13.10 -6.54
C ILE E 40 10.37 11.77 -7.24
N ALA E 41 9.19 11.15 -7.03
CA ALA E 41 8.80 9.93 -7.78
C ALA E 41 7.70 10.26 -8.82
N ASN E 42 6.88 11.26 -8.51
CA ASN E 42 5.73 11.67 -9.33
C ASN E 42 5.14 12.98 -8.85
N LYS E 43 3.99 13.32 -9.42
CA LYS E 43 3.40 14.66 -9.22
C LYS E 43 2.86 14.86 -7.82
N ARG E 44 2.75 13.79 -7.05
CA ARG E 44 2.28 13.89 -5.68
CA ARG E 44 2.28 13.94 -5.68
C ARG E 44 3.40 13.91 -4.63
N SER E 45 4.62 13.56 -5.04
CA SER E 45 5.75 13.69 -4.10
C SER E 45 5.77 15.08 -3.48
N ILE E 46 6.02 15.06 -2.17
CA ILE E 46 6.39 16.29 -1.46
C ILE E 46 7.43 17.13 -2.17
N ALA E 47 8.47 16.47 -2.67
CA ALA E 47 9.51 17.25 -3.35
C ALA E 47 9.03 17.99 -4.61
N PHE E 48 8.01 17.46 -5.29
CA PHE E 48 7.48 18.16 -6.44
C PHE E 48 6.75 19.44 -5.99
N GLY E 49 6.10 19.40 -4.82
CA GLY E 49 5.64 20.66 -4.19
C GLY E 49 6.76 21.66 -3.93
N VAL E 50 7.86 21.18 -3.38
CA VAL E 50 9.06 21.99 -3.26
C VAL E 50 9.50 22.53 -4.63
N ALA E 51 9.62 21.66 -5.62
CA ALA E 51 10.07 22.13 -6.94
C ALA E 51 9.19 23.24 -7.50
N LYS E 52 7.87 23.06 -7.45
CA LYS E 52 6.99 24.08 -8.03
C LYS E 52 7.22 25.42 -7.39
N VAL E 53 7.44 25.45 -6.09
CA VAL E 53 7.57 26.72 -5.39
C VAL E 53 8.91 27.40 -5.75
N LEU E 54 9.98 26.61 -5.76
CA LEU E 54 11.30 27.13 -6.01
C LEU E 54 11.38 27.60 -7.45
N ASP E 55 10.84 26.79 -8.36
CA ASP E 55 10.73 27.16 -9.79
C ASP E 55 10.02 28.49 -9.98
N GLN E 56 8.93 28.69 -9.26
CA GLN E 56 8.07 29.87 -9.41
C GLN E 56 8.81 31.09 -8.88
N LEU E 57 9.74 30.85 -7.97
CA LEU E 57 10.55 31.93 -7.43
C LEU E 57 11.87 32.14 -8.18
N GLY E 58 12.09 31.36 -9.24
CA GLY E 58 13.22 31.61 -10.13
C GLY E 58 14.49 30.82 -9.88
N ALA E 59 14.50 29.89 -8.92
CA ALA E 59 15.62 29.02 -8.71
C ALA E 59 15.88 28.27 -10.02
N LYS E 60 17.15 28.00 -10.30
CA LYS E 60 17.50 26.99 -11.27
C LYS E 60 17.51 25.72 -10.46
N LEU E 61 16.90 24.64 -10.95
CA LEU E 61 16.81 23.36 -10.22
C LEU E 61 17.55 22.17 -10.84
N VAL E 62 17.97 21.25 -9.95
CA VAL E 62 18.64 20.02 -10.31
C VAL E 62 17.92 18.91 -9.55
N PHE E 63 17.63 17.81 -10.22
CA PHE E 63 16.82 16.75 -9.63
C PHE E 63 17.63 15.47 -9.58
N THR E 64 17.41 14.70 -8.52
CA THR E 64 17.99 13.37 -8.47
C THR E 64 16.91 12.32 -8.23
N TYR E 65 17.12 11.06 -8.65
CA TYR E 65 16.07 10.04 -8.63
C TYR E 65 16.71 8.65 -8.44
N ARG E 66 15.92 7.67 -8.04
CA ARG E 66 16.47 6.32 -7.99
C ARG E 66 15.91 5.47 -9.14
N LYS E 67 14.59 5.30 -9.21
CA LYS E 67 13.98 4.37 -10.17
C LYS E 67 13.86 5.01 -11.56
N GLU E 68 14.02 4.20 -12.60
CA GLU E 68 13.82 4.56 -14.00
CA GLU E 68 13.90 4.73 -13.94
C GLU E 68 12.49 5.30 -14.17
N ARG E 69 11.44 4.68 -13.61
CA ARG E 69 10.12 5.27 -13.64
C ARG E 69 10.09 6.72 -13.12
N SER E 70 10.81 7.00 -12.04
CA SER E 70 10.89 8.35 -11.52
C SER E 70 11.60 9.31 -12.47
N ARG E 71 12.64 8.87 -13.17
CA ARG E 71 13.19 9.76 -14.21
C ARG E 71 12.10 10.13 -15.24
N LYS E 72 11.25 9.19 -15.62
CA LYS E 72 10.28 9.44 -16.68
C LYS E 72 9.19 10.42 -16.22
N GLU E 73 8.70 10.21 -15.01
CA GLU E 73 7.84 11.19 -14.33
C GLU E 73 8.49 12.58 -14.28
N LEU E 74 9.78 12.65 -13.95
CA LEU E 74 10.49 13.93 -13.88
C LEU E 74 10.49 14.62 -15.24
N GLU E 75 10.79 13.86 -16.28
CA GLU E 75 10.83 14.42 -17.63
C GLU E 75 9.48 15.00 -18.01
N LYS E 76 8.42 14.28 -17.66
CA LYS E 76 7.05 14.76 -17.91
C LYS E 76 6.78 16.01 -17.06
N LEU E 77 7.21 16.01 -15.78
CA LEU E 77 6.85 17.06 -14.85
C LEU E 77 7.57 18.36 -15.14
N LEU E 78 8.75 18.26 -15.72
CA LEU E 78 9.52 19.44 -16.09
C LEU E 78 8.78 20.35 -17.06
N GLU E 79 7.93 19.78 -17.92
CA GLU E 79 7.15 20.60 -18.87
C GLU E 79 6.16 21.54 -18.19
N GLN E 80 5.83 21.30 -16.93
CA GLN E 80 5.00 22.30 -16.27
C GLN E 80 5.85 23.28 -15.44
N LEU E 81 7.15 23.03 -15.36
CA LEU E 81 8.00 24.04 -14.74
C LEU E 81 8.57 25.01 -15.75
N ASN E 82 9.12 26.11 -15.24
CA ASN E 82 9.90 27.02 -16.06
C ASN E 82 11.38 26.70 -16.14
N GLN E 83 11.84 25.54 -15.69
CA GLN E 83 13.26 25.23 -15.88
C GLN E 83 13.52 25.10 -17.38
N PRO E 84 14.44 25.92 -17.95
CA PRO E 84 14.72 25.81 -19.38
C PRO E 84 15.61 24.60 -19.72
N GLU E 85 16.15 23.93 -18.71
CA GLU E 85 17.06 22.82 -18.91
C GLU E 85 16.71 21.75 -17.93
N ALA E 86 16.70 20.50 -18.39
CA ALA E 86 16.45 19.37 -17.51
C ALA E 86 17.78 18.90 -16.90
N HIS E 87 17.93 18.96 -15.57
CA HIS E 87 19.18 18.51 -14.94
C HIS E 87 18.86 17.30 -14.08
N LEU E 88 19.04 16.09 -14.59
CA LEU E 88 18.54 14.89 -13.91
C LEU E 88 19.66 13.92 -13.58
N TYR E 89 19.76 13.46 -12.34
CA TYR E 89 20.87 12.59 -12.02
C TYR E 89 20.35 11.41 -11.28
N GLN E 90 20.77 10.22 -11.66
CA GLN E 90 20.29 9.06 -10.93
C GLN E 90 21.19 8.93 -9.73
N ILE E 91 20.61 8.98 -8.52
CA ILE E 91 21.38 8.73 -7.30
C ILE E 91 20.59 7.82 -6.34
N ASP E 92 21.06 6.59 -6.18
CA ASP E 92 20.57 5.73 -5.11
C ASP E 92 21.39 5.95 -3.83
N VAL E 93 20.78 6.50 -2.81
CA VAL E 93 21.56 6.96 -1.65
C VAL E 93 22.05 5.81 -0.78
N GLN E 94 21.71 4.56 -1.13
CA GLN E 94 22.38 3.41 -0.55
C GLN E 94 23.80 3.25 -1.05
N SER E 95 24.13 3.94 -2.13
CA SER E 95 25.48 3.78 -2.70
C SER E 95 26.33 5.04 -2.52
N ASP E 96 27.41 4.87 -1.77
CA ASP E 96 28.36 5.95 -1.60
C ASP E 96 28.85 6.50 -2.94
N GLU E 97 29.32 5.61 -3.82
CA GLU E 97 29.88 6.03 -5.11
C GLU E 97 28.86 6.85 -5.89
N GLU E 98 27.58 6.50 -5.82
CA GLU E 98 26.54 7.19 -6.58
C GLU E 98 26.30 8.58 -6.05
N VAL E 99 26.47 8.78 -4.75
CA VAL E 99 26.23 10.08 -4.14
C VAL E 99 27.40 11.03 -4.44
N ILE E 100 28.62 10.49 -4.27
CA ILE E 100 29.89 11.15 -4.56
C ILE E 100 29.92 11.55 -6.04
N ASN E 101 29.74 10.56 -6.91
CA ASN E 101 29.81 10.81 -8.36
C ASN E 101 28.68 11.71 -8.86
N GLY E 102 27.46 11.52 -8.38
CA GLY E 102 26.33 12.41 -8.67
C GLY E 102 26.56 13.88 -8.42
N PHE E 103 26.95 14.22 -7.19
CA PHE E 103 27.19 15.61 -6.79
C PHE E 103 28.38 16.17 -7.54
N GLU E 104 29.40 15.34 -7.78
CA GLU E 104 30.56 15.78 -8.53
C GLU E 104 30.12 16.12 -9.95
N GLN E 105 29.31 15.26 -10.55
CA GLN E 105 28.85 15.59 -11.88
C GLN E 105 27.99 16.88 -11.86
N ILE E 106 27.19 17.05 -10.80
CA ILE E 106 26.30 18.21 -10.69
C ILE E 106 27.12 19.51 -10.69
N GLY E 107 28.16 19.55 -9.86
CA GLY E 107 29.10 20.67 -9.87
C GLY E 107 29.81 20.88 -11.18
N LYS E 108 30.19 19.80 -11.86
CA LYS E 108 30.77 20.00 -13.20
C LYS E 108 29.75 20.56 -14.19
N ASP E 109 28.47 20.26 -14.01
CA ASP E 109 27.47 20.70 -14.97
C ASP E 109 26.87 22.07 -14.67
N VAL E 110 26.53 22.33 -13.41
CA VAL E 110 25.90 23.62 -13.04
C VAL E 110 26.76 24.52 -12.16
N GLY E 111 27.91 24.05 -11.69
CA GLY E 111 28.69 24.83 -10.72
C GLY E 111 28.24 24.73 -9.27
N ASN E 112 28.64 25.71 -8.46
CA ASN E 112 28.27 25.81 -7.04
C ASN E 112 26.77 25.93 -6.87
N ILE E 113 26.24 25.31 -5.81
CA ILE E 113 24.81 25.36 -5.53
C ILE E 113 24.57 26.11 -4.23
N ASP E 114 23.29 26.36 -3.93
CA ASP E 114 22.88 27.05 -2.73
C ASP E 114 22.17 26.19 -1.71
N GLY E 115 21.75 24.96 -2.06
CA GLY E 115 21.17 24.08 -1.03
C GLY E 115 20.58 22.78 -1.56
N VAL E 116 20.18 21.88 -0.65
CA VAL E 116 19.67 20.59 -1.07
C VAL E 116 18.36 20.47 -0.35
N TYR E 117 17.31 20.07 -1.06
CA TYR E 117 16.09 19.58 -0.40
C TYR E 117 16.12 18.04 -0.40
N HIS E 118 16.14 17.43 0.78
CA HIS E 118 16.23 15.97 0.85
C HIS E 118 14.81 15.46 1.15
N SER E 119 14.26 14.64 0.24
CA SER E 119 12.89 14.14 0.37
C SER E 119 12.84 12.63 0.16
N ILE E 120 13.60 11.90 0.99
CA ILE E 120 13.96 10.49 0.72
C ILE E 120 13.76 9.66 1.99
N ALA E 121 12.96 8.60 1.89
CA ALA E 121 12.90 7.60 2.96
C ALA E 121 12.48 6.28 2.37
N PHE E 122 12.65 5.19 3.11
CA PHE E 122 12.15 3.94 2.66
C PHE E 122 12.07 2.98 3.84
N ALA E 123 11.09 2.07 3.85
CA ALA E 123 11.14 0.89 4.78
C ALA E 123 10.25 -0.21 4.20
N ASN E 124 10.49 -1.48 4.50
CA ASN E 124 9.59 -2.55 4.06
C ASN E 124 8.15 -2.44 4.60
N MET E 125 7.16 -2.60 3.72
N MET E 125 7.19 -2.72 3.73
CA MET E 125 5.75 -2.40 4.08
CA MET E 125 5.84 -3.15 4.12
C MET E 125 5.34 -3.15 5.35
C MET E 125 5.91 -4.18 5.25
N GLU E 126 5.89 -4.35 5.58
N GLU E 126 6.82 -5.13 5.14
CA GLU E 126 5.58 -5.10 6.79
CA GLU E 126 6.76 -6.32 5.99
C GLU E 126 6.07 -4.45 8.08
C GLU E 126 7.17 -6.04 7.43
N ASP E 127 6.92 -3.45 7.95
N ASP E 127 8.05 -5.06 7.66
CA ASP E 127 7.44 -2.71 9.10
CA ASP E 127 8.24 -4.58 9.03
C ASP E 127 6.65 -1.42 9.30
C ASP E 127 7.27 -3.44 9.35
N LEU E 128 5.49 -1.27 8.64
N LEU E 128 6.91 -2.60 8.38
CA LEU E 128 4.69 -0.04 8.76
CA LEU E 128 5.89 -1.59 8.68
C LEU E 128 3.27 -0.35 9.27
C LEU E 128 4.63 -2.17 9.32
N ARG E 129 3.19 -1.40 10.10
N ARG E 129 4.12 -3.24 8.73
CA ARG E 129 1.92 -1.92 10.61
CA ARG E 129 2.91 -3.91 9.21
C ARG E 129 2.21 -3.04 11.61
C ARG E 129 3.31 -5.17 9.99
N GLY E 130 1.19 -3.49 12.32
N GLY E 130 4.26 -4.97 10.90
CA GLY E 130 1.38 -4.61 13.26
CA GLY E 130 4.54 -5.93 11.97
C GLY E 130 2.32 -4.14 14.36
C GLY E 130 4.18 -5.12 13.19
N ARG E 131 3.18 -5.05 14.84
N ARG E 131 4.05 -5.77 14.34
CA ARG E 131 3.91 -4.87 16.08
CA ARG E 131 4.18 -5.10 15.64
C ARG E 131 5.39 -4.53 15.90
C ARG E 131 5.58 -4.50 15.71
N PHE E 132 5.77 -3.35 16.34
CA PHE E 132 7.11 -2.79 16.23
C PHE E 132 8.17 -3.71 16.87
N SER E 133 7.83 -4.35 17.98
CA SER E 133 8.78 -5.25 18.63
C SER E 133 9.22 -6.39 17.70
N GLU E 134 8.51 -6.59 16.60
CA GLU E 134 8.83 -7.71 15.72
C GLU E 134 9.67 -7.29 14.51
N THR E 135 10.06 -6.02 14.46
CA THR E 135 10.90 -5.55 13.36
C THR E 135 12.22 -6.34 13.21
N SER E 136 12.55 -6.79 11.99
CA SER E 136 13.81 -7.43 11.65
C SER E 136 14.96 -6.44 11.75
N ARG E 137 16.14 -7.02 11.98
CA ARG E 137 17.36 -6.26 11.91
C ARG E 137 17.57 -5.68 10.51
N GLU E 138 17.33 -6.45 9.45
CA GLU E 138 17.60 -5.90 8.13
C GLU E 138 16.63 -4.76 7.82
N GLY E 139 15.38 -4.89 8.23
CA GLY E 139 14.39 -3.88 7.97
C GLY E 139 14.68 -2.62 8.76
N PHE E 140 15.14 -2.79 10.01
CA PHE E 140 15.51 -1.63 10.83
C PHE E 140 16.71 -0.88 10.24
N LEU E 141 17.73 -1.65 9.85
CA LEU E 141 18.94 -1.03 9.31
C LEU E 141 18.67 -0.48 7.92
N LEU E 142 17.83 -1.14 7.10
CA LEU E 142 17.45 -0.55 5.82
C LEU E 142 16.82 0.87 5.95
N ALA E 143 15.82 1.00 6.82
CA ALA E 143 15.17 2.26 7.09
C ALA E 143 16.20 3.29 7.55
N GLN E 144 17.08 2.95 8.49
CA GLN E 144 18.10 3.92 8.98
C GLN E 144 18.99 4.38 7.84
N ASP E 145 19.38 3.41 7.01
CA ASP E 145 20.34 3.67 5.94
C ASP E 145 19.78 4.69 4.94
N ILE E 146 18.59 4.41 4.39
CA ILE E 146 18.05 5.22 3.35
C ILE E 146 17.46 6.50 3.95
N SER E 147 16.88 6.40 5.15
CA SER E 147 16.04 7.50 5.67
C SER E 147 16.80 8.51 6.55
N SER E 148 17.96 8.11 7.02
CA SER E 148 18.70 8.98 7.90
C SER E 148 20.16 9.10 7.45
N TYR E 149 20.88 7.98 7.43
CA TYR E 149 22.28 8.09 7.05
C TYR E 149 22.42 8.88 5.75
N SER E 150 21.56 8.62 4.76
CA SER E 150 21.66 9.33 3.45
C SER E 150 21.88 10.82 3.58
N LEU E 151 21.22 11.44 4.55
CA LEU E 151 21.46 12.86 4.80
C LEU E 151 22.94 13.16 5.15
N THR E 152 23.58 12.30 5.92
CA THR E 152 24.95 12.64 6.34
C THR E 152 25.88 12.71 5.11
N ILE E 153 25.84 11.62 4.34
CA ILE E 153 26.60 11.54 3.11
C ILE E 153 26.23 12.61 2.07
N VAL E 154 24.94 12.86 1.84
CA VAL E 154 24.57 13.96 0.92
C VAL E 154 25.14 15.30 1.36
N ALA E 155 25.04 15.62 2.66
CA ALA E 155 25.59 16.85 3.23
C ALA E 155 27.10 16.91 3.01
N HIS E 156 27.80 15.79 3.20
CA HIS E 156 29.25 15.80 3.04
C HIS E 156 29.61 16.12 1.60
N GLU E 157 28.87 15.54 0.65
CA GLU E 157 29.20 15.81 -0.77
C GLU E 157 28.70 17.15 -1.24
N ALA E 158 27.53 17.56 -0.76
CA ALA E 158 26.92 18.81 -1.19
C ALA E 158 27.72 20.01 -0.67
N LYS E 159 28.32 19.86 0.51
CA LYS E 159 29.24 20.82 1.12
C LYS E 159 30.36 21.22 0.16
N LYS E 160 30.88 20.27 -0.63
CA LYS E 160 31.90 20.60 -1.62
C LYS E 160 31.43 21.61 -2.68
N LEU E 161 30.13 21.69 -2.95
CA LEU E 161 29.65 22.70 -3.89
C LEU E 161 29.10 23.96 -3.20
N MET E 162 29.37 24.13 -1.90
CA MET E 162 28.87 25.31 -1.19
C MET E 162 29.96 26.04 -0.42
N PRO E 163 31.00 26.52 -1.13
CA PRO E 163 32.15 27.06 -0.40
C PRO E 163 31.75 28.33 0.29
N GLU E 164 30.70 28.96 -0.19
CA GLU E 164 30.19 30.17 0.43
C GLU E 164 29.06 29.98 1.45
N GLY E 165 28.74 28.75 1.82
CA GLY E 165 27.56 28.50 2.66
C GLY E 165 26.34 28.15 1.84
N GLY E 166 25.29 27.70 2.49
CA GLY E 166 24.04 27.38 1.81
C GLY E 166 23.13 26.72 2.80
N SER E 167 22.20 25.88 2.32
CA SER E 167 21.10 25.45 3.18
C SER E 167 20.65 24.05 2.83
N ILE E 168 20.50 23.20 3.83
CA ILE E 168 20.00 21.86 3.59
C ILE E 168 18.74 21.58 4.41
N VAL E 169 17.72 21.04 3.74
CA VAL E 169 16.45 20.76 4.39
C VAL E 169 16.09 19.27 4.20
N ALA E 170 15.72 18.61 5.28
CA ALA E 170 15.26 17.21 5.22
C ALA E 170 13.78 17.11 5.65
N THR E 171 13.08 16.05 5.25
CA THR E 171 11.62 15.95 5.45
C THR E 171 11.39 14.93 6.52
N THR E 172 10.75 15.39 7.60
CA THR E 172 10.41 14.47 8.65
C THR E 172 8.90 14.35 9.00
N TYR E 173 8.55 13.55 9.99
CA TYR E 173 7.17 13.35 10.36
C TYR E 173 7.16 13.31 11.87
N LEU E 174 6.06 13.79 12.47
CA LEU E 174 5.84 13.80 13.91
C LEU E 174 6.16 12.48 14.60
N GLY E 175 6.03 11.34 13.92
CA GLY E 175 6.30 10.01 14.51
C GLY E 175 7.77 9.80 14.88
N GLY E 176 8.63 10.74 14.44
CA GLY E 176 10.02 10.86 14.93
C GLY E 176 10.18 11.42 16.35
N GLU E 177 9.15 12.16 16.78
CA GLU E 177 9.09 12.84 18.08
C GLU E 177 8.24 12.09 19.05
N PHE E 178 7.21 11.38 18.56
CA PHE E 178 6.31 10.59 19.42
C PHE E 178 5.99 9.23 18.80
N ALA E 179 5.64 8.23 19.61
CA ALA E 179 5.25 6.92 19.06
C ALA E 179 3.87 7.03 18.38
N VAL E 180 3.81 6.92 17.06
CA VAL E 180 2.51 6.94 16.37
C VAL E 180 2.17 5.55 15.88
N GLN E 181 1.06 4.97 16.31
CA GLN E 181 0.63 3.63 15.83
C GLN E 181 0.97 3.36 14.35
N ASN E 182 1.55 2.18 14.08
CA ASN E 182 1.84 1.83 12.68
C ASN E 182 3.07 2.45 12.03
N TYR E 183 3.49 3.64 12.44
CA TYR E 183 4.64 4.23 11.78
C TYR E 183 5.96 3.50 12.13
N ASN E 184 5.99 2.90 13.32
CA ASN E 184 6.92 1.82 13.63
C ASN E 184 8.36 2.11 13.22
N VAL E 185 8.93 1.27 12.34
CA VAL E 185 10.35 1.35 12.09
C VAL E 185 10.70 2.74 11.55
N MET E 186 9.78 3.40 10.84
CA MET E 186 10.10 4.70 10.26
C MET E 186 10.14 5.79 11.36
N GLY E 187 9.39 5.60 12.44
CA GLY E 187 9.41 6.56 13.56
C GLY E 187 10.82 6.66 14.19
N VAL E 188 11.47 5.49 14.33
CA VAL E 188 12.82 5.43 14.84
C VAL E 188 13.79 5.96 13.77
N ALA E 189 13.50 5.77 12.48
CA ALA E 189 14.37 6.30 11.45
C ALA E 189 14.22 7.82 11.40
N LYS E 190 13.03 8.35 11.70
CA LYS E 190 12.88 9.81 11.76
C LYS E 190 13.45 10.43 13.04
N ALA E 191 13.35 9.77 14.20
CA ALA E 191 14.09 10.23 15.38
C ALA E 191 15.60 10.35 15.03
N SER E 192 16.15 9.33 14.37
CA SER E 192 17.55 9.34 13.93
C SER E 192 17.80 10.48 12.95
N LEU E 193 16.90 10.68 11.99
CA LEU E 193 17.10 11.79 11.03
C LEU E 193 17.08 13.19 11.69
N GLU E 194 16.08 13.45 12.52
CA GLU E 194 16.04 14.73 13.24
C GLU E 194 17.30 15.03 14.08
N ALA E 195 17.89 14.02 14.73
CA ALA E 195 19.16 14.23 15.44
C ALA E 195 20.30 14.42 14.43
N ASN E 196 20.19 13.78 13.26
CA ASN E 196 21.14 13.95 12.14
C ASN E 196 21.20 15.41 11.73
N VAL E 197 20.02 16.01 11.64
CA VAL E 197 19.91 17.42 11.28
C VAL E 197 20.59 18.27 12.35
N LYS E 198 20.42 17.94 13.63
CA LYS E 198 21.03 18.71 14.70
C LYS E 198 22.58 18.61 14.68
N TYR E 199 23.12 17.40 14.61
CA TYR E 199 24.55 17.23 14.50
C TYR E 199 25.13 17.81 13.22
N LEU E 200 24.45 17.69 12.08
CA LEU E 200 24.92 18.42 10.89
C LEU E 200 24.88 19.93 11.09
N ALA E 201 23.81 20.46 11.70
CA ALA E 201 23.71 21.88 11.95
C ALA E 201 24.97 22.28 12.69
N LEU E 202 25.31 21.53 13.74
CA LEU E 202 26.38 21.93 14.64
C LEU E 202 27.69 21.82 13.85
N ASP E 203 27.86 20.69 13.17
CA ASP E 203 29.13 20.47 12.45
C ASP E 203 29.33 21.50 11.35
N LEU E 204 28.28 21.79 10.58
CA LEU E 204 28.50 22.51 9.33
C LEU E 204 28.24 24.01 9.48
N GLY E 205 27.73 24.39 10.66
CA GLY E 205 27.47 25.79 11.00
C GLY E 205 28.64 26.73 10.78
N PRO E 206 29.83 26.31 11.19
CA PRO E 206 30.93 27.25 11.00
C PRO E 206 31.25 27.51 9.53
N ASP E 207 30.80 26.60 8.65
CA ASP E 207 30.98 26.76 7.22
C ASP E 207 29.84 27.56 6.61
N ASN E 208 28.98 28.11 7.46
CA ASN E 208 27.80 28.84 7.04
C ASN E 208 26.81 28.00 6.19
N ILE E 209 26.73 26.70 6.47
CA ILE E 209 25.72 25.83 5.86
C ILE E 209 24.68 25.52 6.93
N ARG E 210 23.43 25.90 6.69
CA ARG E 210 22.37 25.67 7.69
C ARG E 210 21.68 24.35 7.38
N VAL E 211 21.18 23.69 8.42
CA VAL E 211 20.61 22.37 8.25
C VAL E 211 19.39 22.35 9.14
N ASN E 212 18.23 22.10 8.52
CA ASN E 212 16.91 22.16 9.17
C ASN E 212 16.02 21.04 8.65
N ALA E 213 14.86 20.87 9.27
CA ALA E 213 13.90 19.83 8.90
C ALA E 213 12.50 20.47 8.81
N ILE E 214 11.67 19.98 7.88
CA ILE E 214 10.26 20.32 7.90
C ILE E 214 9.53 19.04 8.33
N SER E 215 8.72 19.11 9.39
CA SER E 215 7.87 17.98 9.84
C SER E 215 6.53 18.21 9.14
N ALA E 216 6.30 17.48 8.06
CA ALA E 216 5.08 17.64 7.28
C ALA E 216 4.00 16.80 7.91
N GLY E 217 2.77 17.34 7.94
CA GLY E 217 1.58 16.54 8.23
C GLY E 217 1.32 15.49 7.15
N PRO E 218 0.52 14.44 7.44
CA PRO E 218 0.21 13.43 6.41
C PRO E 218 -0.33 14.02 5.06
N ILE E 219 0.25 13.57 3.95
CA ILE E 219 -0.13 13.93 2.58
C ILE E 219 -0.24 12.66 1.70
N ARG E 220 -1.36 12.45 1.00
CA ARG E 220 -1.48 11.30 0.11
CA ARG E 220 -1.50 11.32 0.07
C ARG E 220 -0.35 11.31 -0.93
N THR E 221 0.63 10.43 -0.76
CA THR E 221 1.70 10.25 -1.74
C THR E 221 1.83 8.76 -2.03
N LEU E 222 2.68 8.42 -3.01
CA LEU E 222 3.06 7.04 -3.21
C LEU E 222 3.53 6.30 -1.93
N SER E 223 4.48 6.86 -1.21
CA SER E 223 5.02 6.20 -0.01
C SER E 223 3.98 6.06 1.12
N ALA E 224 3.06 7.01 1.21
CA ALA E 224 2.00 6.97 2.19
C ALA E 224 1.07 5.74 2.06
N LYS E 225 0.95 5.16 0.87
CA LYS E 225 0.19 3.93 0.69
C LYS E 225 0.78 2.75 1.44
N GLY E 226 2.04 2.85 1.81
CA GLY E 226 2.67 1.76 2.54
C GLY E 226 2.43 1.79 4.04
N VAL E 227 1.84 2.87 4.53
CA VAL E 227 1.66 3.01 5.96
C VAL E 227 0.31 2.53 6.52
N GLY E 228 0.29 1.54 7.40
CA GLY E 228 -0.98 1.17 8.05
C GLY E 228 -1.74 2.36 8.63
N GLY E 229 -3.07 2.39 8.48
CA GLY E 229 -3.90 3.40 9.14
C GLY E 229 -3.74 4.83 8.64
N PHE E 230 -3.15 5.01 7.45
CA PHE E 230 -2.90 6.40 6.96
C PHE E 230 -4.20 7.23 6.85
N ASN E 231 -5.27 6.63 6.32
CA ASN E 231 -6.49 7.41 6.08
C ASN E 231 -7.14 7.82 7.39
N THR E 232 -7.07 6.94 8.37
CA THR E 232 -7.54 7.28 9.70
C THR E 232 -6.83 8.52 10.25
N ILE E 233 -5.54 8.66 9.98
CA ILE E 233 -4.80 9.80 10.49
C ILE E 233 -5.13 11.08 9.74
N LEU E 234 -5.34 10.98 8.43
CA LEU E 234 -5.74 12.09 7.60
C LEU E 234 -7.01 12.76 8.14
N LYS E 235 -8.02 11.94 8.44
CA LYS E 235 -9.25 12.37 9.05
C LYS E 235 -9.10 12.92 10.47
N GLU E 236 -8.26 12.31 11.28
CA GLU E 236 -8.15 12.82 12.64
C GLU E 236 -7.51 14.23 12.61
N ILE E 237 -6.68 14.49 11.61
CA ILE E 237 -6.08 15.81 11.48
C ILE E 237 -7.17 16.84 11.27
N GLU E 238 -8.09 16.58 10.34
CA GLU E 238 -9.23 17.46 10.07
C GLU E 238 -10.07 17.72 11.31
N GLU E 239 -10.32 16.69 12.11
CA GLU E 239 -11.14 16.92 13.30
C GLU E 239 -10.39 17.55 14.47
N ARG E 240 -9.09 17.28 14.62
CA ARG E 240 -8.40 17.68 15.84
CA ARG E 240 -8.36 17.63 15.84
C ARG E 240 -7.34 18.77 15.68
N ALA E 241 -6.66 18.88 14.55
CA ALA E 241 -5.62 19.93 14.40
C ALA E 241 -6.27 21.29 14.51
N PRO E 242 -5.56 22.25 15.13
CA PRO E 242 -5.93 23.69 15.17
C PRO E 242 -6.56 24.22 13.88
N LEU E 243 -5.94 23.97 12.73
CA LEU E 243 -6.48 24.57 11.51
C LEU E 243 -7.68 23.76 10.94
N LYS E 244 -7.96 22.59 11.53
CA LYS E 244 -9.04 21.69 11.05
C LYS E 244 -9.05 21.35 9.54
N ARG E 245 -7.85 21.12 8.97
CA ARG E 245 -7.73 20.73 7.58
C ARG E 245 -6.35 20.13 7.49
N ASN E 246 -6.10 19.39 6.41
CA ASN E 246 -4.83 18.74 6.18
C ASN E 246 -3.97 19.73 5.40
N VAL E 247 -2.65 19.55 5.39
CA VAL E 247 -1.77 20.43 4.60
C VAL E 247 -1.50 19.84 3.20
N ASP E 248 -0.91 20.60 2.30
CA ASP E 248 -0.50 19.94 1.06
C ASP E 248 0.97 20.14 0.72
N GLN E 249 1.38 19.55 -0.41
CA GLN E 249 2.77 19.54 -0.83
C GLN E 249 3.29 20.94 -1.05
N VAL E 250 2.42 21.85 -1.52
CA VAL E 250 2.82 23.23 -1.83
C VAL E 250 3.04 23.97 -0.52
N GLU E 251 2.38 23.52 0.54
CA GLU E 251 2.56 24.26 1.78
C GLU E 251 3.90 23.86 2.35
N VAL E 252 4.30 22.59 2.18
CA VAL E 252 5.67 22.19 2.42
C VAL E 252 6.69 23.00 1.63
N GLY E 253 6.47 23.21 0.32
CA GLY E 253 7.45 23.86 -0.53
C GLY E 253 7.59 25.33 -0.18
N LYS E 254 6.50 25.96 0.29
CA LYS E 254 6.55 27.39 0.68
C LYS E 254 7.44 27.58 1.90
N THR E 255 7.33 26.69 2.88
CA THR E 255 8.26 26.68 4.00
C THR E 255 9.70 26.29 3.59
N ALA E 256 9.83 25.32 2.70
CA ALA E 256 11.13 24.96 2.19
C ALA E 256 11.78 26.20 1.55
N ALA E 257 11.01 26.96 0.77
CA ALA E 257 11.56 28.20 0.22
C ALA E 257 12.09 29.13 1.30
N TYR E 258 11.34 29.25 2.38
CA TYR E 258 11.81 30.00 3.54
C TYR E 258 13.15 29.46 4.06
N LEU E 259 13.24 28.14 4.23
CA LEU E 259 14.39 27.51 4.90
C LEU E 259 15.63 27.61 3.99
N LEU E 260 15.39 27.53 2.69
CA LEU E 260 16.46 27.49 1.71
C LEU E 260 16.93 28.87 1.27
N SER E 261 16.24 29.92 1.68
CA SER E 261 16.63 31.27 1.27
C SER E 261 17.20 32.04 2.47
N ASP E 262 17.67 33.26 2.22
CA ASP E 262 18.22 34.14 3.24
C ASP E 262 17.13 34.58 4.21
N LEU E 263 15.86 34.30 3.93
CA LEU E 263 14.84 34.71 4.89
C LEU E 263 15.07 34.06 6.25
N SER E 264 15.61 32.85 6.22
CA SER E 264 15.84 32.09 7.43
C SER E 264 17.30 32.16 7.84
N SER E 265 17.98 33.29 7.63
N SER E 265 17.99 33.26 7.53
CA SER E 265 19.44 33.30 7.72
CA SER E 265 19.35 33.36 8.03
C SER E 265 19.96 32.90 9.10
C SER E 265 19.17 33.50 9.53
N GLY E 266 19.14 33.17 10.12
N GLY E 266 20.07 32.92 10.32
CA GLY E 266 19.55 33.01 11.51
CA GLY E 266 19.81 32.87 11.74
C GLY E 266 19.16 31.67 12.10
C GLY E 266 19.20 31.55 12.19
N VAL E 267 18.60 30.79 11.28
CA VAL E 267 17.87 29.58 11.69
C VAL E 267 18.59 28.30 11.27
N THR E 268 18.93 27.45 12.25
CA THR E 268 19.60 26.22 11.92
C THR E 268 19.39 25.19 13.04
N GLY E 269 19.33 23.91 12.70
CA GLY E 269 19.15 22.83 13.67
C GLY E 269 17.67 22.81 14.08
N GLU E 270 16.83 23.48 13.32
CA GLU E 270 15.41 23.59 13.64
C GLU E 270 14.49 22.55 12.94
N ASN E 271 13.32 22.27 13.55
CA ASN E 271 12.30 21.43 12.94
C ASN E 271 10.99 22.21 12.86
N ILE E 272 10.62 22.68 11.67
CA ILE E 272 9.39 23.46 11.51
C ILE E 272 8.21 22.53 11.10
N HIS E 273 7.17 22.48 11.92
CA HIS E 273 6.02 21.61 11.66
C HIS E 273 5.07 22.31 10.73
N VAL E 274 4.85 21.72 9.55
CA VAL E 274 3.88 22.17 8.59
C VAL E 274 2.80 21.11 8.57
N ASP E 275 1.89 21.26 9.53
CA ASP E 275 1.04 20.17 9.90
C ASP E 275 -0.27 20.68 10.48
N SER E 276 -0.58 21.94 10.32
CA SER E 276 -1.86 22.46 10.76
C SER E 276 -1.98 22.69 12.27
N GLY E 277 -0.85 22.65 12.97
CA GLY E 277 -0.80 22.85 14.42
C GLY E 277 -0.87 21.53 15.17
N PHE E 278 -0.89 20.41 14.45
CA PHE E 278 -1.22 19.15 15.16
C PHE E 278 -0.16 18.81 16.24
N HIS E 279 1.09 19.18 15.97
CA HIS E 279 2.23 18.89 16.86
C HIS E 279 2.06 19.58 18.21
N ALA E 280 1.19 20.59 18.28
CA ALA E 280 1.14 21.47 19.42
C ALA E 280 -0.02 21.07 20.34
N ILE E 281 -0.83 20.16 19.88
CA ILE E 281 -1.95 19.78 20.73
C ILE E 281 -1.79 18.36 21.21
N LYS E 282 -2.66 18.01 22.15
CA LYS E 282 -2.78 16.68 22.70
C LYS E 282 -4.22 16.44 23.17
N VAL F 28 11.18 0.23 47.64
CA VAL F 28 11.46 -0.93 46.72
C VAL F 28 12.01 -2.21 47.44
N ASN F 29 11.18 -3.22 47.66
CA ASN F 29 11.69 -4.56 47.97
C ASN F 29 11.59 -5.54 46.80
N LEU F 30 12.73 -6.05 46.32
CA LEU F 30 12.72 -6.83 45.09
C LEU F 30 12.97 -8.32 45.27
N GLU F 31 12.77 -8.84 46.47
CA GLU F 31 12.89 -10.27 46.73
C GLU F 31 11.91 -11.04 45.86
N ASN F 32 12.34 -12.18 45.33
CA ASN F 32 11.47 -12.95 44.45
C ASN F 32 11.27 -12.36 43.07
N LYS F 33 11.87 -11.19 42.80
CA LYS F 33 12.07 -10.67 41.45
C LYS F 33 13.37 -11.17 40.83
N THR F 34 13.38 -11.22 39.51
CA THR F 34 14.56 -11.62 38.76
C THR F 34 14.78 -10.65 37.62
N TYR F 35 15.98 -10.06 37.51
CA TYR F 35 16.28 -9.17 36.38
C TYR F 35 17.53 -9.62 35.62
N VAL F 36 17.49 -9.40 34.31
CA VAL F 36 18.63 -9.60 33.42
C VAL F 36 19.35 -8.25 33.23
N ILE F 37 20.65 -8.21 33.48
CA ILE F 37 21.41 -6.96 33.37
C ILE F 37 22.38 -7.15 32.22
N MET F 38 22.23 -6.36 31.15
CA MET F 38 23.10 -6.51 29.99
C MET F 38 24.11 -5.39 29.93
N GLY F 39 25.41 -5.72 29.81
CA GLY F 39 26.44 -4.73 29.50
C GLY F 39 27.35 -4.32 30.66
N ILE F 40 27.57 -5.21 31.62
CA ILE F 40 28.70 -5.04 32.53
C ILE F 40 30.03 -5.46 31.88
N ALA F 41 30.98 -4.54 31.80
CA ALA F 41 32.35 -4.86 31.40
C ALA F 41 33.31 -4.89 32.61
N ASN F 42 33.12 -3.99 33.59
CA ASN F 42 34.05 -3.96 34.73
C ASN F 42 33.40 -3.23 35.90
N LYS F 43 34.14 -3.07 37.00
CA LYS F 43 33.62 -2.44 38.21
C LYS F 43 33.07 -1.05 37.92
N ARG F 44 33.47 -0.43 36.81
CA ARG F 44 33.05 0.95 36.55
C ARG F 44 31.85 1.05 35.60
N SER F 45 31.44 -0.05 34.98
CA SER F 45 30.23 -0.02 34.19
C SER F 45 29.03 0.54 34.97
N ILE F 46 28.27 1.41 34.30
CA ILE F 46 27.00 1.88 34.79
C ILE F 46 26.14 0.67 35.19
N ALA F 47 26.21 -0.44 34.45
CA ALA F 47 25.36 -1.57 34.79
C ALA F 47 25.79 -2.27 36.10
N PHE F 48 27.05 -2.13 36.54
CA PHE F 48 27.41 -2.72 37.83
C PHE F 48 26.81 -1.88 38.97
N GLY F 49 26.72 -0.57 38.76
CA GLY F 49 25.91 0.31 39.58
C GLY F 49 24.49 -0.20 39.72
N VAL F 50 23.83 -0.50 38.60
CA VAL F 50 22.51 -1.12 38.66
C VAL F 50 22.53 -2.44 39.44
N ALA F 51 23.45 -3.34 39.10
CA ALA F 51 23.50 -4.63 39.82
C ALA F 51 23.58 -4.47 41.35
N LYS F 52 24.44 -3.57 41.82
CA LYS F 52 24.65 -3.43 43.24
C LYS F 52 23.36 -3.01 43.91
N VAL F 53 22.66 -2.06 43.29
CA VAL F 53 21.45 -1.53 43.92
C VAL F 53 20.42 -2.65 43.98
N LEU F 54 20.15 -3.26 42.82
CA LEU F 54 19.18 -4.37 42.75
C LEU F 54 19.57 -5.50 43.72
N ASP F 55 20.85 -5.84 43.75
CA ASP F 55 21.33 -6.93 44.59
C ASP F 55 21.07 -6.65 46.07
N GLN F 56 21.50 -5.48 46.54
CA GLN F 56 21.08 -5.00 47.85
C GLN F 56 19.56 -5.06 48.11
N LEU F 57 18.73 -4.85 47.10
CA LEU F 57 17.29 -4.81 47.29
C LEU F 57 16.70 -6.22 47.29
N GLY F 58 17.56 -7.23 47.19
CA GLY F 58 17.10 -8.60 47.24
C GLY F 58 16.76 -9.28 45.92
N ALA F 59 16.89 -8.61 44.76
CA ALA F 59 16.68 -9.27 43.46
C ALA F 59 17.65 -10.46 43.21
N LYS F 60 17.18 -11.46 42.47
CA LYS F 60 18.05 -12.42 41.83
C LYS F 60 18.50 -11.83 40.50
N LEU F 61 19.77 -11.96 40.14
CA LEU F 61 20.26 -11.27 38.95
C LEU F 61 20.89 -12.22 37.95
N VAL F 62 20.69 -11.91 36.68
CA VAL F 62 21.21 -12.71 35.58
C VAL F 62 22.01 -11.70 34.77
N PHE F 63 23.21 -12.09 34.33
CA PHE F 63 24.10 -11.16 33.62
C PHE F 63 24.43 -11.63 32.21
N THR F 64 24.40 -10.70 31.26
CA THR F 64 24.91 -11.00 29.93
C THR F 64 26.11 -10.14 29.59
N TYR F 65 27.03 -10.71 28.81
CA TYR F 65 28.32 -10.10 28.46
C TYR F 65 28.69 -10.42 27.01
N ARG F 66 29.61 -9.61 26.46
CA ARG F 66 30.13 -9.93 25.13
C ARG F 66 31.54 -10.58 25.14
N LYS F 67 32.52 -9.89 25.68
CA LYS F 67 33.91 -10.37 25.61
C LYS F 67 34.15 -11.34 26.73
N GLU F 68 35.01 -12.33 26.46
CA GLU F 68 35.46 -13.17 27.55
CA GLU F 68 35.61 -13.16 27.50
C GLU F 68 36.02 -12.36 28.72
N ARG F 69 36.72 -11.24 28.48
CA ARG F 69 37.19 -10.42 29.61
C ARG F 69 36.06 -9.86 30.49
N SER F 70 34.95 -9.46 29.87
CA SER F 70 33.81 -8.95 30.67
C SER F 70 33.29 -10.04 31.60
N ARG F 71 33.38 -11.29 31.13
CA ARG F 71 32.89 -12.39 31.94
C ARG F 71 33.80 -12.58 33.14
N LYS F 72 35.13 -12.61 32.91
CA LYS F 72 36.08 -12.71 34.02
C LYS F 72 35.84 -11.61 35.04
N GLU F 73 35.62 -10.40 34.55
CA GLU F 73 35.40 -9.30 35.47
C GLU F 73 34.16 -9.59 36.33
N LEU F 74 33.13 -10.14 35.67
CA LEU F 74 31.85 -10.42 36.29
C LEU F 74 32.03 -11.45 37.41
N GLU F 75 32.80 -12.50 37.12
CA GLU F 75 33.09 -13.49 38.15
C GLU F 75 33.77 -12.85 39.36
N LYS F 76 34.74 -11.97 39.13
CA LYS F 76 35.37 -11.15 40.19
C LYS F 76 34.30 -10.34 40.98
N LEU F 77 33.44 -9.64 40.25
CA LEU F 77 32.47 -8.73 40.86
C LEU F 77 31.37 -9.43 41.63
N LEU F 78 30.99 -10.65 41.24
CA LEU F 78 29.95 -11.40 41.94
C LEU F 78 30.24 -11.65 43.42
N GLU F 79 31.52 -11.63 43.78
CA GLU F 79 31.93 -11.96 45.14
C GLU F 79 31.62 -10.79 46.05
N GLN F 80 31.55 -9.59 45.47
CA GLN F 80 30.97 -8.39 46.10
C GLN F 80 29.45 -8.42 46.29
N LEU F 81 28.76 -9.40 45.74
CA LEU F 81 27.31 -9.34 45.67
C LEU F 81 26.65 -10.38 46.54
N ASN F 82 25.38 -10.18 46.84
CA ASN F 82 24.68 -11.14 47.66
C ASN F 82 24.18 -12.33 46.83
N GLN F 83 24.42 -12.32 45.52
CA GLN F 83 23.94 -13.42 44.68
C GLN F 83 24.52 -14.75 45.18
N PRO F 84 23.67 -15.77 45.37
CA PRO F 84 24.28 -17.03 45.77
C PRO F 84 24.83 -17.79 44.56
N GLU F 85 24.64 -17.24 43.37
CA GLU F 85 24.81 -18.01 42.14
C GLU F 85 25.09 -17.07 40.98
N ALA F 86 26.10 -17.46 40.20
CA ALA F 86 26.54 -16.78 39.01
C ALA F 86 25.67 -17.30 37.89
N HIS F 87 24.83 -16.43 37.31
CA HIS F 87 24.11 -16.72 36.07
C HIS F 87 24.64 -15.86 34.92
N LEU F 88 25.59 -16.39 34.14
CA LEU F 88 26.32 -15.60 33.17
C LEU F 88 26.05 -16.15 31.78
N TYR F 89 25.65 -15.28 30.86
CA TYR F 89 25.38 -15.72 29.50
C TYR F 89 26.08 -14.82 28.50
N GLN F 90 26.78 -15.41 27.54
CA GLN F 90 27.40 -14.60 26.49
C GLN F 90 26.34 -14.22 25.49
N ILE F 91 26.19 -12.92 25.24
CA ILE F 91 25.31 -12.48 24.17
C ILE F 91 25.87 -11.26 23.49
N ASP F 92 26.40 -11.47 22.27
CA ASP F 92 26.65 -10.37 21.32
C ASP F 92 25.34 -9.99 20.67
N VAL F 93 24.86 -8.81 21.04
CA VAL F 93 23.59 -8.35 20.46
C VAL F 93 23.66 -8.05 18.97
N GLN F 94 24.82 -8.22 18.33
CA GLN F 94 24.82 -8.18 16.87
C GLN F 94 24.19 -9.40 16.21
N SER F 95 24.04 -10.45 17.00
CA SER F 95 23.57 -11.71 16.45
C SER F 95 22.17 -12.00 17.01
N ASP F 96 21.19 -12.13 16.12
CA ASP F 96 19.84 -12.57 16.49
C ASP F 96 19.85 -13.91 17.24
N GLU F 97 20.61 -14.86 16.70
CA GLU F 97 20.59 -16.19 17.30
CA GLU F 97 20.75 -16.20 17.26
C GLU F 97 21.17 -16.18 18.73
N GLU F 98 22.08 -15.27 19.05
CA GLU F 98 22.67 -15.25 20.39
C GLU F 98 21.72 -14.68 21.44
N VAL F 99 21.00 -13.64 21.01
CA VAL F 99 19.91 -13.06 21.81
C VAL F 99 18.78 -14.06 22.01
N ILE F 100 18.34 -14.68 20.92
CA ILE F 100 17.28 -15.67 20.96
C ILE F 100 17.67 -16.85 21.87
N ASN F 101 18.78 -17.53 21.58
CA ASN F 101 19.21 -18.65 22.41
C ASN F 101 19.53 -18.24 23.83
N GLY F 102 20.08 -17.05 23.99
CA GLY F 102 20.46 -16.49 25.30
C GLY F 102 19.27 -16.41 26.23
N PHE F 103 18.24 -15.75 25.75
CA PHE F 103 17.05 -15.55 26.56
C PHE F 103 16.31 -16.87 26.75
N GLU F 104 16.26 -17.68 25.70
CA GLU F 104 15.65 -19.00 25.83
C GLU F 104 16.37 -19.80 26.92
N GLN F 105 17.71 -19.75 26.95
CA GLN F 105 18.47 -20.50 27.94
C GLN F 105 18.14 -19.96 29.35
N ILE F 106 18.23 -18.64 29.50
CA ILE F 106 17.82 -17.95 30.71
C ILE F 106 16.45 -18.38 31.25
N GLY F 107 15.47 -18.50 30.38
CA GLY F 107 14.14 -19.00 30.73
C GLY F 107 14.26 -20.39 31.32
N LYS F 108 14.96 -21.29 30.64
CA LYS F 108 15.15 -22.63 31.19
C LYS F 108 15.93 -22.62 32.50
N ASP F 109 16.77 -21.63 32.72
CA ASP F 109 17.62 -21.71 33.90
C ASP F 109 17.04 -21.00 35.13
N VAL F 110 16.35 -19.87 34.93
CA VAL F 110 15.73 -19.13 36.05
C VAL F 110 14.19 -19.03 35.97
N GLY F 111 13.60 -19.67 34.97
CA GLY F 111 12.17 -19.49 34.72
C GLY F 111 11.92 -18.05 34.26
N ASN F 112 10.79 -17.49 34.69
CA ASN F 112 10.28 -16.20 34.26
C ASN F 112 10.99 -15.10 35.00
N ILE F 113 11.09 -13.94 34.33
CA ILE F 113 11.83 -12.76 34.80
C ILE F 113 10.94 -11.51 34.83
N ASP F 114 11.37 -10.53 35.60
CA ASP F 114 10.52 -9.41 35.92
C ASP F 114 10.98 -8.20 35.13
N GLY F 115 12.16 -8.23 34.51
CA GLY F 115 12.60 -7.06 33.70
C GLY F 115 14.03 -7.14 33.20
N VAL F 116 14.44 -6.13 32.43
CA VAL F 116 15.74 -6.16 31.78
C VAL F 116 16.34 -4.78 31.91
N TYR F 117 17.61 -4.71 32.34
CA TYR F 117 18.38 -3.47 32.25
C TYR F 117 19.34 -3.59 31.06
N HIS F 118 19.15 -2.71 30.08
CA HIS F 118 20.00 -2.71 28.91
C HIS F 118 20.99 -1.55 29.05
N SER F 119 22.27 -1.93 29.04
CA SER F 119 23.38 -0.99 29.18
C SER F 119 24.44 -1.18 28.09
N ILE F 120 24.00 -1.14 26.83
CA ILE F 120 24.84 -1.57 25.68
C ILE F 120 24.86 -0.49 24.62
N ALA F 121 26.06 -0.09 24.23
CA ALA F 121 26.21 0.81 23.12
C ALA F 121 27.60 0.59 22.54
N PHE F 122 27.80 1.04 21.30
CA PHE F 122 29.12 0.93 20.67
C PHE F 122 29.19 1.83 19.44
N ALA F 123 30.33 2.51 19.25
CA ALA F 123 30.66 3.13 17.96
C ALA F 123 32.18 3.03 17.81
N ASN F 124 32.69 3.10 16.57
CA ASN F 124 34.14 3.24 16.38
C ASN F 124 34.65 4.57 16.88
N MET F 125 35.85 4.58 17.47
CA MET F 125 36.59 5.82 17.72
C MET F 125 36.83 6.61 16.44
N GLU F 126 37.14 5.89 15.36
CA GLU F 126 37.31 6.47 14.02
C GLU F 126 36.19 7.46 13.77
N ASP F 127 34.95 7.05 14.06
CA ASP F 127 33.77 7.92 13.83
C ASP F 127 33.51 8.86 15.01
N LEU F 128 33.78 8.51 16.26
CA LEU F 128 33.45 9.45 17.36
C LEU F 128 34.17 10.82 17.42
N ARG F 129 35.07 11.16 16.50
CA ARG F 129 35.84 12.41 16.70
C ARG F 129 35.75 13.36 15.51
N GLY F 130 36.27 14.58 15.72
CA GLY F 130 36.16 15.67 14.75
C GLY F 130 34.73 15.73 14.22
N ARG F 131 34.57 15.52 12.91
CA ARG F 131 33.41 15.99 12.16
C ARG F 131 32.39 14.88 11.96
N PHE F 132 31.20 15.10 12.51
CA PHE F 132 30.04 14.28 12.20
C PHE F 132 29.78 14.06 10.71
N SER F 133 29.89 15.12 9.92
CA SER F 133 29.59 15.02 8.50
C SER F 133 30.48 14.01 7.76
N GLU F 134 31.54 13.51 8.40
CA GLU F 134 32.44 12.58 7.77
C GLU F 134 32.15 11.14 8.20
N THR F 135 31.08 10.90 8.97
CA THR F 135 30.80 9.56 9.43
C THR F 135 30.59 8.57 8.26
N SER F 136 31.13 7.36 8.36
CA SER F 136 31.02 6.41 7.27
C SER F 136 29.65 5.70 7.44
N ARG F 137 29.05 5.31 6.33
CA ARG F 137 27.85 4.47 6.38
C ARG F 137 28.07 3.29 7.33
N GLU F 138 29.20 2.62 7.19
CA GLU F 138 29.45 1.43 8.01
C GLU F 138 29.54 1.79 9.51
N GLY F 139 30.19 2.90 9.85
CA GLY F 139 30.26 3.25 11.27
C GLY F 139 28.90 3.70 11.80
N PHE F 140 28.09 4.34 10.95
CA PHE F 140 26.76 4.78 11.38
C PHE F 140 25.82 3.62 11.71
N LEU F 141 25.87 2.60 10.87
CA LEU F 141 24.88 1.56 10.93
C LEU F 141 25.34 0.63 12.05
N LEU F 142 26.66 0.59 12.31
CA LEU F 142 27.19 -0.19 13.46
C LEU F 142 26.65 0.39 14.75
N ALA F 143 26.72 1.70 14.89
CA ALA F 143 26.22 2.32 16.09
C ALA F 143 24.66 2.15 16.23
N GLN F 144 23.90 2.26 15.14
CA GLN F 144 22.45 1.96 15.22
C GLN F 144 22.16 0.51 15.64
N ASP F 145 22.99 -0.40 15.19
CA ASP F 145 22.66 -1.83 15.25
C ASP F 145 22.87 -2.26 16.70
N ILE F 146 24.06 -1.98 17.22
CA ILE F 146 24.37 -2.31 18.61
C ILE F 146 23.65 -1.40 19.59
N SER F 147 23.53 -0.10 19.30
CA SER F 147 23.12 0.80 20.38
C SER F 147 21.59 1.05 20.44
N SER F 148 20.85 0.55 19.45
CA SER F 148 19.44 0.90 19.29
C SER F 148 18.62 -0.32 18.89
N TYR F 149 18.95 -0.93 17.74
CA TYR F 149 18.22 -2.11 17.34
C TYR F 149 18.27 -3.17 18.44
N SER F 150 19.45 -3.34 19.03
CA SER F 150 19.59 -4.37 20.06
C SER F 150 18.41 -4.39 21.05
N LEU F 151 17.88 -3.22 21.41
CA LEU F 151 16.82 -3.16 22.43
C LEU F 151 15.53 -3.80 21.90
N THR F 152 15.28 -3.61 20.61
CA THR F 152 14.08 -4.12 19.96
C THR F 152 14.08 -5.65 20.03
N ILE F 153 15.18 -6.27 19.60
CA ILE F 153 15.19 -7.75 19.63
C ILE F 153 15.26 -8.30 21.09
N VAL F 154 15.99 -7.57 21.93
CA VAL F 154 16.06 -7.96 23.34
C VAL F 154 14.65 -7.97 23.93
N ALA F 155 13.89 -6.89 23.69
CA ALA F 155 12.51 -6.71 24.20
C ALA F 155 11.58 -7.82 23.69
N HIS F 156 11.74 -8.15 22.42
CA HIS F 156 10.99 -9.22 21.81
C HIS F 156 11.27 -10.57 22.45
N GLU F 157 12.53 -10.87 22.75
CA GLU F 157 12.86 -12.17 23.28
C GLU F 157 12.56 -12.22 24.78
N ALA F 158 12.78 -11.10 25.47
CA ALA F 158 12.49 -11.05 26.90
C ALA F 158 10.98 -11.02 27.19
N LYS F 159 10.16 -10.54 26.26
CA LYS F 159 8.70 -10.62 26.43
C LYS F 159 8.23 -12.06 26.66
N LYS F 160 8.76 -13.03 25.91
CA LYS F 160 8.51 -14.45 26.23
C LYS F 160 8.69 -14.82 27.68
N LEU F 161 9.55 -14.14 28.43
CA LEU F 161 9.79 -14.59 29.82
C LEU F 161 9.05 -13.70 30.82
N MET F 162 8.16 -12.86 30.30
CA MET F 162 7.38 -11.98 31.14
C MET F 162 5.87 -12.11 30.91
N PRO F 163 5.28 -13.31 31.14
CA PRO F 163 3.89 -13.44 30.72
C PRO F 163 2.91 -12.57 31.50
N GLU F 164 3.20 -12.21 32.75
CA GLU F 164 2.36 -11.18 33.34
C GLU F 164 2.99 -9.80 33.41
N GLY F 165 3.83 -9.46 32.43
CA GLY F 165 4.32 -8.08 32.40
C GLY F 165 5.64 -7.88 33.13
N GLY F 166 6.24 -6.71 32.93
CA GLY F 166 7.55 -6.48 33.47
C GLY F 166 8.02 -5.10 33.10
N SER F 167 9.32 -4.91 33.24
CA SER F 167 9.89 -3.58 32.99
C SER F 167 11.24 -3.69 32.29
N ILE F 168 11.41 -2.87 31.27
CA ILE F 168 12.65 -2.85 30.50
C ILE F 168 13.23 -1.45 30.48
N VAL F 169 14.50 -1.31 30.87
CA VAL F 169 15.13 0.00 30.99
C VAL F 169 16.41 0.06 30.15
N ALA F 170 16.55 1.11 29.35
CA ALA F 170 17.79 1.32 28.61
C ALA F 170 18.50 2.61 29.00
N THR F 171 19.77 2.68 28.66
CA THR F 171 20.59 3.76 29.14
C THR F 171 20.85 4.76 28.02
N THR F 172 20.52 6.02 28.20
CA THR F 172 20.79 6.94 27.10
C THR F 172 21.65 8.11 27.57
N TYR F 173 21.79 9.12 26.72
CA TYR F 173 22.54 10.27 27.11
C TYR F 173 21.93 11.48 26.37
N LEU F 174 21.99 12.64 27.01
CA LEU F 174 21.43 13.90 26.56
C LEU F 174 21.83 14.26 25.12
N GLY F 175 22.97 13.74 24.69
CA GLY F 175 23.37 13.85 23.30
C GLY F 175 22.38 13.27 22.30
N GLY F 176 21.41 12.44 22.73
CA GLY F 176 20.31 11.97 21.86
C GLY F 176 19.24 13.03 21.67
N GLU F 177 19.21 13.99 22.59
CA GLU F 177 18.17 14.97 22.50
C GLU F 177 18.72 16.26 21.90
N PHE F 178 20.03 16.51 22.01
CA PHE F 178 20.71 17.74 21.57
C PHE F 178 22.07 17.36 20.97
N ALA F 179 22.56 18.22 20.07
CA ALA F 179 23.85 18.03 19.47
C ALA F 179 24.90 18.55 20.44
N VAL F 180 25.58 17.59 21.05
CA VAL F 180 26.73 17.74 21.93
C VAL F 180 28.01 17.52 21.08
N GLN F 181 28.81 18.56 20.89
CA GLN F 181 30.15 18.44 20.33
C GLN F 181 30.85 17.11 20.66
N ASN F 182 31.37 16.43 19.64
CA ASN F 182 32.07 15.16 19.82
C ASN F 182 31.25 13.88 19.94
N TYR F 183 30.03 13.95 20.43
CA TYR F 183 29.28 12.75 20.67
C TYR F 183 28.82 12.19 19.34
N ASN F 184 28.68 13.07 18.37
CA ASN F 184 28.57 12.71 16.96
C ASN F 184 27.68 11.49 16.67
N VAL F 185 28.25 10.44 16.08
CA VAL F 185 27.44 9.30 15.60
C VAL F 185 26.64 8.71 16.74
N MET F 186 27.15 8.81 17.97
CA MET F 186 26.43 8.20 19.07
C MET F 186 25.17 9.03 19.46
N GLY F 187 25.20 10.33 19.23
CA GLY F 187 24.00 11.13 19.46
C GLY F 187 22.87 10.71 18.54
N VAL F 188 23.17 10.36 17.30
CA VAL F 188 22.14 9.88 16.39
C VAL F 188 21.66 8.49 16.81
N ALA F 189 22.52 7.64 17.37
CA ALA F 189 22.08 6.31 17.78
C ALA F 189 21.25 6.44 19.05
N LYS F 190 21.54 7.43 19.89
CA LYS F 190 20.72 7.65 21.09
C LYS F 190 19.37 8.32 20.79
N ALA F 191 19.28 9.18 19.78
CA ALA F 191 17.95 9.66 19.38
C ALA F 191 17.12 8.42 18.91
N SER F 192 17.77 7.53 18.17
CA SER F 192 17.17 6.29 17.65
C SER F 192 16.69 5.49 18.86
N LEU F 193 17.58 5.28 19.83
CA LEU F 193 17.23 4.45 21.00
C LEU F 193 16.05 5.02 21.82
N GLU F 194 16.01 6.33 21.96
CA GLU F 194 14.99 6.97 22.74
C GLU F 194 13.65 6.80 22.06
N ALA F 195 13.63 6.90 20.72
CA ALA F 195 12.41 6.64 19.97
C ALA F 195 12.06 5.13 20.07
N ASN F 196 13.08 4.29 20.00
CA ASN F 196 12.90 2.84 20.13
C ASN F 196 12.12 2.62 21.46
N VAL F 197 12.58 3.23 22.56
CA VAL F 197 11.88 3.18 23.83
C VAL F 197 10.40 3.63 23.75
N LYS F 198 10.09 4.65 22.96
CA LYS F 198 8.69 5.07 22.93
C LYS F 198 7.84 4.08 22.11
N TYR F 199 8.38 3.54 21.01
CA TYR F 199 7.58 2.65 20.18
C TYR F 199 7.47 1.30 20.88
N LEU F 200 8.51 0.87 21.59
CA LEU F 200 8.36 -0.37 22.36
C LEU F 200 7.32 -0.20 23.47
N ALA F 201 7.26 0.94 24.10
CA ALA F 201 6.35 1.13 25.23
C ALA F 201 4.90 1.10 24.73
N LEU F 202 4.68 1.70 23.56
CA LEU F 202 3.38 1.63 22.91
C LEU F 202 3.04 0.19 22.57
N ASP F 203 3.95 -0.52 21.93
CA ASP F 203 3.63 -1.86 21.39
C ASP F 203 3.44 -2.88 22.53
N LEU F 204 4.24 -2.76 23.57
CA LEU F 204 4.22 -3.80 24.67
C LEU F 204 3.38 -3.37 25.88
N GLY F 205 2.94 -2.11 25.94
CA GLY F 205 2.03 -1.69 27.03
C GLY F 205 0.85 -2.62 27.23
N PRO F 206 0.18 -3.05 26.14
CA PRO F 206 -0.98 -3.89 26.35
C PRO F 206 -0.59 -5.20 27.01
N ASP F 207 0.69 -5.56 26.97
CA ASP F 207 1.13 -6.81 27.62
C ASP F 207 1.59 -6.52 29.04
N ASN F 208 1.36 -5.28 29.48
CA ASN F 208 1.87 -4.83 30.79
C ASN F 208 3.40 -4.92 30.96
N ILE F 209 4.14 -4.71 29.88
CA ILE F 209 5.56 -4.48 29.95
C ILE F 209 5.83 -2.98 29.76
N ARG F 210 6.50 -2.35 30.74
CA ARG F 210 6.78 -0.93 30.64
C ARG F 210 8.18 -0.79 30.06
N VAL F 211 8.36 0.22 29.20
CA VAL F 211 9.71 0.43 28.66
C VAL F 211 10.13 1.87 28.84
N ASN F 212 11.30 2.11 29.41
CA ASN F 212 11.75 3.47 29.77
C ASN F 212 13.25 3.60 29.51
N ALA F 213 13.73 4.82 29.71
CA ALA F 213 15.14 5.13 29.58
C ALA F 213 15.61 5.95 30.79
N ILE F 214 16.86 5.72 31.21
CA ILE F 214 17.63 6.67 32.01
C ILE F 214 18.66 7.42 31.16
N SER F 215 18.54 8.75 31.17
CA SER F 215 19.56 9.63 30.56
C SER F 215 20.63 9.94 31.61
N ALA F 216 21.69 9.16 31.64
CA ALA F 216 22.74 9.32 32.63
C ALA F 216 23.58 10.55 32.30
N GLY F 217 24.06 11.23 33.34
CA GLY F 217 25.10 12.25 33.20
C GLY F 217 26.43 11.55 32.91
N PRO F 218 27.47 12.32 32.58
CA PRO F 218 28.75 11.66 32.26
C PRO F 218 29.37 10.98 33.49
N ILE F 219 29.93 9.79 33.27
CA ILE F 219 30.50 8.94 34.33
C ILE F 219 31.74 8.28 33.74
N ARG F 220 32.86 8.29 34.45
CA ARG F 220 34.09 7.75 33.89
C ARG F 220 33.93 6.22 33.77
N THR F 221 33.74 5.73 32.54
CA THR F 221 33.67 4.28 32.30
C THR F 221 34.68 3.88 31.22
N LEU F 222 34.90 2.58 30.99
CA LEU F 222 35.72 2.13 29.86
C LEU F 222 35.26 2.75 28.52
N SER F 223 33.95 2.75 28.27
CA SER F 223 33.42 3.33 27.04
C SER F 223 33.64 4.83 27.00
N ALA F 224 33.49 5.54 28.11
CA ALA F 224 33.72 6.98 28.05
C ALA F 224 35.11 7.37 27.58
N LYS F 225 36.11 6.50 27.75
CA LYS F 225 37.45 6.81 27.31
C LYS F 225 37.55 7.01 25.81
N GLY F 226 36.52 6.63 25.06
CA GLY F 226 36.54 6.73 23.61
C GLY F 226 35.91 8.00 23.06
N VAL F 227 35.27 8.77 23.91
CA VAL F 227 34.66 10.02 23.46
C VAL F 227 35.56 11.24 23.59
N GLY F 228 35.75 12.01 22.52
CA GLY F 228 36.49 13.27 22.61
C GLY F 228 35.86 14.21 23.62
N GLY F 229 36.69 14.96 24.33
CA GLY F 229 36.25 16.05 25.17
C GLY F 229 35.47 15.64 26.42
N PHE F 230 35.61 14.38 26.85
CA PHE F 230 34.83 13.89 27.96
C PHE F 230 35.12 14.60 29.29
N ASN F 231 36.40 14.82 29.58
CA ASN F 231 36.82 15.51 30.81
C ASN F 231 36.39 16.97 30.80
N THR F 232 36.45 17.63 29.66
CA THR F 232 35.82 18.95 29.58
C THR F 232 34.35 18.99 30.02
N ILE F 233 33.63 17.90 29.80
CA ILE F 233 32.19 17.92 29.98
C ILE F 233 31.92 17.63 31.45
N LEU F 234 32.67 16.69 32.03
CA LEU F 234 32.66 16.46 33.48
C LEU F 234 32.76 17.77 34.27
N LYS F 235 33.71 18.60 33.87
CA LYS F 235 34.02 19.80 34.62
C LYS F 235 32.94 20.83 34.39
N GLU F 236 32.31 20.77 33.23
CA GLU F 236 31.24 21.73 32.91
C GLU F 236 29.99 21.41 33.72
N ILE F 237 29.84 20.13 34.06
CA ILE F 237 28.67 19.72 34.82
C ILE F 237 28.78 20.20 36.27
N GLU F 238 29.98 20.10 36.86
CA GLU F 238 30.29 20.65 38.17
C GLU F 238 30.11 22.16 38.16
N GLU F 239 30.66 22.85 37.18
CA GLU F 239 30.46 24.29 37.13
C GLU F 239 29.01 24.72 36.91
N ARG F 240 28.24 24.03 36.07
CA ARG F 240 26.95 24.60 35.60
C ARG F 240 25.63 23.91 36.01
N ALA F 241 25.66 22.62 36.34
CA ALA F 241 24.43 21.85 36.60
C ALA F 241 23.85 22.32 37.92
N PRO F 242 22.51 22.38 38.01
CA PRO F 242 21.84 22.72 39.27
C PRO F 242 22.55 22.17 40.52
N LEU F 243 22.92 20.88 40.53
CA LEU F 243 23.48 20.33 41.77
C LEU F 243 24.99 20.58 41.86
N LYS F 244 25.59 21.10 40.80
CA LYS F 244 26.97 21.54 40.91
C LYS F 244 27.89 20.38 41.24
N ARG F 245 27.56 19.19 40.75
CA ARG F 245 28.40 18.01 41.00
C ARG F 245 28.00 16.99 39.96
N ASN F 246 28.85 16.00 39.74
CA ASN F 246 28.59 14.94 38.77
C ASN F 246 27.81 13.82 39.46
N VAL F 247 27.22 12.91 38.69
CA VAL F 247 26.49 11.79 39.31
C VAL F 247 27.37 10.54 39.21
N ASP F 248 26.92 9.43 39.78
CA ASP F 248 27.70 8.20 39.68
C ASP F 248 26.84 6.98 39.34
N GLN F 249 27.45 5.83 39.15
CA GLN F 249 26.74 4.60 38.75
C GLN F 249 25.62 4.20 39.72
N VAL F 250 25.85 4.38 41.02
CA VAL F 250 24.86 3.98 42.04
C VAL F 250 23.59 4.82 41.85
N GLU F 251 23.78 6.08 41.47
CA GLU F 251 22.64 6.97 41.34
C GLU F 251 21.79 6.52 40.18
N VAL F 252 22.42 6.04 39.09
CA VAL F 252 21.70 5.48 37.98
C VAL F 252 20.99 4.22 38.45
N GLY F 253 21.72 3.37 39.20
CA GLY F 253 21.08 2.16 39.72
C GLY F 253 19.87 2.40 40.62
N LYS F 254 19.92 3.43 41.46
CA LYS F 254 18.76 3.77 42.30
C LYS F 254 17.53 4.13 41.46
N THR F 255 17.69 4.94 40.42
CA THR F 255 16.63 5.18 39.46
C THR F 255 16.27 3.98 38.60
N ALA F 256 17.25 3.16 38.24
CA ALA F 256 16.94 1.81 37.77
C ALA F 256 15.98 1.02 38.66
N ALA F 257 16.23 1.02 39.96
CA ALA F 257 15.45 0.21 40.89
C ALA F 257 14.00 0.71 40.87
N TYR F 258 13.79 2.02 40.89
CA TYR F 258 12.46 2.60 40.77
C TYR F 258 11.80 2.13 39.44
N LEU F 259 12.47 2.35 38.31
CA LEU F 259 11.85 2.03 37.02
C LEU F 259 11.59 0.51 36.87
N LEU F 260 12.37 -0.34 37.52
CA LEU F 260 12.22 -1.80 37.36
C LEU F 260 11.22 -2.41 38.35
N SER F 261 10.73 -1.59 39.27
CA SER F 261 9.82 -2.08 40.28
C SER F 261 8.44 -1.54 40.07
N ASP F 262 7.56 -1.92 41.00
CA ASP F 262 6.19 -1.46 41.03
C ASP F 262 6.08 -0.02 41.51
N LEU F 263 7.17 0.63 41.91
CA LEU F 263 7.04 2.03 42.28
C LEU F 263 6.73 2.91 41.07
N SER F 264 7.16 2.47 39.89
CA SER F 264 6.95 3.24 38.70
C SER F 264 5.83 2.70 37.85
N SER F 265 4.83 2.02 38.42
N SER F 265 4.98 1.84 38.42
CA SER F 265 3.83 1.28 37.63
CA SER F 265 3.76 1.41 37.74
C SER F 265 3.03 2.11 36.60
C SER F 265 3.08 2.70 37.32
N GLY F 266 2.88 3.40 36.88
N GLY F 266 2.53 2.73 36.12
CA GLY F 266 2.14 4.27 35.99
CA GLY F 266 2.02 3.98 35.62
C GLY F 266 3.02 4.81 34.89
C GLY F 266 3.00 4.67 34.70
N VAL F 267 4.30 4.43 34.89
CA VAL F 267 5.33 5.08 34.05
C VAL F 267 5.85 4.25 32.86
N THR F 268 5.78 4.79 31.64
CA THR F 268 6.27 4.07 30.45
C THR F 268 6.47 5.07 29.27
N GLY F 269 7.40 4.83 28.36
CA GLY F 269 7.75 5.75 27.31
C GLY F 269 8.50 6.95 27.82
N GLU F 270 8.97 6.86 29.06
CA GLU F 270 9.58 7.98 29.74
C GLU F 270 11.12 7.97 29.69
N ASN F 271 11.69 9.16 29.80
CA ASN F 271 13.17 9.34 29.82
C ASN F 271 13.53 10.13 31.08
N ILE F 272 14.04 9.48 32.12
CA ILE F 272 14.40 10.15 33.39
C ILE F 272 15.87 10.55 33.39
N HIS F 273 16.14 11.85 33.50
CA HIS F 273 17.52 12.36 33.46
C HIS F 273 18.19 12.29 34.82
N VAL F 274 19.21 11.46 34.95
CA VAL F 274 19.94 11.34 36.20
C VAL F 274 21.28 12.05 36.00
N ASP F 275 21.28 13.37 36.11
CA ASP F 275 22.37 14.18 35.57
C ASP F 275 22.56 15.49 36.30
N SER F 276 22.23 15.52 37.60
CA SER F 276 22.35 16.74 38.41
C SER F 276 21.53 17.92 37.90
N GLY F 277 20.49 17.61 37.11
CA GLY F 277 19.67 18.66 36.50
C GLY F 277 20.18 19.33 35.25
N PHE F 278 21.29 18.84 34.68
CA PHE F 278 21.95 19.56 33.59
C PHE F 278 21.02 19.70 32.38
N HIS F 279 20.19 18.69 32.15
CA HIS F 279 19.25 18.67 31.04
C HIS F 279 18.31 19.88 31.14
N ALA F 280 18.16 20.46 32.33
CA ALA F 280 17.05 21.40 32.48
C ALA F 280 17.52 22.84 32.25
N ILE F 281 18.81 23.02 31.99
CA ILE F 281 19.40 24.37 31.92
C ILE F 281 20.05 24.65 30.56
N LYS F 282 20.25 25.92 30.23
CA LYS F 282 21.09 26.32 29.09
C LYS F 282 21.86 27.54 29.55
N VAL G 28 13.66 2.23 49.14
CA VAL G 28 12.79 3.27 49.80
C VAL G 28 12.16 2.75 51.13
N ASN G 29 12.78 3.17 52.24
CA ASN G 29 12.15 3.25 53.56
C ASN G 29 12.27 4.64 54.20
N LEU G 30 11.19 5.25 54.67
CA LEU G 30 11.28 6.65 55.05
C LEU G 30 11.10 7.00 56.55
N GLU G 31 11.40 6.07 57.45
CA GLU G 31 11.35 6.40 58.87
C GLU G 31 12.27 7.57 59.18
N ASN G 32 11.84 8.42 60.09
CA ASN G 32 12.68 9.54 60.47
C ASN G 32 12.83 10.61 59.41
N LYS G 33 12.10 10.52 58.29
CA LYS G 33 11.84 11.68 57.42
C LYS G 33 10.52 12.36 57.76
N THR G 34 10.36 13.60 57.31
CA THR G 34 9.13 14.38 57.53
C THR G 34 8.80 15.19 56.29
N TYR G 35 7.56 15.10 55.82
CA TYR G 35 7.16 15.74 54.56
C TYR G 35 5.91 16.55 54.80
N VAL G 36 5.89 17.77 54.28
CA VAL G 36 4.70 18.57 54.34
C VAL G 36 3.92 18.26 53.06
N ILE G 37 2.66 17.87 53.18
CA ILE G 37 1.79 17.61 52.04
C ILE G 37 0.73 18.71 51.91
N MET G 38 0.78 19.47 50.82
CA MET G 38 -0.14 20.58 50.63
C MET G 38 -1.23 20.23 49.60
N GLY G 39 -2.50 20.48 49.94
CA GLY G 39 -3.62 20.29 49.01
C GLY G 39 -4.47 19.02 49.09
N ILE G 40 -4.55 18.38 50.27
CA ILE G 40 -5.67 17.47 50.48
C ILE G 40 -7.00 18.23 50.74
N ALA G 41 -8.01 17.98 49.91
CA ALA G 41 -9.39 18.31 50.22
C ALA G 41 -10.23 17.10 50.65
N ASN G 42 -9.89 15.90 50.18
CA ASN G 42 -10.69 14.76 50.59
C ASN G 42 -10.07 13.42 50.18
N LYS G 43 -10.86 12.36 50.26
CA LYS G 43 -10.26 11.03 50.02
C LYS G 43 -9.79 10.80 48.59
N ARG G 44 -10.27 11.57 47.62
CA ARG G 44 -9.95 11.37 46.20
CA ARG G 44 -9.88 11.31 46.24
C ARG G 44 -8.75 12.25 45.81
N SER G 45 -8.36 13.17 46.69
CA SER G 45 -7.23 14.04 46.35
C SER G 45 -5.98 13.25 45.95
N ILE G 46 -5.30 13.73 44.93
CA ILE G 46 -3.97 13.17 44.62
C ILE G 46 -3.09 13.25 45.87
N ALA G 47 -3.17 14.34 46.63
CA ALA G 47 -2.26 14.48 47.76
C ALA G 47 -2.55 13.39 48.79
N PHE G 48 -3.77 12.84 48.84
CA PHE G 48 -4.04 11.75 49.74
C PHE G 48 -3.45 10.40 49.28
N GLY G 49 -3.49 10.12 47.98
CA GLY G 49 -2.62 9.09 47.41
C GLY G 49 -1.15 9.20 47.86
N VAL G 50 -0.60 10.39 47.73
CA VAL G 50 0.75 10.66 48.19
C VAL G 50 0.90 10.35 49.69
N ALA G 51 -0.04 10.84 50.50
CA ALA G 51 -0.02 10.63 51.95
C ALA G 51 -0.04 9.16 52.36
N LYS G 52 -0.99 8.40 51.84
CA LYS G 52 -1.03 6.95 52.09
C LYS G 52 0.30 6.28 51.76
N VAL G 53 0.95 6.64 50.65
CA VAL G 53 2.19 5.94 50.31
C VAL G 53 3.30 6.30 51.30
N LEU G 54 3.49 7.59 51.56
CA LEU G 54 4.58 8.01 52.45
C LEU G 54 4.31 7.49 53.85
N ASP G 55 3.04 7.49 54.25
CA ASP G 55 2.67 7.09 55.61
C ASP G 55 2.99 5.61 55.81
N GLN G 56 2.67 4.82 54.78
CA GLN G 56 2.97 3.40 54.74
C GLN G 56 4.49 3.13 54.76
N LEU G 57 5.26 4.13 54.34
CA LEU G 57 6.71 3.96 54.25
C LEU G 57 7.40 4.43 55.52
N GLY G 58 6.60 4.85 56.49
CA GLY G 58 7.12 5.24 57.80
C GLY G 58 7.40 6.71 57.98
N ALA G 59 7.03 7.56 57.03
CA ALA G 59 7.31 8.99 57.12
C ALA G 59 6.41 9.68 58.15
N LYS G 60 6.91 10.75 58.76
CA LYS G 60 6.05 11.62 59.54
C LYS G 60 5.47 12.66 58.60
N LEU G 61 4.16 12.86 58.65
CA LEU G 61 3.50 13.76 57.71
C LEU G 61 2.89 14.99 58.36
N VAL G 62 2.90 16.10 57.62
CA VAL G 62 2.36 17.37 58.08
C VAL G 62 1.49 17.79 56.92
N PHE G 63 0.27 18.25 57.19
CA PHE G 63 -0.69 18.66 56.17
C PHE G 63 -1.13 20.12 56.30
N THR G 64 -1.29 20.76 55.14
CA THR G 64 -1.79 22.13 55.05
C THR G 64 -3.04 22.19 54.15
N TYR G 65 -4.04 22.97 54.57
CA TYR G 65 -5.32 22.97 53.88
C TYR G 65 -5.72 24.43 53.73
N ARG G 66 -6.71 24.73 52.90
CA ARG G 66 -7.23 26.08 52.85
C ARG G 66 -8.59 26.21 53.55
N LYS G 67 -9.58 25.38 53.17
CA LYS G 67 -10.98 25.49 53.62
C LYS G 67 -11.18 24.64 54.86
N GLU G 68 -12.09 25.09 55.72
CA GLU G 68 -12.23 24.34 56.94
CA GLU G 68 -12.49 24.41 56.94
C GLU G 68 -12.81 22.97 56.62
N ARG G 69 -13.57 22.84 55.56
CA ARG G 69 -14.04 21.51 55.16
C ARG G 69 -12.89 20.52 54.90
N SER G 70 -11.81 21.02 54.30
CA SER G 70 -10.67 20.14 54.03
C SER G 70 -10.06 19.70 55.35
N ARG G 71 -9.98 20.63 56.30
CA ARG G 71 -9.43 20.26 57.58
C ARG G 71 -10.30 19.15 58.19
N LYS G 72 -11.60 19.32 58.15
CA LYS G 72 -12.50 18.30 58.67
C LYS G 72 -12.30 16.93 58.01
N GLU G 73 -12.13 16.93 56.70
CA GLU G 73 -11.82 15.73 55.92
C GLU G 73 -10.47 15.07 56.29
N LEU G 74 -9.45 15.89 56.52
CA LEU G 74 -8.14 15.44 56.99
C LEU G 74 -8.31 14.74 58.33
N GLU G 75 -9.09 15.35 59.23
CA GLU G 75 -9.28 14.79 60.56
C GLU G 75 -9.79 13.36 60.40
N LYS G 76 -10.76 13.12 59.54
CA LYS G 76 -11.27 11.74 59.46
C LYS G 76 -10.36 10.80 58.65
N LEU G 77 -9.55 11.34 57.74
CA LEU G 77 -8.68 10.50 56.92
C LEU G 77 -7.43 10.16 57.70
N LEU G 78 -7.02 11.05 58.59
CA LEU G 78 -5.95 10.69 59.50
C LEU G 78 -6.09 9.36 60.26
N GLU G 79 -7.31 8.88 60.49
CA GLU G 79 -7.48 7.64 61.28
C GLU G 79 -7.29 6.40 60.43
N GLN G 80 -7.20 6.59 59.12
CA GLN G 80 -6.79 5.54 58.19
C GLN G 80 -5.27 5.39 58.12
N LEU G 81 -4.56 6.47 58.42
CA LEU G 81 -3.11 6.50 58.46
C LEU G 81 -2.55 6.03 59.80
N ASN G 82 -1.26 5.68 59.78
CA ASN G 82 -0.48 5.40 60.98
C ASN G 82 0.17 6.61 61.62
N GLN G 83 -0.21 7.84 61.29
CA GLN G 83 0.39 8.99 61.96
C GLN G 83 -0.03 8.99 63.43
N PRO G 84 0.91 9.17 64.37
CA PRO G 84 0.36 9.19 65.71
C PRO G 84 -0.16 10.57 66.08
N GLU G 85 0.34 11.63 65.48
CA GLU G 85 -0.35 12.90 65.73
C GLU G 85 -0.75 13.64 64.48
N ALA G 86 -1.74 14.52 64.66
CA ALA G 86 -2.33 15.31 63.60
C ALA G 86 -1.56 16.62 63.50
N HIS G 87 -0.80 16.81 62.43
CA HIS G 87 -0.13 18.09 62.24
C HIS G 87 -0.83 18.87 61.10
N LEU G 88 -1.79 19.72 61.44
CA LEU G 88 -2.59 20.40 60.43
C LEU G 88 -2.43 21.91 60.45
N TYR G 89 -2.30 22.54 59.29
CA TYR G 89 -2.02 23.96 59.27
C TYR G 89 -2.78 24.57 58.11
N GLN G 90 -3.49 25.66 58.37
CA GLN G 90 -4.26 26.31 57.35
C GLN G 90 -3.32 27.28 56.67
N ILE G 91 -3.07 27.04 55.39
CA ILE G 91 -2.26 27.91 54.56
C ILE G 91 -3.03 28.15 53.26
N ASP G 92 -3.50 29.37 53.08
CA ASP G 92 -3.96 29.80 51.77
C ASP G 92 -2.77 30.42 51.00
N VAL G 93 -2.35 29.82 49.90
CA VAL G 93 -1.15 30.28 49.22
C VAL G 93 -1.33 31.63 48.49
N GLN G 94 -2.54 32.20 48.55
CA GLN G 94 -2.70 33.54 48.03
C GLN G 94 -2.05 34.57 48.98
N SER G 95 -1.82 34.17 50.22
CA SER G 95 -1.35 35.07 51.26
C SER G 95 0.10 34.77 51.58
N ASP G 96 0.96 35.76 51.39
CA ASP G 96 2.34 35.67 51.82
C ASP G 96 2.49 35.38 53.31
N GLU G 97 1.71 36.09 54.14
CA GLU G 97 1.81 35.87 55.57
CA GLU G 97 1.67 35.89 55.58
C GLU G 97 1.36 34.46 55.97
N GLU G 98 0.36 33.87 55.31
CA GLU G 98 -0.05 32.54 55.75
C GLU G 98 0.98 31.47 55.38
N VAL G 99 1.69 31.69 54.26
CA VAL G 99 2.70 30.73 53.85
C VAL G 99 3.88 30.90 54.78
N ILE G 100 4.24 32.17 55.01
CA ILE G 100 5.42 32.48 55.82
C ILE G 100 5.27 32.03 57.27
N ASN G 101 4.14 32.38 57.88
CA ASN G 101 3.83 32.04 59.27
C ASN G 101 3.47 30.57 59.41
N GLY G 102 2.80 30.01 58.40
CA GLY G 102 2.58 28.58 58.32
C GLY G 102 3.85 27.72 58.37
N PHE G 103 4.82 28.02 57.51
CA PHE G 103 6.01 27.17 57.52
C PHE G 103 6.84 27.35 58.77
N GLU G 104 6.95 28.60 59.22
CA GLU G 104 7.61 28.94 60.47
C GLU G 104 7.07 28.12 61.66
N GLN G 105 5.77 28.26 61.88
CA GLN G 105 4.98 27.40 62.77
C GLN G 105 5.28 25.90 62.61
N ILE G 106 5.31 25.39 61.37
CA ILE G 106 5.64 23.99 61.09
C ILE G 106 7.03 23.68 61.66
N GLY G 107 7.94 24.63 61.43
CA GLY G 107 9.32 24.50 61.84
C GLY G 107 9.44 24.42 63.35
N LYS G 108 8.61 25.18 64.07
CA LYS G 108 8.61 25.11 65.52
C LYS G 108 7.97 23.84 66.07
N ASP G 109 6.95 23.33 65.40
CA ASP G 109 6.25 22.15 65.89
C ASP G 109 6.97 20.83 65.61
N VAL G 110 7.54 20.67 64.42
CA VAL G 110 8.18 19.42 64.03
C VAL G 110 9.68 19.57 63.77
N GLY G 111 10.17 20.81 63.73
CA GLY G 111 11.58 21.02 63.40
C GLY G 111 11.81 20.96 61.90
N ASN G 112 12.96 20.44 61.53
CA ASN G 112 13.39 20.47 60.15
C ASN G 112 12.65 19.41 59.32
N ILE G 113 12.37 19.70 58.05
CA ILE G 113 11.68 18.76 57.19
C ILE G 113 12.57 18.25 56.06
N ASP G 114 12.07 17.26 55.34
CA ASP G 114 12.81 16.67 54.22
C ASP G 114 12.26 17.06 52.84
N GLY G 115 11.01 17.52 52.77
CA GLY G 115 10.50 17.82 51.45
C GLY G 115 9.10 18.37 51.48
N VAL G 116 8.61 18.83 50.35
CA VAL G 116 7.25 19.32 50.32
C VAL G 116 6.63 18.66 49.11
N TYR G 117 5.40 18.17 49.29
CA TYR G 117 4.60 17.75 48.16
C TYR G 117 3.55 18.79 47.91
N HIS G 118 3.64 19.46 46.77
CA HIS G 118 2.74 20.54 46.43
C HIS G 118 1.68 19.98 45.47
N SER G 119 0.43 19.95 45.94
CA SER G 119 -0.70 19.50 45.14
C SER G 119 -1.81 20.56 45.09
N ILE G 120 -1.44 21.75 44.60
CA ILE G 120 -2.36 22.91 44.71
C ILE G 120 -2.53 23.58 43.34
N ALA G 121 -3.78 23.84 42.96
CA ALA G 121 -4.12 24.54 41.73
C ALA G 121 -5.56 25.07 41.86
N PHE G 122 -5.86 26.18 41.18
CA PHE G 122 -7.20 26.72 41.14
C PHE G 122 -7.36 27.48 39.84
N ALA G 123 -8.54 27.42 39.25
CA ALA G 123 -8.96 28.40 38.25
C ALA G 123 -10.47 28.47 38.34
N ASN G 124 -11.08 29.61 38.01
CA ASN G 124 -12.54 29.65 37.89
C ASN G 124 -13.08 28.74 36.81
N MET G 125 -14.27 28.21 37.04
CA MET G 125 -14.95 27.38 36.07
C MET G 125 -15.22 28.03 34.70
N GLU G 126 -15.62 29.29 34.62
CA GLU G 126 -15.77 29.88 33.27
C GLU G 126 -14.54 29.57 32.39
N ASP G 127 -13.37 29.49 32.99
CA ASP G 127 -12.11 29.48 32.29
C ASP G 127 -11.64 28.05 31.99
N LEU G 128 -12.53 27.07 32.10
CA LEU G 128 -12.08 25.67 31.99
C LEU G 128 -12.88 24.94 30.92
N ARG G 129 -13.35 25.77 29.98
CA ARG G 129 -14.23 25.36 28.89
C ARG G 129 -14.37 26.54 27.91
N GLY G 130 -14.98 26.28 26.76
CA GLY G 130 -15.17 27.33 25.77
C GLY G 130 -13.83 27.90 25.33
N ARG G 131 -13.76 29.22 25.13
CA ARG G 131 -12.70 29.78 24.31
C ARG G 131 -11.57 30.36 25.17
N PHE G 132 -10.35 29.81 25.01
CA PHE G 132 -9.24 30.35 25.79
C PHE G 132 -9.05 31.84 25.52
N SER G 133 -9.28 32.29 24.29
CA SER G 133 -8.95 33.69 23.94
C SER G 133 -9.86 34.67 24.71
N GLU G 134 -10.91 34.15 25.34
CA GLU G 134 -11.85 35.02 26.07
C GLU G 134 -11.51 35.10 27.56
N THR G 135 -10.44 34.45 27.98
CA THR G 135 -10.05 34.46 29.39
C THR G 135 -9.87 35.91 29.89
N SER G 136 -10.40 36.21 31.07
CA SER G 136 -10.23 37.52 31.68
C SER G 136 -8.80 37.60 32.28
N ARG G 137 -8.25 38.82 32.35
CA ARG G 137 -6.99 39.07 33.08
C ARG G 137 -7.08 38.51 34.52
N GLU G 138 -8.23 38.73 35.14
CA GLU G 138 -8.34 38.38 36.54
C GLU G 138 -8.35 36.85 36.67
N GLY G 139 -9.04 36.14 35.78
CA GLY G 139 -8.97 34.68 35.79
C GLY G 139 -7.56 34.14 35.53
N PHE G 140 -6.89 34.78 34.59
CA PHE G 140 -5.58 34.31 34.13
C PHE G 140 -4.59 34.48 35.27
N LEU G 141 -4.61 35.66 35.90
CA LEU G 141 -3.62 35.95 36.94
C LEU G 141 -3.91 35.17 38.21
N LEU G 142 -5.20 34.91 38.47
CA LEU G 142 -5.63 34.05 39.60
C LEU G 142 -5.07 32.63 39.48
N ALA G 143 -5.20 32.01 38.31
CA ALA G 143 -4.65 30.66 38.11
C ALA G 143 -3.10 30.57 38.27
N GLN G 144 -2.39 31.59 37.77
CA GLN G 144 -0.94 31.71 37.92
C GLN G 144 -0.58 31.91 39.39
N ASP G 145 -1.33 32.79 40.05
CA ASP G 145 -1.03 33.11 41.42
C ASP G 145 -1.04 31.84 42.27
N ILE G 146 -2.18 31.16 42.27
CA ILE G 146 -2.38 29.95 43.08
C ILE G 146 -1.64 28.75 42.55
N SER G 147 -1.55 28.62 41.23
CA SER G 147 -1.10 27.37 40.64
C SER G 147 0.40 27.31 40.32
N SER G 148 1.06 28.45 40.35
CA SER G 148 2.47 28.48 39.94
C SER G 148 3.29 29.31 40.92
N TYR G 149 2.89 30.56 41.15
CA TYR G 149 3.63 31.36 42.10
C TYR G 149 3.63 30.69 43.47
N SER G 150 2.54 30.05 43.88
CA SER G 150 2.55 29.40 45.17
C SER G 150 3.81 28.54 45.39
N LEU G 151 4.29 27.89 44.34
CA LEU G 151 5.46 27.03 44.48
C LEU G 151 6.74 27.82 44.82
N THR G 152 6.94 28.96 44.15
CA THR G 152 8.08 29.83 44.40
C THR G 152 8.16 30.23 45.86
N ILE G 153 7.08 30.84 46.36
CA ILE G 153 7.02 31.22 47.76
C ILE G 153 7.09 30.03 48.74
N VAL G 154 6.41 28.94 48.42
CA VAL G 154 6.50 27.76 49.28
C VAL G 154 7.94 27.24 49.33
N ALA G 155 8.66 27.25 48.21
CA ALA G 155 10.02 26.75 48.22
C ALA G 155 10.90 27.71 49.01
N HIS G 156 10.72 29.01 48.83
CA HIS G 156 11.51 29.95 49.61
C HIS G 156 11.34 29.73 51.12
N GLU G 157 10.10 29.54 51.60
CA GLU G 157 9.87 29.31 53.04
C GLU G 157 10.27 27.89 53.48
N ALA G 158 9.92 26.87 52.71
CA ALA G 158 10.32 25.49 53.03
C ALA G 158 11.84 25.36 53.12
N LYS G 159 12.55 26.12 52.31
CA LYS G 159 14.00 25.98 52.27
C LYS G 159 14.64 26.29 53.64
N LYS G 160 13.97 27.14 54.43
CA LYS G 160 14.47 27.51 55.76
C LYS G 160 14.45 26.32 56.73
N LEU G 161 13.71 25.28 56.39
CA LEU G 161 13.52 24.09 57.20
C LEU G 161 14.32 22.93 56.63
N MET G 162 15.18 23.23 55.67
CA MET G 162 15.87 22.17 54.95
C MET G 162 17.37 22.48 54.84
N PRO G 163 18.01 22.80 55.98
CA PRO G 163 19.38 23.28 55.93
C PRO G 163 20.34 22.22 55.37
N GLU G 164 19.96 20.96 55.46
CA GLU G 164 20.72 19.83 54.94
C GLU G 164 20.34 19.48 53.49
N GLY G 165 19.41 20.21 52.88
CA GLY G 165 18.85 19.79 51.60
C GLY G 165 17.54 18.99 51.70
N GLY G 166 16.85 18.79 50.58
CA GLY G 166 15.65 18.00 50.56
C GLY G 166 15.06 18.01 49.18
N SER G 167 13.73 17.87 49.12
CA SER G 167 13.09 17.54 47.87
C SER G 167 11.69 18.16 47.75
N ILE G 168 11.43 18.85 46.66
CA ILE G 168 10.14 19.48 46.49
C ILE G 168 9.53 19.00 45.17
N VAL G 169 8.26 18.61 45.22
CA VAL G 169 7.57 17.98 44.10
C VAL G 169 6.23 18.68 43.92
N ALA G 170 5.97 19.19 42.73
CA ALA G 170 4.68 19.76 42.37
C ALA G 170 3.95 18.88 41.35
N THR G 171 2.64 19.09 41.19
CA THR G 171 1.81 18.21 40.39
C THR G 171 1.41 18.97 39.16
N THR G 172 1.66 18.38 37.99
CA THR G 172 1.30 19.09 36.78
C THR G 172 0.50 18.18 35.87
N TYR G 173 0.17 18.71 34.70
CA TYR G 173 -0.62 17.96 33.76
C TYR G 173 -0.07 18.22 32.37
N LEU G 174 -0.24 17.25 31.47
CA LEU G 174 0.24 17.29 30.09
C LEU G 174 -0.23 18.55 29.40
N GLY G 175 -1.36 19.13 29.83
CA GLY G 175 -1.85 20.37 29.19
C GLY G 175 -0.90 21.53 29.37
N GLY G 176 0.00 21.41 30.36
CA GLY G 176 1.26 22.22 30.45
C GLY G 176 2.17 22.26 29.21
N GLU G 177 2.25 21.18 28.45
CA GLU G 177 3.22 21.08 27.37
C GLU G 177 2.55 21.14 25.98
N PHE G 178 1.23 20.91 25.90
CA PHE G 178 0.48 20.84 24.64
C PHE G 178 -0.85 21.51 24.83
N ALA G 179 -1.44 22.18 23.84
CA ALA G 179 -2.81 22.67 23.99
C ALA G 179 -3.79 21.48 24.02
N VAL G 180 -4.28 21.16 25.22
CA VAL G 180 -5.41 20.24 25.38
C VAL G 180 -6.73 21.01 25.44
N GLN G 181 -7.70 20.70 24.58
CA GLN G 181 -9.00 21.40 24.50
C GLN G 181 -9.69 21.51 25.85
N ASN G 182 -10.17 22.69 26.24
CA ASN G 182 -10.78 22.97 27.56
C ASN G 182 -9.86 23.29 28.74
N TYR G 183 -8.66 22.75 28.79
CA TYR G 183 -7.87 22.89 29.99
C TYR G 183 -7.39 24.36 30.08
N ASN G 184 -7.33 24.97 28.91
CA ASN G 184 -7.34 26.43 28.77
C ASN G 184 -6.43 27.15 29.76
N VAL G 185 -6.99 28.01 30.62
CA VAL G 185 -6.17 28.89 31.43
C VAL G 185 -5.28 28.04 32.36
N MET G 186 -5.73 26.84 32.73
CA MET G 186 -4.89 26.03 33.58
C MET G 186 -3.66 25.50 32.83
N GLY G 187 -3.79 25.26 31.52
CA GLY G 187 -2.62 24.80 30.76
C GLY G 187 -1.51 25.85 30.75
N VAL G 188 -1.89 27.12 30.64
CA VAL G 188 -0.85 28.14 30.67
C VAL G 188 -0.29 28.24 32.09
N ALA G 189 -1.10 28.04 33.11
CA ALA G 189 -0.59 28.03 34.46
C ALA G 189 0.34 26.86 34.68
N LYS G 190 0.07 25.68 34.09
CA LYS G 190 0.97 24.54 34.30
C LYS G 190 2.27 24.69 33.52
N ALA G 191 2.23 25.39 32.38
CA ALA G 191 3.46 25.69 31.65
C ALA G 191 4.36 26.58 32.54
N SER G 192 3.71 27.54 33.18
CA SER G 192 4.35 28.44 34.10
C SER G 192 4.93 27.65 35.27
N LEU G 193 4.14 26.71 35.78
CA LEU G 193 4.57 25.84 36.87
C LEU G 193 5.78 24.96 36.49
N GLU G 194 5.80 24.47 35.26
CA GLU G 194 6.82 23.48 34.92
C GLU G 194 8.14 24.24 34.75
N ALA G 195 8.07 25.47 34.26
CA ALA G 195 9.26 26.32 34.16
C ALA G 195 9.72 26.78 35.55
N ASN G 196 8.77 27.05 36.44
CA ASN G 196 9.02 27.41 37.83
C ASN G 196 9.81 26.26 38.49
N VAL G 197 9.44 25.02 38.20
CA VAL G 197 10.17 23.91 38.76
C VAL G 197 11.62 23.93 38.23
N LYS G 198 11.80 24.32 36.96
CA LYS G 198 13.17 24.31 36.39
C LYS G 198 14.00 25.45 36.98
N TYR G 199 13.40 26.64 37.15
CA TYR G 199 14.15 27.75 37.67
C TYR G 199 14.43 27.57 39.16
N LEU G 200 13.54 26.90 39.90
CA LEU G 200 13.80 26.60 41.31
C LEU G 200 14.86 25.54 41.43
N ALA G 201 14.84 24.52 40.57
CA ALA G 201 15.89 23.49 40.58
C ALA G 201 17.30 24.10 40.40
N LEU G 202 17.43 25.03 39.46
CA LEU G 202 18.70 25.71 39.23
C LEU G 202 19.07 26.53 40.47
N ASP G 203 18.09 27.24 41.03
CA ASP G 203 18.38 28.21 42.10
C ASP G 203 18.79 27.48 43.38
N LEU G 204 18.12 26.37 43.68
CA LEU G 204 18.24 25.73 44.99
C LEU G 204 19.11 24.49 44.95
N GLY G 205 19.48 24.02 43.78
CA GLY G 205 20.44 22.91 43.66
C GLY G 205 21.73 23.07 44.46
N PRO G 206 22.36 24.25 44.40
CA PRO G 206 23.55 24.40 45.27
C PRO G 206 23.27 24.19 46.77
N ASP G 207 22.02 24.30 47.20
CA ASP G 207 21.63 24.04 48.59
C ASP G 207 21.25 22.57 48.82
N ASN G 208 21.52 21.75 47.80
CA ASN G 208 21.07 20.37 47.76
C ASN G 208 19.53 20.20 47.90
N ILE G 209 18.77 21.15 47.35
CA ILE G 209 17.31 20.97 47.33
C ILE G 209 16.91 20.68 45.90
N ARG G 210 16.37 19.47 45.71
CA ARG G 210 15.89 19.02 44.42
C ARG G 210 14.43 19.46 44.27
N VAL G 211 14.10 19.90 43.04
CA VAL G 211 12.74 20.29 42.72
C VAL G 211 12.31 19.59 41.44
N ASN G 212 11.15 18.94 41.45
CA ASN G 212 10.71 18.08 40.34
C ASN G 212 9.21 18.16 40.23
N ALA G 213 8.68 17.69 39.11
CA ALA G 213 7.24 17.66 38.90
C ALA G 213 6.81 16.21 38.60
N ILE G 214 5.60 15.86 39.00
CA ILE G 214 4.95 14.67 38.49
C ILE G 214 3.80 15.12 37.63
N SER G 215 3.76 14.63 36.40
CA SER G 215 2.70 14.98 35.42
C SER G 215 1.72 13.83 35.44
N ALA G 216 0.61 14.03 36.17
CA ALA G 216 -0.34 12.94 36.40
C ALA G 216 -1.32 12.88 35.25
N GLY G 217 -1.72 11.67 34.90
CA GLY G 217 -2.82 11.44 34.01
C GLY G 217 -4.14 11.78 34.68
N PRO G 218 -5.23 11.86 33.90
CA PRO G 218 -6.51 12.28 34.51
C PRO G 218 -6.96 11.32 35.66
N ILE G 219 -7.43 11.84 36.79
CA ILE G 219 -7.89 11.09 37.96
C ILE G 219 -9.16 11.76 38.48
N ARG G 220 -10.20 11.00 38.78
CA ARG G 220 -11.43 11.60 39.31
C ARG G 220 -11.23 12.27 40.67
N THR G 221 -11.18 13.59 40.66
CA THR G 221 -11.12 14.34 41.90
C THR G 221 -12.15 15.47 41.97
N LEU G 222 -12.24 16.12 43.12
CA LEU G 222 -13.11 17.26 43.26
C LEU G 222 -12.76 18.26 42.17
N SER G 223 -11.47 18.53 41.98
CA SER G 223 -11.09 19.57 41.05
C SER G 223 -11.37 19.16 39.60
N ALA G 224 -11.22 17.89 39.27
CA ALA G 224 -11.46 17.42 37.91
C ALA G 224 -12.91 17.66 37.53
N LYS G 225 -13.79 17.73 38.53
CA LYS G 225 -15.19 17.96 38.26
C LYS G 225 -15.40 19.29 37.53
N GLY G 226 -14.48 20.23 37.63
CA GLY G 226 -14.73 21.54 37.01
C GLY G 226 -14.13 21.71 35.62
N VAL G 227 -13.48 20.69 35.09
CA VAL G 227 -12.87 20.81 33.77
C VAL G 227 -13.80 20.28 32.67
N GLY G 228 -14.15 21.10 31.68
CA GLY G 228 -14.92 20.54 30.55
C GLY G 228 -14.26 19.29 29.97
N GLY G 229 -15.07 18.29 29.64
CA GLY G 229 -14.64 17.22 28.77
C GLY G 229 -13.74 16.21 29.45
N PHE G 230 -13.60 16.32 30.78
CA PHE G 230 -12.83 15.38 31.61
C PHE G 230 -13.21 13.89 31.37
N ASN G 231 -14.49 13.53 31.43
CA ASN G 231 -14.86 12.14 31.15
C ASN G 231 -14.41 11.65 29.77
N THR G 232 -14.59 12.46 28.73
CA THR G 232 -14.07 12.12 27.41
C THR G 232 -12.59 11.73 27.38
N ILE G 233 -11.75 12.47 28.11
CA ILE G 233 -10.29 12.28 28.17
C ILE G 233 -9.97 11.00 28.93
N LEU G 234 -10.68 10.73 30.01
CA LEU G 234 -10.47 9.49 30.76
C LEU G 234 -10.60 8.23 29.89
N LYS G 235 -11.62 8.26 29.03
CA LYS G 235 -11.92 7.15 28.15
C LYS G 235 -10.90 7.04 27.02
N GLU G 236 -10.46 8.19 26.51
CA GLU G 236 -9.48 8.22 25.44
C GLU G 236 -8.12 7.67 25.92
N ILE G 237 -7.74 7.99 27.17
CA ILE G 237 -6.61 7.33 27.81
C ILE G 237 -6.70 5.81 27.78
N GLU G 238 -7.84 5.19 28.08
CA GLU G 238 -7.97 3.72 28.06
C GLU G 238 -7.78 3.16 26.66
N GLU G 239 -8.31 3.88 25.68
CA GLU G 239 -8.23 3.38 24.31
C GLU G 239 -6.86 3.58 23.67
N ARG G 240 -6.14 4.64 24.06
CA ARG G 240 -4.97 5.09 23.30
CA ARG G 240 -4.98 5.07 23.30
C ARG G 240 -3.65 5.01 24.06
N ALA G 241 -3.67 5.18 25.39
CA ALA G 241 -2.43 5.17 26.16
C ALA G 241 -1.80 3.80 26.08
N PRO G 242 -0.47 3.72 26.03
CA PRO G 242 0.23 2.43 25.96
C PRO G 242 -0.27 1.39 26.98
N LEU G 243 -0.61 1.79 28.21
CA LEU G 243 -1.01 0.79 29.18
C LEU G 243 -2.50 0.43 29.05
N LYS G 244 -3.24 1.19 28.25
CA LYS G 244 -4.65 0.92 28.03
C LYS G 244 -5.46 0.93 29.33
N ARG G 245 -5.14 1.87 30.22
CA ARG G 245 -5.87 1.97 31.46
C ARG G 245 -5.49 3.33 32.05
N ASN G 246 -6.33 3.82 32.93
CA ASN G 246 -6.04 5.05 33.68
C ASN G 246 -5.17 4.78 34.91
N VAL G 247 -4.59 5.84 35.46
CA VAL G 247 -3.68 5.69 36.61
C VAL G 247 -4.48 6.07 37.86
N ASP G 248 -4.01 5.80 39.06
CA ASP G 248 -4.68 6.35 40.25
C ASP G 248 -3.73 7.11 41.18
N GLN G 249 -4.37 7.76 42.15
CA GLN G 249 -3.66 8.58 43.15
C GLN G 249 -2.50 7.83 43.79
N VAL G 250 -2.69 6.54 44.12
CA VAL G 250 -1.60 5.76 44.73
C VAL G 250 -0.37 5.63 43.80
N GLU G 251 -0.61 5.54 42.50
CA GLU G 251 0.48 5.47 41.54
C GLU G 251 1.20 6.79 41.44
N VAL G 252 0.49 7.91 41.58
CA VAL G 252 1.17 9.19 41.76
C VAL G 252 1.98 9.21 43.05
N GLY G 253 1.38 8.70 44.14
CA GLY G 253 2.08 8.59 45.42
C GLY G 253 3.38 7.78 45.40
N LYS G 254 3.36 6.63 44.72
CA LYS G 254 4.56 5.83 44.56
C LYS G 254 5.66 6.62 43.82
N THR G 255 5.32 7.35 42.76
CA THR G 255 6.36 8.15 42.13
C THR G 255 6.83 9.29 43.03
N ALA G 256 5.92 9.82 43.85
CA ALA G 256 6.25 10.87 44.81
C ALA G 256 7.23 10.35 45.86
N ALA G 257 7.05 9.10 46.31
CA ALA G 257 7.98 8.49 47.24
C ALA G 257 9.38 8.37 46.61
N TYR G 258 9.44 8.03 45.33
CA TYR G 258 10.74 8.02 44.68
C TYR G 258 11.32 9.45 44.64
N LEU G 259 10.58 10.41 44.14
CA LEU G 259 11.11 11.78 44.01
C LEU G 259 11.50 12.40 45.35
N LEU G 260 10.83 12.02 46.44
CA LEU G 260 11.03 12.72 47.71
C LEU G 260 12.10 12.01 48.50
N SER G 261 12.50 10.83 48.03
CA SER G 261 13.50 10.05 48.72
C SER G 261 14.89 10.08 48.08
N ASP G 262 15.83 9.43 48.77
CA ASP G 262 17.18 9.29 48.27
C ASP G 262 17.23 8.45 47.00
N LEU G 263 16.14 7.79 46.61
CA LEU G 263 16.28 6.99 45.40
C LEU G 263 16.52 7.88 44.18
N SER G 264 16.08 9.12 44.28
CA SER G 264 16.13 9.97 43.11
C SER G 264 17.22 11.00 43.29
N SER G 265 18.26 10.69 44.06
N SER G 265 18.29 10.67 43.99
CA SER G 265 19.37 11.64 44.13
CA SER G 265 19.22 11.69 44.49
C SER G 265 19.95 11.77 42.73
C SER G 265 19.92 12.53 43.42
N GLY G 266 20.48 12.93 42.38
N GLY G 266 20.02 12.02 42.20
CA GLY G 266 20.84 13.21 41.00
CA GLY G 266 20.67 12.73 41.10
C GLY G 266 19.71 13.58 40.05
C GLY G 266 19.73 13.42 40.11
N VAL G 267 18.46 13.54 40.49
CA VAL G 267 17.35 13.90 39.60
C VAL G 267 16.75 15.19 40.12
N THR G 268 16.82 16.24 39.32
CA THR G 268 16.21 17.51 39.70
C THR G 268 15.90 18.22 38.38
N GLY G 269 14.96 19.17 38.39
CA GLY G 269 14.49 19.87 37.17
C GLY G 269 13.71 18.96 36.24
N GLU G 270 13.31 17.78 36.72
CA GLU G 270 12.66 16.76 35.91
C GLU G 270 11.11 16.74 36.05
N ASN G 271 10.42 16.28 35.00
CA ASN G 271 8.99 16.10 35.01
C ASN G 271 8.69 14.64 34.64
N ILE G 272 8.34 13.82 35.62
CA ILE G 272 7.99 12.41 35.39
C ILE G 272 6.49 12.20 35.15
N HIS G 273 6.18 11.63 34.00
CA HIS G 273 4.79 11.48 33.58
C HIS G 273 4.24 10.19 34.15
N VAL G 274 3.19 10.30 34.96
CA VAL G 274 2.57 9.12 35.56
C VAL G 274 1.17 9.02 34.96
N ASP G 275 1.11 8.45 33.75
CA ASP G 275 0.00 8.67 32.86
C ASP G 275 -0.18 7.52 31.88
N SER G 276 0.31 6.35 32.25
CA SER G 276 0.16 5.17 31.40
C SER G 276 0.85 5.29 30.05
N GLY G 277 1.72 6.28 29.91
CA GLY G 277 2.53 6.41 28.69
C GLY G 277 1.93 7.38 27.69
N PHE G 278 0.81 7.99 28.05
CA PHE G 278 0.05 8.79 27.13
C PHE G 278 0.87 9.94 26.55
N HIS G 279 1.80 10.49 27.33
CA HIS G 279 2.62 11.61 26.88
C HIS G 279 3.53 11.17 25.73
N ALA G 280 3.80 9.88 25.60
CA ALA G 280 4.84 9.46 24.65
C ALA G 280 4.27 9.25 23.24
N ILE G 281 2.96 9.29 23.09
CA ILE G 281 2.32 8.91 21.84
C ILE G 281 1.62 10.10 21.25
N LYS G 282 1.41 10.04 19.94
CA LYS G 282 0.63 11.05 19.23
C LYS G 282 -0.30 10.31 18.26
N ASN H 29 5.95 39.00 -1.12
CA ASN H 29 5.49 40.41 -1.24
C ASN H 29 4.27 40.75 -0.37
N LEU H 30 4.43 41.72 0.53
CA LEU H 30 3.40 42.09 1.50
C LEU H 30 2.62 43.34 1.10
N GLU H 31 2.62 43.65 -0.18
CA GLU H 31 1.81 44.74 -0.68
C GLU H 31 0.36 44.45 -0.31
N ASN H 32 -0.39 45.51 0.01
CA ASN H 32 -1.78 45.37 0.43
C ASN H 32 -2.04 44.43 1.63
N LYS H 33 -1.00 44.09 2.40
CA LYS H 33 -1.14 43.64 3.77
C LYS H 33 -1.05 44.79 4.78
N THR H 34 -1.67 44.62 5.95
CA THR H 34 -1.51 45.57 7.03
C THR H 34 -1.20 44.88 8.34
N TYR H 35 -0.14 45.31 9.01
CA TYR H 35 0.23 44.71 10.28
C TYR H 35 0.32 45.73 11.38
N VAL H 36 -0.03 45.28 12.58
CA VAL H 36 0.10 46.12 13.78
C VAL H 36 1.32 45.59 14.51
N ILE H 37 2.25 46.49 14.78
CA ILE H 37 3.49 46.14 15.44
C ILE H 37 3.51 46.79 16.80
N MET H 38 3.48 45.94 17.82
CA MET H 38 3.46 46.39 19.21
C MET H 38 4.86 46.31 19.85
N GLY H 39 5.36 47.43 20.38
CA GLY H 39 6.54 47.38 21.23
C GLY H 39 7.83 47.97 20.65
N ILE H 40 7.74 48.95 19.76
CA ILE H 40 8.95 49.72 19.47
C ILE H 40 9.26 50.74 20.56
N ALA H 41 10.47 50.66 21.12
CA ALA H 41 10.98 51.67 22.05
C ALA H 41 11.99 52.63 21.37
N ASN H 42 12.91 52.10 20.55
CA ASN H 42 13.92 52.93 19.89
C ASN H 42 14.54 52.22 18.66
N LYS H 43 15.64 52.73 18.12
CA LYS H 43 16.24 52.08 16.93
C LYS H 43 16.70 50.65 17.18
N ARG H 44 16.90 50.25 18.44
CA ARG H 44 17.42 48.91 18.72
C ARG H 44 16.35 47.85 18.96
N SER H 45 15.09 48.26 19.09
CA SER H 45 14.07 47.28 19.46
C SER H 45 13.97 46.16 18.44
N ILE H 46 13.69 44.94 18.90
CA ILE H 46 13.47 43.84 17.95
C ILE H 46 12.35 44.21 16.96
N ALA H 47 11.30 44.83 17.51
CA ALA H 47 10.12 45.21 16.76
C ALA H 47 10.44 46.22 15.62
N PHE H 48 11.51 46.99 15.77
CA PHE H 48 11.86 47.93 14.72
C PHE H 48 12.51 47.21 13.54
N GLY H 49 13.25 46.16 13.87
CA GLY H 49 13.74 45.21 12.88
C GLY H 49 12.61 44.56 12.11
N VAL H 50 11.58 44.10 12.81
CA VAL H 50 10.40 43.61 12.14
C VAL H 50 9.91 44.73 11.22
N ALA H 51 9.79 45.95 11.76
CA ALA H 51 9.26 47.05 10.94
C ALA H 51 9.98 47.22 9.61
N LYS H 52 11.31 47.16 9.60
CA LYS H 52 11.99 47.63 8.38
C LYS H 52 11.76 46.56 7.34
N VAL H 53 11.80 45.31 7.80
CA VAL H 53 11.62 44.17 6.89
C VAL H 53 10.24 44.19 6.22
N LEU H 54 9.19 44.27 7.03
CA LEU H 54 7.82 44.40 6.53
C LEU H 54 7.66 45.67 5.68
N ASP H 55 8.31 46.76 6.07
CA ASP H 55 8.23 47.98 5.26
C ASP H 55 8.89 47.79 3.90
N GLN H 56 10.15 47.35 3.85
CA GLN H 56 10.76 46.90 2.61
C GLN H 56 9.78 46.03 1.84
N LEU H 57 9.17 45.02 2.49
CA LEU H 57 8.38 44.08 1.70
C LEU H 57 7.06 44.70 1.15
N GLY H 58 6.84 45.99 1.36
CA GLY H 58 5.60 46.69 0.97
C GLY H 58 4.34 46.69 1.84
N ALA H 59 4.44 46.23 3.09
CA ALA H 59 3.29 46.22 4.03
C ALA H 59 2.86 47.63 4.45
N LYS H 60 1.60 47.80 4.84
CA LYS H 60 1.18 48.98 5.62
C LYS H 60 1.30 48.65 7.12
N LEU H 61 1.90 49.51 7.92
CA LEU H 61 2.12 49.18 9.33
C LEU H 61 1.43 50.18 10.25
N VAL H 62 0.82 49.64 11.30
CA VAL H 62 0.38 50.44 12.43
C VAL H 62 1.31 50.18 13.60
N PHE H 63 1.61 51.20 14.40
CA PHE H 63 2.51 51.02 15.53
C PHE H 63 1.83 51.23 16.88
N THR H 64 1.95 50.32 17.84
CA THR H 64 1.47 50.69 19.17
C THR H 64 2.65 51.03 20.09
N TYR H 65 2.48 52.01 20.97
CA TYR H 65 3.50 52.34 21.98
C TYR H 65 2.93 52.46 23.40
N ARG H 66 3.78 52.29 24.41
CA ARG H 66 3.35 52.39 25.81
C ARG H 66 3.36 53.81 26.36
N LYS H 67 4.50 54.51 26.30
CA LYS H 67 4.74 55.76 27.05
C LYS H 67 5.04 56.94 26.08
N GLU H 68 5.37 58.15 26.54
CA GLU H 68 5.72 59.21 25.56
C GLU H 68 7.10 59.04 24.90
N ARG H 69 8.13 58.84 25.71
CA ARG H 69 9.50 58.62 25.25
C ARG H 69 9.48 57.79 23.97
N SER H 70 8.67 56.73 23.95
CA SER H 70 8.61 55.88 22.77
C SER H 70 7.87 56.56 21.60
N ARG H 71 6.94 57.48 21.89
CA ARG H 71 6.17 58.15 20.85
C ARG H 71 7.02 59.09 20.01
N LYS H 72 7.71 60.00 20.69
CA LYS H 72 8.56 61.03 20.08
C LYS H 72 9.56 60.39 19.15
N GLU H 73 10.35 59.54 19.79
CA GLU H 73 11.04 58.38 19.22
C GLU H 73 10.45 57.73 17.97
N LEU H 74 9.22 57.24 18.08
CA LEU H 74 8.62 56.53 16.97
C LEU H 74 8.48 57.49 15.81
N GLU H 75 7.90 58.66 16.09
CA GLU H 75 7.66 59.61 15.00
C GLU H 75 8.95 59.83 14.22
N LYS H 76 10.08 59.98 14.92
CA LYS H 76 11.38 60.22 14.27
C LYS H 76 11.90 58.96 13.57
N LEU H 77 11.87 57.83 14.26
CA LEU H 77 12.20 56.55 13.61
C LEU H 77 11.51 56.30 12.26
N LEU H 78 10.22 56.56 12.18
CA LEU H 78 9.43 56.17 11.00
C LEU H 78 9.68 57.03 9.77
N GLU H 79 10.59 57.98 9.84
CA GLU H 79 10.92 58.68 8.61
C GLU H 79 11.93 57.85 7.82
N GLN H 80 12.56 56.90 8.50
CA GLN H 80 13.43 55.94 7.84
C GLN H 80 12.67 54.85 7.08
N LEU H 81 11.35 54.82 7.21
CA LEU H 81 10.58 53.77 6.56
C LEU H 81 9.80 54.39 5.43
N ASN H 82 9.22 53.58 4.57
CA ASN H 82 8.52 54.16 3.41
C ASN H 82 7.09 54.47 3.76
N GLN H 83 6.67 54.19 4.99
CA GLN H 83 5.27 54.46 5.37
C GLN H 83 4.92 55.91 5.04
N PRO H 84 3.84 56.14 4.26
CA PRO H 84 3.42 57.53 4.00
C PRO H 84 2.58 58.02 5.19
N GLU H 85 2.18 57.10 6.07
CA GLU H 85 1.37 57.52 7.18
C GLU H 85 1.83 56.93 8.51
N ALA H 86 2.02 57.84 9.46
CA ALA H 86 2.36 57.43 10.80
C ALA H 86 1.06 57.05 11.50
N HIS H 87 0.71 55.77 11.43
CA HIS H 87 -0.44 55.32 12.16
C HIS H 87 0.08 54.83 13.51
N LEU H 88 -0.18 55.61 14.55
CA LEU H 88 0.42 55.40 15.87
C LEU H 88 -0.65 55.43 16.93
N TYR H 89 -0.61 54.49 17.86
CA TYR H 89 -1.64 54.32 18.88
C TYR H 89 -0.99 54.06 20.24
N GLN H 90 -1.45 54.76 21.26
CA GLN H 90 -0.96 54.45 22.58
C GLN H 90 -1.74 53.28 23.14
N ILE H 91 -1.05 52.20 23.49
CA ILE H 91 -1.69 51.11 24.23
C ILE H 91 -0.72 50.60 25.28
N ASP H 92 -1.06 50.83 26.55
CA ASP H 92 -0.49 50.05 27.62
C ASP H 92 -1.25 48.72 27.81
N VAL H 93 -0.55 47.59 27.65
CA VAL H 93 -1.26 46.30 27.66
C VAL H 93 -1.74 45.88 29.04
N GLN H 94 -1.44 46.72 30.04
CA GLN H 94 -1.99 46.44 31.37
C GLN H 94 -3.44 46.90 31.48
N SER H 95 -3.90 47.73 30.55
CA SER H 95 -5.28 48.18 30.55
C SER H 95 -6.12 47.46 29.50
N ASP H 96 -7.08 46.63 29.91
CA ASP H 96 -8.11 46.18 28.96
C ASP H 96 -8.65 47.32 28.10
N GLU H 97 -9.04 48.42 28.73
CA GLU H 97 -9.65 49.52 27.99
C GLU H 97 -8.75 49.98 26.84
N GLU H 98 -7.46 50.10 27.11
CA GLU H 98 -6.58 50.65 26.10
C GLU H 98 -6.40 49.61 24.98
N VAL H 99 -6.41 48.33 25.35
CA VAL H 99 -6.22 47.31 24.33
C VAL H 99 -7.46 47.31 23.44
N ILE H 100 -8.63 47.31 24.09
CA ILE H 100 -9.94 47.24 23.45
C ILE H 100 -10.16 48.49 22.59
N ASN H 101 -10.06 49.67 23.19
CA ASN H 101 -10.20 50.95 22.46
C ASN H 101 -9.14 51.19 21.36
N GLY H 102 -7.88 50.92 21.68
CA GLY H 102 -6.77 50.89 20.70
C GLY H 102 -7.07 50.07 19.46
N PHE H 103 -7.47 48.81 19.61
CA PHE H 103 -7.74 48.06 18.35
C PHE H 103 -8.98 48.59 17.61
N GLU H 104 -9.97 49.01 18.39
CA GLU H 104 -11.16 49.58 17.81
C GLU H 104 -10.85 50.77 16.92
N GLN H 105 -10.08 51.74 17.39
CA GLN H 105 -9.62 52.86 16.56
C GLN H 105 -8.79 52.36 15.36
N ILE H 106 -7.93 51.38 15.58
CA ILE H 106 -7.09 50.90 14.47
C ILE H 106 -7.96 50.45 13.31
N GLY H 107 -9.06 49.79 13.65
CA GLY H 107 -10.02 49.31 12.68
C GLY H 107 -10.73 50.48 12.05
N LYS H 108 -11.16 51.46 12.83
CA LYS H 108 -11.84 52.58 12.21
C LYS H 108 -10.88 53.38 11.33
N ASP H 109 -9.60 53.45 11.70
CA ASP H 109 -8.67 54.22 10.89
C ASP H 109 -8.12 53.51 9.67
N VAL H 110 -7.85 52.21 9.77
CA VAL H 110 -7.27 51.51 8.63
C VAL H 110 -8.05 50.24 8.18
N GLY H 111 -9.02 49.80 8.94
CA GLY H 111 -9.81 48.67 8.47
C GLY H 111 -9.27 47.34 8.96
N ASN H 112 -9.56 46.30 8.22
CA ASN H 112 -9.11 44.97 8.55
C ASN H 112 -7.58 44.82 8.41
N ILE H 113 -6.99 44.11 9.36
CA ILE H 113 -5.55 43.87 9.38
C ILE H 113 -5.24 42.39 9.07
N ASP H 114 -3.98 42.12 8.75
CA ASP H 114 -3.56 40.78 8.40
C ASP H 114 -2.76 40.12 9.51
N GLY H 115 -2.34 40.89 10.52
CA GLY H 115 -1.70 40.19 11.66
C GLY H 115 -1.07 41.13 12.67
N VAL H 116 -0.49 40.56 13.72
CA VAL H 116 0.07 41.38 14.81
C VAL H 116 1.39 40.80 15.20
N TYR H 117 2.39 41.67 15.26
CA TYR H 117 3.68 41.29 15.84
C TYR H 117 3.70 41.77 17.30
N HIS H 118 3.76 40.85 18.25
CA HIS H 118 3.76 41.26 19.65
C HIS H 118 5.21 41.24 20.13
N SER H 119 5.70 42.41 20.54
CA SER H 119 7.11 42.48 20.97
C SER H 119 7.18 43.18 22.34
N ILE H 120 6.44 42.65 23.32
CA ILE H 120 6.25 43.30 24.62
C ILE H 120 6.56 42.33 25.75
N ALA H 121 7.34 42.81 26.72
CA ALA H 121 7.65 42.07 27.92
C ALA H 121 8.11 43.05 28.98
N PHE H 122 7.98 42.66 30.23
CA PHE H 122 8.46 43.50 31.30
C PHE H 122 8.64 42.68 32.54
N ALA H 123 9.70 42.99 33.30
CA ALA H 123 9.77 42.60 34.70
C ALA H 123 10.60 43.59 35.48
N ASN H 124 10.47 43.59 36.80
CA ASN H 124 11.29 44.48 37.65
C ASN H 124 12.72 43.99 37.69
N MET H 125 13.60 44.95 37.51
CA MET H 125 15.01 44.71 37.39
C MET H 125 15.56 43.86 38.53
N GLU H 126 15.09 44.02 39.76
CA GLU H 126 15.65 43.22 40.87
C GLU H 126 15.34 41.73 40.75
N ASP H 127 14.39 41.44 39.86
CA ASP H 127 13.99 40.08 39.62
C ASP H 127 14.78 39.51 38.47
N LEU H 128 15.68 40.28 37.87
CA LEU H 128 16.38 39.80 36.67
C LEU H 128 17.83 39.43 36.94
N ARG H 129 18.05 39.05 38.20
CA ARG H 129 19.39 38.82 38.71
C ARG H 129 19.19 38.13 40.02
N GLY H 130 20.27 37.61 40.60
CA GLY H 130 20.16 36.97 41.92
C GLY H 130 19.21 35.79 41.91
N ARG H 131 18.57 35.54 43.06
CA ARG H 131 17.91 34.26 43.32
C ARG H 131 16.44 34.31 42.90
N PHE H 132 16.10 33.45 41.94
CA PHE H 132 14.72 33.30 41.49
C PHE H 132 13.78 33.01 42.66
N SER H 133 14.24 32.20 43.62
CA SER H 133 13.38 31.83 44.75
C SER H 133 12.97 33.01 45.63
N GLU H 134 13.65 34.15 45.48
CA GLU H 134 13.23 35.32 46.24
C GLU H 134 12.27 36.25 45.47
N THR H 135 11.82 35.82 44.30
CA THR H 135 10.88 36.65 43.55
C THR H 135 9.61 36.99 44.35
N SER H 136 9.21 38.26 44.33
CA SER H 136 7.92 38.66 44.93
C SER H 136 6.68 38.30 44.08
N ARG H 137 5.55 38.17 44.77
CA ARG H 137 4.29 37.83 44.15
C ARG H 137 3.92 38.90 43.12
N GLU H 138 4.12 40.19 43.46
CA GLU H 138 3.75 41.30 42.60
C GLU H 138 4.67 41.29 41.38
N GLY H 139 5.96 41.03 41.62
CA GLY H 139 6.90 40.95 40.52
C GLY H 139 6.57 39.81 39.56
N PHE H 140 6.23 38.64 40.12
CA PHE H 140 5.86 37.47 39.33
C PHE H 140 4.63 37.77 38.50
N LEU H 141 3.67 38.49 39.10
CA LEU H 141 2.37 38.61 38.47
C LEU H 141 2.44 39.72 37.44
N LEU H 142 3.25 40.73 37.73
CA LEU H 142 3.52 41.79 36.76
C LEU H 142 4.09 41.25 35.44
N ALA H 143 5.06 40.35 35.59
CA ALA H 143 5.73 39.85 34.42
C ALA H 143 4.77 38.97 33.62
N GLN H 144 3.98 38.12 34.30
CA GLN H 144 2.94 37.33 33.63
C GLN H 144 1.92 38.24 32.91
N ASP H 145 1.44 39.26 33.61
CA ASP H 145 0.42 40.16 33.11
C ASP H 145 0.93 40.75 31.78
N ILE H 146 2.08 41.43 31.83
CA ILE H 146 2.55 42.20 30.69
C ILE H 146 3.14 41.31 29.61
N SER H 147 3.85 40.24 30.02
CA SER H 147 4.62 39.49 29.02
C SER H 147 3.88 38.28 28.48
N SER H 148 2.81 37.86 29.17
CA SER H 148 2.06 36.70 28.72
C SER H 148 0.58 36.98 28.54
N TYR H 149 -0.09 37.51 29.55
CA TYR H 149 -1.52 37.73 29.41
C TYR H 149 -1.80 38.68 28.26
N SER H 150 -0.91 39.63 28.00
CA SER H 150 -1.24 40.64 27.01
C SER H 150 -1.41 40.01 25.63
N LEU H 151 -0.80 38.85 25.37
CA LEU H 151 -1.00 38.22 24.07
C LEU H 151 -2.46 37.77 23.95
N THR H 152 -3.03 37.21 25.02
CA THR H 152 -4.40 36.70 25.05
C THR H 152 -5.44 37.76 24.72
N ILE H 153 -5.32 38.92 25.36
CA ILE H 153 -6.28 39.99 25.08
C ILE H 153 -6.04 40.72 23.73
N VAL H 154 -4.78 40.95 23.38
CA VAL H 154 -4.45 41.43 22.05
C VAL H 154 -5.02 40.50 20.97
N ALA H 155 -4.81 39.20 21.14
CA ALA H 155 -5.37 38.20 20.23
C ALA H 155 -6.91 38.30 20.16
N HIS H 156 -7.57 38.32 21.31
CA HIS H 156 -9.03 38.50 21.32
C HIS H 156 -9.49 39.77 20.61
N GLU H 157 -8.72 40.85 20.71
CA GLU H 157 -9.23 42.10 20.15
C GLU H 157 -8.86 42.23 18.68
N ALA H 158 -7.63 41.82 18.36
CA ALA H 158 -7.17 41.82 16.98
C ALA H 158 -7.99 40.88 16.08
N LYS H 159 -8.50 39.78 16.64
CA LYS H 159 -9.29 38.83 15.89
C LYS H 159 -10.48 39.52 15.22
N LYS H 160 -11.04 40.53 15.87
CA LYS H 160 -12.15 41.34 15.35
C LYS H 160 -11.79 42.08 14.07
N LEU H 161 -10.50 42.32 13.82
CA LEU H 161 -10.07 42.99 12.58
C LEU H 161 -9.54 41.94 11.62
N MET H 162 -9.74 40.66 11.95
CA MET H 162 -9.32 39.64 10.98
C MET H 162 -10.41 38.63 10.63
N PRO H 163 -11.49 39.10 9.98
CA PRO H 163 -12.54 38.13 9.73
C PRO H 163 -12.12 37.09 8.68
N GLU H 164 -11.17 37.36 7.79
CA GLU H 164 -10.80 36.27 6.91
C GLU H 164 -9.59 35.48 7.38
N GLY H 165 -9.22 35.62 8.65
CA GLY H 165 -8.00 35.03 9.16
C GLY H 165 -6.79 35.95 9.14
N GLY H 166 -5.67 35.43 9.61
CA GLY H 166 -4.51 36.30 9.79
C GLY H 166 -3.47 35.62 10.63
N SER H 167 -2.48 36.37 11.08
CA SER H 167 -1.33 35.70 11.71
C SER H 167 -0.84 36.53 12.89
N ILE H 168 -0.58 35.88 14.02
CA ILE H 168 -0.13 36.58 15.22
C ILE H 168 1.17 35.95 15.70
N VAL H 169 2.19 36.79 15.81
CA VAL H 169 3.51 36.36 16.20
C VAL H 169 3.90 37.06 17.50
N ALA H 170 4.40 36.29 18.46
CA ALA H 170 5.00 36.85 19.68
C ALA H 170 6.51 36.53 19.76
N THR H 171 7.25 37.34 20.51
CA THR H 171 8.68 37.11 20.68
C THR H 171 9.03 36.47 22.03
N THR H 172 9.74 35.34 22.00
CA THR H 172 10.09 34.62 23.22
C THR H 172 11.62 34.44 23.33
N TYR H 173 12.06 33.79 24.41
CA TYR H 173 13.48 33.48 24.56
C TYR H 173 13.65 32.06 25.12
N LEU H 174 14.76 31.42 24.79
CA LEU H 174 15.07 30.05 25.17
C LEU H 174 14.91 29.86 26.66
N GLY H 175 15.05 30.95 27.43
CA GLY H 175 14.78 30.93 28.83
C GLY H 175 13.38 30.49 29.24
N GLY H 176 12.43 30.47 28.31
CA GLY H 176 11.11 29.82 28.56
C GLY H 176 11.10 28.28 28.53
N GLU H 177 12.13 27.69 27.95
CA GLU H 177 12.19 26.25 27.71
C GLU H 177 13.18 25.63 28.65
N PHE H 178 14.23 26.38 28.99
CA PHE H 178 15.26 25.91 29.92
C PHE H 178 15.51 27.01 30.92
N ALA H 179 15.92 26.63 32.13
CA ALA H 179 16.36 27.60 33.13
C ALA H 179 17.76 28.16 32.80
N VAL H 180 17.83 29.48 32.63
CA VAL H 180 19.01 30.22 32.18
C VAL H 180 19.30 31.19 33.34
N GLN H 181 20.41 30.98 34.04
CA GLN H 181 20.89 31.90 35.06
C GLN H 181 20.44 33.36 34.85
N ASN H 182 19.88 33.98 35.89
CA ASN H 182 19.50 35.42 35.83
C ASN H 182 18.18 35.78 35.17
N TYR H 183 17.77 35.04 34.14
CA TYR H 183 16.55 35.38 33.41
C TYR H 183 15.29 35.14 34.27
N ASN H 184 15.39 34.20 35.20
CA ASN H 184 14.50 34.11 36.36
C ASN H 184 12.99 34.28 36.09
N VAL H 185 12.37 35.28 36.70
CA VAL H 185 10.93 35.52 36.53
C VAL H 185 10.54 35.70 35.06
N MET H 186 11.43 36.22 34.22
CA MET H 186 11.08 36.35 32.82
C MET H 186 11.06 34.96 32.12
N GLY H 187 11.83 34.00 32.63
CA GLY H 187 11.78 32.68 32.04
C GLY H 187 10.41 32.04 32.28
N VAL H 188 9.86 32.19 33.47
CA VAL H 188 8.52 31.67 33.76
C VAL H 188 7.44 32.42 32.95
N ALA H 189 7.57 33.75 32.80
CA ALA H 189 6.68 34.47 31.92
C ALA H 189 6.75 34.04 30.46
N LYS H 190 7.96 33.73 29.96
CA LYS H 190 8.10 33.27 28.58
C LYS H 190 7.56 31.81 28.46
N ALA H 191 7.71 30.98 29.49
CA ALA H 191 7.14 29.64 29.43
C ALA H 191 5.63 29.78 29.34
N SER H 192 5.09 30.75 30.08
CA SER H 192 3.67 30.99 30.05
C SER H 192 3.25 31.51 28.69
N LEU H 193 4.05 32.42 28.12
CA LEU H 193 3.78 32.98 26.79
C LEU H 193 3.75 31.88 25.74
N GLU H 194 4.66 30.93 25.90
CA GLU H 194 4.86 29.91 24.88
C GLU H 194 3.65 28.98 24.85
N ALA H 195 3.18 28.56 26.03
CA ALA H 195 1.87 27.88 26.18
C ALA H 195 0.70 28.74 25.65
N ASN H 196 0.69 30.03 25.95
CA ASN H 196 -0.33 30.94 25.50
C ASN H 196 -0.48 30.87 23.97
N VAL H 197 0.67 30.87 23.30
CA VAL H 197 0.71 30.68 21.86
C VAL H 197 0.05 29.35 21.46
N LYS H 198 0.37 28.25 22.15
CA LYS H 198 -0.25 27.01 21.77
C LYS H 198 -1.78 27.02 21.95
N TYR H 199 -2.27 27.64 23.02
CA TYR H 199 -3.68 27.60 23.33
C TYR H 199 -4.45 28.51 22.43
N LEU H 200 -3.88 29.66 22.06
CA LEU H 200 -4.47 30.50 21.05
C LEU H 200 -4.44 29.81 19.70
N ALA H 201 -3.43 28.96 19.47
CA ALA H 201 -3.33 28.36 18.15
C ALA H 201 -4.56 27.48 17.99
N LEU H 202 -4.79 26.66 19.02
CA LEU H 202 -5.89 25.73 19.08
C LEU H 202 -7.22 26.47 18.97
N ASP H 203 -7.42 27.50 19.78
CA ASP H 203 -8.64 28.30 19.84
C ASP H 203 -8.92 29.03 18.51
N LEU H 204 -7.92 29.67 17.93
CA LEU H 204 -8.19 30.63 16.88
C LEU H 204 -7.99 29.96 15.53
N GLY H 205 -7.50 28.71 15.55
CA GLY H 205 -7.20 27.97 14.29
C GLY H 205 -8.41 27.91 13.36
N PRO H 206 -9.59 27.53 13.91
CA PRO H 206 -10.82 27.45 13.10
C PRO H 206 -11.19 28.78 12.49
N ASP H 207 -10.68 29.88 13.01
CA ASP H 207 -10.92 31.19 12.36
C ASP H 207 -9.83 31.57 11.38
N ASN H 208 -8.96 30.59 11.14
CA ASN H 208 -7.82 30.76 10.24
C ASN H 208 -6.85 31.86 10.70
N ILE H 209 -6.63 31.94 12.00
CA ILE H 209 -5.77 32.95 12.52
C ILE H 209 -4.69 32.07 13.11
N ARG H 210 -3.48 32.15 12.58
CA ARG H 210 -2.38 31.28 13.05
C ARG H 210 -1.66 32.04 14.17
N VAL H 211 -1.21 31.35 15.20
CA VAL H 211 -0.45 32.05 16.24
C VAL H 211 0.86 31.30 16.40
N ASN H 212 1.97 32.03 16.34
CA ASN H 212 3.27 31.44 16.53
C ASN H 212 4.19 32.33 17.37
N ALA H 213 5.34 31.77 17.74
CA ALA H 213 6.40 32.51 18.40
C ALA H 213 7.72 32.49 17.61
N ILE H 214 8.50 33.56 17.76
CA ILE H 214 9.91 33.57 17.36
C ILE H 214 10.71 33.64 18.63
N SER H 215 11.59 32.64 18.80
CA SER H 215 12.49 32.59 19.95
C SER H 215 13.85 33.21 19.57
N ALA H 216 14.04 34.49 19.86
CA ALA H 216 15.19 35.21 19.32
C ALA H 216 16.38 34.95 20.19
N GLY H 217 17.54 34.92 19.57
CA GLY H 217 18.75 34.82 20.37
C GLY H 217 19.03 36.16 21.04
N PRO H 218 20.07 36.20 21.89
CA PRO H 218 20.31 37.47 22.60
C PRO H 218 20.73 38.63 21.66
N ILE H 219 20.03 39.77 21.80
CA ILE H 219 20.28 40.98 21.05
C ILE H 219 20.36 42.20 21.98
N ARG H 220 21.31 43.10 21.68
CA ARG H 220 21.52 44.36 22.42
C ARG H 220 20.37 45.35 22.22
N THR H 221 19.51 45.44 23.23
CA THR H 221 18.34 46.30 23.22
C THR H 221 18.21 46.98 24.58
N LEU H 222 17.41 48.05 24.63
CA LEU H 222 17.06 48.74 25.88
C LEU H 222 16.62 47.76 26.98
N SER H 223 15.74 46.81 26.65
CA SER H 223 15.28 45.84 27.65
C SER H 223 16.40 44.92 28.09
N ALA H 224 17.22 44.51 27.13
CA ALA H 224 18.32 43.59 27.40
C ALA H 224 19.31 44.09 28.47
N LYS H 225 19.50 45.41 28.60
CA LYS H 225 20.36 45.97 29.65
C LYS H 225 19.89 45.67 31.05
N GLY H 226 18.58 45.52 31.22
CA GLY H 226 18.01 45.15 32.50
C GLY H 226 18.31 43.75 32.98
N VAL H 227 18.84 42.88 32.12
CA VAL H 227 18.97 41.45 32.48
C VAL H 227 20.39 41.17 33.00
N GLY H 228 20.52 40.58 34.17
CA GLY H 228 21.87 40.26 34.65
C GLY H 228 22.65 39.37 33.68
N GLY H 229 23.92 39.72 33.41
CA GLY H 229 24.78 38.80 32.70
C GLY H 229 24.51 38.69 31.20
N PHE H 230 23.69 39.59 30.69
CA PHE H 230 23.43 39.68 29.23
C PHE H 230 24.71 39.66 28.38
N ASN H 231 25.72 40.43 28.74
CA ASN H 231 26.93 40.44 27.93
C ASN H 231 27.69 39.12 27.91
N THR H 232 27.61 38.35 28.99
CA THR H 232 28.32 37.10 29.06
C THR H 232 27.64 36.13 28.11
N ILE H 233 26.30 36.15 28.06
CA ILE H 233 25.54 35.24 27.24
C ILE H 233 25.81 35.55 25.77
N LEU H 234 25.84 36.84 25.48
CA LEU H 234 26.06 37.34 24.14
C LEU H 234 27.36 36.77 23.57
N LYS H 235 28.40 36.70 24.38
CA LYS H 235 29.68 36.17 23.94
C LYS H 235 29.71 34.63 23.86
N GLU H 236 28.97 33.97 24.74
CA GLU H 236 28.92 32.50 24.72
C GLU H 236 28.25 31.95 23.44
N ILE H 237 27.25 32.66 22.94
CA ILE H 237 26.66 32.38 21.64
C ILE H 237 27.71 32.32 20.54
N GLU H 238 28.52 33.36 20.39
CA GLU H 238 29.51 33.41 19.34
C GLU H 238 30.41 32.22 19.42
N GLU H 239 30.74 31.84 20.65
CA GLU H 239 31.72 30.79 20.85
C GLU H 239 31.11 29.42 20.56
N ARG H 240 29.87 29.24 21.00
CA ARG H 240 29.23 27.93 21.14
CA ARG H 240 29.27 27.91 21.09
C ARG H 240 28.15 27.61 20.08
N ALA H 241 27.37 28.61 19.66
CA ALA H 241 26.27 28.35 18.70
C ALA H 241 26.81 27.83 17.34
N PRO H 242 26.06 26.95 16.65
CA PRO H 242 26.45 26.48 15.31
C PRO H 242 26.87 27.58 14.34
N LEU H 243 26.17 28.71 14.22
CA LEU H 243 26.69 29.68 13.28
C LEU H 243 27.85 30.46 13.85
N LYS H 244 28.15 30.28 15.15
CA LYS H 244 29.31 30.94 15.73
C LYS H 244 29.22 32.45 15.55
N ARG H 245 28.02 33.04 15.65
CA ARG H 245 27.87 34.49 15.53
C ARG H 245 26.54 34.80 16.19
N ASN H 246 26.29 36.06 16.48
CA ASN H 246 25.03 36.51 17.04
C ASN H 246 24.02 36.86 15.94
N VAL H 247 22.75 36.90 16.32
CA VAL H 247 21.71 37.29 15.38
C VAL H 247 21.44 38.80 15.55
N ASP H 248 20.77 39.45 14.61
CA ASP H 248 20.26 40.81 14.82
C ASP H 248 18.74 40.95 14.65
N GLN H 249 18.27 42.18 14.80
CA GLN H 249 16.85 42.49 14.77
C GLN H 249 16.27 42.18 13.39
N VAL H 250 17.11 42.25 12.37
CA VAL H 250 16.65 42.18 10.99
C VAL H 250 16.44 40.69 10.69
N GLU H 251 17.28 39.81 11.24
CA GLU H 251 17.03 38.36 11.07
C GLU H 251 15.73 37.90 11.72
N VAL H 252 15.43 38.35 12.93
CA VAL H 252 14.09 38.19 13.50
C VAL H 252 12.98 38.67 12.54
N GLY H 253 13.08 39.91 12.06
CA GLY H 253 12.13 40.50 11.13
C GLY H 253 11.96 39.74 9.83
N LYS H 254 13.02 39.12 9.33
CA LYS H 254 12.89 38.24 8.16
C LYS H 254 12.05 37.02 8.48
N THR H 255 12.34 36.35 9.60
CA THR H 255 11.52 35.24 10.05
C THR H 255 10.10 35.70 10.41
N ALA H 256 9.94 36.87 11.06
CA ALA H 256 8.61 37.42 11.26
C ALA H 256 7.83 37.56 9.93
N ALA H 257 8.50 38.03 8.88
CA ALA H 257 7.83 38.15 7.57
C ALA H 257 7.34 36.78 7.02
N TYR H 258 8.20 35.77 7.13
CA TYR H 258 7.74 34.40 6.82
C TYR H 258 6.44 34.11 7.62
N LEU H 259 6.50 34.26 8.94
CA LEU H 259 5.36 33.91 9.79
C LEU H 259 4.07 34.71 9.52
N LEU H 260 4.20 35.96 9.10
CA LEU H 260 3.07 36.87 8.96
C LEU H 260 2.48 36.72 7.56
N SER H 261 3.22 36.06 6.67
CA SER H 261 2.78 35.92 5.30
C SER H 261 2.17 34.54 5.02
N ASP H 262 1.66 34.39 3.80
CA ASP H 262 1.17 33.12 3.28
C ASP H 262 2.26 32.04 3.14
N LEU H 263 3.53 32.41 3.22
CA LEU H 263 4.61 31.40 3.12
C LEU H 263 4.48 30.37 4.23
N SER H 264 3.98 30.80 5.39
CA SER H 264 3.87 29.90 6.53
C SER H 264 2.45 29.39 6.72
N SER H 265 1.63 29.44 5.67
N SER H 265 1.64 29.33 5.65
CA SER H 265 0.34 28.76 5.76
CA SER H 265 0.20 29.06 5.78
C SER H 265 0.66 27.30 6.09
C SER H 265 -0.24 27.80 6.58
N GLY H 266 -0.15 26.70 6.97
N GLY H 266 0.62 26.80 6.67
CA GLY H 266 0.16 25.35 7.43
CA GLY H 266 0.27 25.52 7.30
C GLY H 266 0.84 25.34 8.79
C GLY H 266 0.86 25.37 8.71
N VAL H 267 1.43 26.46 9.21
CA VAL H 267 2.29 26.49 10.40
C VAL H 267 1.58 27.29 11.49
N THR H 268 1.28 26.65 12.61
CA THR H 268 0.68 27.39 13.72
C THR H 268 1.00 26.61 15.00
N GLY H 269 0.98 27.29 16.14
CA GLY H 269 1.39 26.76 17.42
C GLY H 269 2.89 26.47 17.44
N GLU H 270 3.64 27.09 16.52
CA GLU H 270 5.06 26.75 16.37
C GLU H 270 5.94 27.82 17.05
N ASN H 271 7.19 27.45 17.35
CA ASN H 271 8.16 28.34 17.97
C ASN H 271 9.43 28.21 17.14
N ILE H 272 9.76 29.25 16.37
CA ILE H 272 10.91 29.20 15.50
C ILE H 272 12.06 29.94 16.16
N HIS H 273 13.18 29.23 16.38
CA HIS H 273 14.37 29.79 17.05
C HIS H 273 15.24 30.48 16.03
N VAL H 274 15.38 31.78 16.16
CA VAL H 274 16.30 32.56 15.34
C VAL H 274 17.49 32.90 16.26
N ASP H 275 18.40 31.94 16.40
CA ASP H 275 19.35 32.02 17.48
C ASP H 275 20.70 31.40 17.13
N SER H 276 21.05 31.40 15.85
CA SER H 276 22.29 30.77 15.39
C SER H 276 22.42 29.27 15.67
N GLY H 277 21.30 28.63 15.96
CA GLY H 277 21.21 27.17 16.23
C GLY H 277 21.48 26.84 17.69
N PHE H 278 21.54 27.85 18.56
CA PHE H 278 21.93 27.62 19.93
C PHE H 278 20.97 26.70 20.66
N HIS H 279 19.69 26.77 20.32
CA HIS H 279 18.68 25.93 20.93
C HIS H 279 18.97 24.45 20.69
N ALA H 280 19.66 24.12 19.59
CA ALA H 280 19.77 22.70 19.21
C ALA H 280 20.94 22.01 19.91
N ILE H 281 21.71 22.78 20.67
CA ILE H 281 22.95 22.23 21.21
C ILE H 281 22.95 22.24 22.72
N LYS H 282 23.80 21.41 23.28
CA LYS H 282 23.95 21.38 24.72
C LYS H 282 25.42 21.11 25.05
#